data_6DCE
# 
_entry.id   6DCE 
# 
_audit_conform.dict_name       mmcif_pdbx.dic 
_audit_conform.dict_version    5.399 
_audit_conform.dict_location   http://mmcif.pdb.org/dictionaries/ascii/mmcif_pdbx.dic 
# 
loop_
_database_2.database_id 
_database_2.database_code 
_database_2.pdbx_database_accession 
_database_2.pdbx_DOI 
PDB   6DCE         pdb_00006dce 10.2210/pdb6dce/pdb 
WWPDB D_1000234239 ?            ?                   
# 
loop_
_pdbx_audit_revision_history.ordinal 
_pdbx_audit_revision_history.data_content_type 
_pdbx_audit_revision_history.major_revision 
_pdbx_audit_revision_history.minor_revision 
_pdbx_audit_revision_history.revision_date 
1 'Structure model' 1 0 2019-03-06 
2 'Structure model' 1 1 2019-03-27 
3 'Structure model' 1 2 2019-05-01 
4 'Structure model' 1 3 2024-12-25 
# 
_pdbx_audit_revision_details.ordinal             1 
_pdbx_audit_revision_details.revision_ordinal    1 
_pdbx_audit_revision_details.data_content_type   'Structure model' 
_pdbx_audit_revision_details.provider            repository 
_pdbx_audit_revision_details.type                'Initial release' 
_pdbx_audit_revision_details.description         ? 
_pdbx_audit_revision_details.details             ? 
# 
loop_
_pdbx_audit_revision_group.ordinal 
_pdbx_audit_revision_group.revision_ordinal 
_pdbx_audit_revision_group.data_content_type 
_pdbx_audit_revision_group.group 
1 2 'Structure model' 'Data collection'      
2 2 'Structure model' 'Database references'  
3 3 'Structure model' 'Data collection'      
4 3 'Structure model' 'Database references'  
5 4 'Structure model' Advisory               
6 4 'Structure model' 'Data collection'      
7 4 'Structure model' 'Database references'  
8 4 'Structure model' 'Derived calculations' 
9 4 'Structure model' 'Structure summary'    
# 
loop_
_pdbx_audit_revision_category.ordinal 
_pdbx_audit_revision_category.revision_ordinal 
_pdbx_audit_revision_category.data_content_type 
_pdbx_audit_revision_category.category 
1  2 'Structure model' citation                    
2  2 'Structure model' citation_author             
3  3 'Structure model' citation                    
4  4 'Structure model' chem_comp_atom              
5  4 'Structure model' chem_comp_bond              
6  4 'Structure model' database_2                  
7  4 'Structure model' pdbx_entry_details          
8  4 'Structure model' pdbx_modification_feature   
9  4 'Structure model' pdbx_validate_close_contact 
10 4 'Structure model' struct_conn                 
# 
loop_
_pdbx_audit_revision_item.ordinal 
_pdbx_audit_revision_item.revision_ordinal 
_pdbx_audit_revision_item.data_content_type 
_pdbx_audit_revision_item.item 
1 2 'Structure model' '_citation.journal_abbrev'            
2 2 'Structure model' '_citation.journal_id_ISSN'           
3 2 'Structure model' '_citation.pdbx_database_id_DOI'      
4 2 'Structure model' '_citation.pdbx_database_id_PubMed'   
5 2 'Structure model' '_citation.title'                     
6 3 'Structure model' '_citation.journal_volume'            
7 3 'Structure model' '_citation.page_first'                
8 4 'Structure model' '_database_2.pdbx_DOI'                
9 4 'Structure model' '_database_2.pdbx_database_accession' 
# 
_pdbx_database_status.status_code                     REL 
_pdbx_database_status.status_code_sf                  REL 
_pdbx_database_status.status_code_mr                  ? 
_pdbx_database_status.entry_id                        6DCE 
_pdbx_database_status.recvd_initial_deposition_date   2018-05-05 
_pdbx_database_status.SG_entry                        N 
_pdbx_database_status.deposit_site                    RCSB 
_pdbx_database_status.process_site                    RCSB 
_pdbx_database_status.status_code_cs                  ? 
_pdbx_database_status.methods_development_category    ? 
_pdbx_database_status.pdb_format_compatible           Y 
_pdbx_database_status.status_code_nmr_data            ? 
# 
loop_
_audit_author.name 
_audit_author.pdbx_ordinal 
_audit_author.identifier_ORCID 
'Su, M.-Y.'    1 ? 
'Hurley, J.H.' 2 ? 
# 
_citation.abstract                  ? 
_citation.abstract_id_CAS           ? 
_citation.book_id_ISBN              ? 
_citation.book_publisher            ? 
_citation.book_publisher_city       ? 
_citation.book_title                ? 
_citation.coordinate_linkage        ? 
_citation.country                   US 
_citation.database_id_Medline       ? 
_citation.details                   ? 
_citation.id                        primary 
_citation.journal_abbrev            'Mol. Cell' 
_citation.journal_id_ASTM           MOCEFL 
_citation.journal_id_CSD            2168 
_citation.journal_id_ISSN           1097-4164 
_citation.journal_full              ? 
_citation.journal_issue             ? 
_citation.journal_volume            74 
_citation.language                  ? 
_citation.page_first                330 
_citation.page_last                 ? 
_citation.title                     'FIP200 Claw Domain Binding to p62 Promotes Autophagosome Formation at Ubiquitin Condensates.' 
_citation.year                      2019 
_citation.database_id_CSD           ? 
_citation.pdbx_database_id_DOI      10.1016/j.molcel.2019.01.035 
_citation.pdbx_database_id_PubMed   30853400 
_citation.unpublished_flag          ? 
# 
loop_
_citation_author.citation_id 
_citation_author.name 
_citation_author.ordinal 
_citation_author.identifier_ORCID 
primary 'Turco, E.'         1  ? 
primary 'Witt, M.'          2  ? 
primary 'Abert, C.'         3  ? 
primary 'Bock-Bierbaum, T.' 4  ? 
primary 'Su, M.Y.'          5  ? 
primary 'Trapannone, R.'    6  ? 
primary 'Sztacho, M.'       7  ? 
primary 'Danieli, A.'       8  ? 
primary 'Shi, X.'           9  ? 
primary 'Zaffagnini, G.'    10 ? 
primary 'Gamper, A.'        11 ? 
primary 'Schuschnig, M.'    12 ? 
primary 'Fracchiolla, D.'   13 ? 
primary 'Bernklau, D.'      14 ? 
primary 'Romanov, J.'       15 ? 
primary 'Hartl, M.'         16 ? 
primary 'Hurley, J.H.'      17 ? 
primary 'Daumke, O.'        18 ? 
primary 'Martens, S.'       19 ? 
# 
loop_
_entity.id 
_entity.type 
_entity.src_method 
_entity.pdbx_description 
_entity.formula_weight 
_entity.pdbx_number_of_molecules 
_entity.pdbx_ec 
_entity.pdbx_mutation 
_entity.pdbx_fragment 
_entity.details 
1 polymer     man 'RB1-inducible coiled-coil protein 1' 11617.370 1  ? ? ? ? 
2 non-polymer syn 'SULFATE ION'                         96.063    3  ? ? ? ? 
3 water       nat water                                 18.015    70 ? ? ? ? 
# 
_entity_name_com.entity_id   1 
_entity_name_com.name        'FAK family kinase-interacting protein of 200 kDa,FIP200' 
# 
_entity_poly.entity_id                      1 
_entity_poly.type                           'polypeptide(L)' 
_entity_poly.nstd_linkage                   no 
_entity_poly.nstd_monomer                   yes 
_entity_poly.pdbx_seq_one_letter_code       
;EKIAIRDFQVGDLVLIILDERHDNYVLFTVSPTLYFLHSESLPALDLKPGEGASGASRRPWVLGKV(MSE)EKEYCQAKK
AQNRFKVPLGTKFYRVKAVSWNKKV
;
_entity_poly.pdbx_seq_one_letter_code_can   
;EKIAIRDFQVGDLVLIILDERHDNYVLFTVSPTLYFLHSESLPALDLKPGEGASGASRRPWVLGKVMEKEYCQAKKAQNR
FKVPLGTKFYRVKAVSWNKKV
;
_entity_poly.pdbx_strand_id                 A 
_entity_poly.pdbx_target_identifier         ? 
# 
loop_
_pdbx_entity_nonpoly.entity_id 
_pdbx_entity_nonpoly.name 
_pdbx_entity_nonpoly.comp_id 
2 'SULFATE ION' SO4 
3 water         HOH 
# 
loop_
_entity_poly_seq.entity_id 
_entity_poly_seq.num 
_entity_poly_seq.mon_id 
_entity_poly_seq.hetero 
1 1   GLU n 
1 2   LYS n 
1 3   ILE n 
1 4   ALA n 
1 5   ILE n 
1 6   ARG n 
1 7   ASP n 
1 8   PHE n 
1 9   GLN n 
1 10  VAL n 
1 11  GLY n 
1 12  ASP n 
1 13  LEU n 
1 14  VAL n 
1 15  LEU n 
1 16  ILE n 
1 17  ILE n 
1 18  LEU n 
1 19  ASP n 
1 20  GLU n 
1 21  ARG n 
1 22  HIS n 
1 23  ASP n 
1 24  ASN n 
1 25  TYR n 
1 26  VAL n 
1 27  LEU n 
1 28  PHE n 
1 29  THR n 
1 30  VAL n 
1 31  SER n 
1 32  PRO n 
1 33  THR n 
1 34  LEU n 
1 35  TYR n 
1 36  PHE n 
1 37  LEU n 
1 38  HIS n 
1 39  SER n 
1 40  GLU n 
1 41  SER n 
1 42  LEU n 
1 43  PRO n 
1 44  ALA n 
1 45  LEU n 
1 46  ASP n 
1 47  LEU n 
1 48  LYS n 
1 49  PRO n 
1 50  GLY n 
1 51  GLU n 
1 52  GLY n 
1 53  ALA n 
1 54  SER n 
1 55  GLY n 
1 56  ALA n 
1 57  SER n 
1 58  ARG n 
1 59  ARG n 
1 60  PRO n 
1 61  TRP n 
1 62  VAL n 
1 63  LEU n 
1 64  GLY n 
1 65  LYS n 
1 66  VAL n 
1 67  MSE n 
1 68  GLU n 
1 69  LYS n 
1 70  GLU n 
1 71  TYR n 
1 72  CYS n 
1 73  GLN n 
1 74  ALA n 
1 75  LYS n 
1 76  LYS n 
1 77  ALA n 
1 78  GLN n 
1 79  ASN n 
1 80  ARG n 
1 81  PHE n 
1 82  LYS n 
1 83  VAL n 
1 84  PRO n 
1 85  LEU n 
1 86  GLY n 
1 87  THR n 
1 88  LYS n 
1 89  PHE n 
1 90  TYR n 
1 91  ARG n 
1 92  VAL n 
1 93  LYS n 
1 94  ALA n 
1 95  VAL n 
1 96  SER n 
1 97  TRP n 
1 98  ASN n 
1 99  LYS n 
1 100 LYS n 
1 101 VAL n 
# 
_entity_src_gen.entity_id                          1 
_entity_src_gen.pdbx_src_id                        1 
_entity_src_gen.pdbx_alt_source_flag               sample 
_entity_src_gen.pdbx_seq_type                      'Biological sequence' 
_entity_src_gen.pdbx_beg_seq_num                   1 
_entity_src_gen.pdbx_end_seq_num                   101 
_entity_src_gen.gene_src_common_name               Human 
_entity_src_gen.gene_src_genus                     ? 
_entity_src_gen.pdbx_gene_src_gene                 'RB1CC1, KIAA0203, RBICC' 
_entity_src_gen.gene_src_species                   ? 
_entity_src_gen.gene_src_strain                    ? 
_entity_src_gen.gene_src_tissue                    ? 
_entity_src_gen.gene_src_tissue_fraction           ? 
_entity_src_gen.gene_src_details                   ? 
_entity_src_gen.pdbx_gene_src_fragment             ? 
_entity_src_gen.pdbx_gene_src_scientific_name      'Homo sapiens' 
_entity_src_gen.pdbx_gene_src_ncbi_taxonomy_id     9606 
_entity_src_gen.pdbx_gene_src_variant              ? 
_entity_src_gen.pdbx_gene_src_cell_line            ? 
_entity_src_gen.pdbx_gene_src_atcc                 ? 
_entity_src_gen.pdbx_gene_src_organ                ? 
_entity_src_gen.pdbx_gene_src_organelle            ? 
_entity_src_gen.pdbx_gene_src_cell                 ? 
_entity_src_gen.pdbx_gene_src_cellular_location    ? 
_entity_src_gen.host_org_common_name               ? 
_entity_src_gen.pdbx_host_org_scientific_name      'Escherichia coli' 
_entity_src_gen.pdbx_host_org_ncbi_taxonomy_id     469008 
_entity_src_gen.host_org_genus                     ? 
_entity_src_gen.pdbx_host_org_gene                 ? 
_entity_src_gen.pdbx_host_org_organ                ? 
_entity_src_gen.host_org_species                   ? 
_entity_src_gen.pdbx_host_org_tissue               ? 
_entity_src_gen.pdbx_host_org_tissue_fraction      ? 
_entity_src_gen.pdbx_host_org_strain               'BL21(DE3)' 
_entity_src_gen.pdbx_host_org_variant              ? 
_entity_src_gen.pdbx_host_org_cell_line            ? 
_entity_src_gen.pdbx_host_org_atcc                 ? 
_entity_src_gen.pdbx_host_org_culture_collection   ? 
_entity_src_gen.pdbx_host_org_cell                 ? 
_entity_src_gen.pdbx_host_org_organelle            ? 
_entity_src_gen.pdbx_host_org_cellular_location    ? 
_entity_src_gen.pdbx_host_org_vector_type          ? 
_entity_src_gen.pdbx_host_org_vector               ? 
_entity_src_gen.host_org_details                   ? 
_entity_src_gen.expression_system_id               ? 
_entity_src_gen.plasmid_name                       ? 
_entity_src_gen.plasmid_details                    ? 
_entity_src_gen.pdbx_description                   ? 
# 
loop_
_chem_comp.id 
_chem_comp.type 
_chem_comp.mon_nstd_flag 
_chem_comp.name 
_chem_comp.pdbx_synonyms 
_chem_comp.formula 
_chem_comp.formula_weight 
ALA 'L-peptide linking' y ALANINE          ? 'C3 H7 N O2'     89.093  
ARG 'L-peptide linking' y ARGININE         ? 'C6 H15 N4 O2 1' 175.209 
ASN 'L-peptide linking' y ASPARAGINE       ? 'C4 H8 N2 O3'    132.118 
ASP 'L-peptide linking' y 'ASPARTIC ACID'  ? 'C4 H7 N O4'     133.103 
CYS 'L-peptide linking' y CYSTEINE         ? 'C3 H7 N O2 S'   121.158 
GLN 'L-peptide linking' y GLUTAMINE        ? 'C5 H10 N2 O3'   146.144 
GLU 'L-peptide linking' y 'GLUTAMIC ACID'  ? 'C5 H9 N O4'     147.129 
GLY 'peptide linking'   y GLYCINE          ? 'C2 H5 N O2'     75.067  
HIS 'L-peptide linking' y HISTIDINE        ? 'C6 H10 N3 O2 1' 156.162 
HOH non-polymer         . WATER            ? 'H2 O'           18.015  
ILE 'L-peptide linking' y ISOLEUCINE       ? 'C6 H13 N O2'    131.173 
LEU 'L-peptide linking' y LEUCINE          ? 'C6 H13 N O2'    131.173 
LYS 'L-peptide linking' y LYSINE           ? 'C6 H15 N2 O2 1' 147.195 
MSE 'L-peptide linking' n SELENOMETHIONINE ? 'C5 H11 N O2 Se' 196.106 
PHE 'L-peptide linking' y PHENYLALANINE    ? 'C9 H11 N O2'    165.189 
PRO 'L-peptide linking' y PROLINE          ? 'C5 H9 N O2'     115.130 
SER 'L-peptide linking' y SERINE           ? 'C3 H7 N O3'     105.093 
SO4 non-polymer         . 'SULFATE ION'    ? 'O4 S -2'        96.063  
THR 'L-peptide linking' y THREONINE        ? 'C4 H9 N O3'     119.119 
TRP 'L-peptide linking' y TRYPTOPHAN       ? 'C11 H12 N2 O2'  204.225 
TYR 'L-peptide linking' y TYROSINE         ? 'C9 H11 N O3'    181.189 
VAL 'L-peptide linking' y VALINE           ? 'C5 H11 N O2'    117.146 
# 
loop_
_pdbx_poly_seq_scheme.asym_id 
_pdbx_poly_seq_scheme.entity_id 
_pdbx_poly_seq_scheme.seq_id 
_pdbx_poly_seq_scheme.mon_id 
_pdbx_poly_seq_scheme.ndb_seq_num 
_pdbx_poly_seq_scheme.pdb_seq_num 
_pdbx_poly_seq_scheme.auth_seq_num 
_pdbx_poly_seq_scheme.pdb_mon_id 
_pdbx_poly_seq_scheme.auth_mon_id 
_pdbx_poly_seq_scheme.pdb_strand_id 
_pdbx_poly_seq_scheme.pdb_ins_code 
_pdbx_poly_seq_scheme.hetero 
A 1 1   GLU 1   1494 1494 GLU GLU A . n 
A 1 2   LYS 2   1495 1495 LYS LYS A . n 
A 1 3   ILE 3   1496 1496 ILE ILE A . n 
A 1 4   ALA 4   1497 1497 ALA ALA A . n 
A 1 5   ILE 5   1498 1498 ILE ILE A . n 
A 1 6   ARG 6   1499 1499 ARG ARG A . n 
A 1 7   ASP 7   1500 1500 ASP ASP A . n 
A 1 8   PHE 8   1501 1501 PHE PHE A . n 
A 1 9   GLN 9   1502 1502 GLN GLN A . n 
A 1 10  VAL 10  1503 1503 VAL VAL A . n 
A 1 11  GLY 11  1504 1504 GLY GLY A . n 
A 1 12  ASP 12  1505 1505 ASP ASP A . n 
A 1 13  LEU 13  1506 1506 LEU LEU A . n 
A 1 14  VAL 14  1507 1507 VAL VAL A . n 
A 1 15  LEU 15  1508 1508 LEU LEU A . n 
A 1 16  ILE 16  1509 1509 ILE ILE A . n 
A 1 17  ILE 17  1510 1510 ILE ILE A . n 
A 1 18  LEU 18  1511 1511 LEU LEU A . n 
A 1 19  ASP 19  1512 1512 ASP ASP A . n 
A 1 20  GLU 20  1513 1513 GLU GLU A . n 
A 1 21  ARG 21  1514 1514 ARG ARG A . n 
A 1 22  HIS 22  1515 1515 HIS HIS A . n 
A 1 23  ASP 23  1516 1516 ASP ASP A . n 
A 1 24  ASN 24  1517 1517 ASN ASN A . n 
A 1 25  TYR 25  1518 1518 TYR TYR A . n 
A 1 26  VAL 26  1519 1519 VAL VAL A . n 
A 1 27  LEU 27  1520 1520 LEU LEU A . n 
A 1 28  PHE 28  1521 1521 PHE PHE A . n 
A 1 29  THR 29  1522 1522 THR THR A . n 
A 1 30  VAL 30  1523 1523 VAL VAL A . n 
A 1 31  SER 31  1524 1524 SER SER A . n 
A 1 32  PRO 32  1525 1525 PRO PRO A . n 
A 1 33  THR 33  1526 1526 THR THR A . n 
A 1 34  LEU 34  1527 1527 LEU LEU A . n 
A 1 35  TYR 35  1528 1528 TYR TYR A . n 
A 1 36  PHE 36  1529 1529 PHE PHE A . n 
A 1 37  LEU 37  1530 1530 LEU LEU A . n 
A 1 38  HIS 38  1531 1531 HIS HIS A . n 
A 1 39  SER 39  1532 1532 SER SER A . n 
A 1 40  GLU 40  1533 1533 GLU GLU A . n 
A 1 41  SER 41  1534 1534 SER SER A . n 
A 1 42  LEU 42  1535 1535 LEU LEU A . n 
A 1 43  PRO 43  1536 1536 PRO PRO A . n 
A 1 44  ALA 44  1537 1537 ALA ALA A . n 
A 1 45  LEU 45  1538 1538 LEU LEU A . n 
A 1 46  ASP 46  1539 1539 ASP ASP A . n 
A 1 47  LEU 47  1540 1540 LEU LEU A . n 
A 1 48  LYS 48  1541 1541 LYS LYS A . n 
A 1 49  PRO 49  1542 1542 PRO PRO A . n 
A 1 50  GLY 50  1543 1543 GLY GLY A . n 
A 1 51  GLU 51  1544 ?    ?   ?   A . n 
A 1 52  GLY 52  1545 ?    ?   ?   A . n 
A 1 53  ALA 53  1546 ?    ?   ?   A . n 
A 1 54  SER 54  1547 ?    ?   ?   A . n 
A 1 55  GLY 55  1548 ?    ?   ?   A . n 
A 1 56  ALA 56  1549 ?    ?   ?   A . n 
A 1 57  SER 57  1550 1550 SER SER A . n 
A 1 58  ARG 58  1551 1551 ARG ARG A . n 
A 1 59  ARG 59  1552 1552 ARG ARG A . n 
A 1 60  PRO 60  1553 1553 PRO PRO A . n 
A 1 61  TRP 61  1554 1554 TRP TRP A . n 
A 1 62  VAL 62  1555 1555 VAL VAL A . n 
A 1 63  LEU 63  1556 1556 LEU LEU A . n 
A 1 64  GLY 64  1557 1557 GLY GLY A . n 
A 1 65  LYS 65  1558 1558 LYS LYS A . n 
A 1 66  VAL 66  1559 1559 VAL VAL A . n 
A 1 67  MSE 67  1560 1560 MSE MSE A . n 
A 1 68  GLU 68  1561 1561 GLU GLU A . n 
A 1 69  LYS 69  1562 1562 LYS LYS A . n 
A 1 70  GLU 70  1563 1563 GLU GLU A . n 
A 1 71  TYR 71  1564 1564 TYR TYR A . n 
A 1 72  CYS 72  1565 1565 CYS CYS A . n 
A 1 73  GLN 73  1566 1566 GLN GLN A . n 
A 1 74  ALA 74  1567 1567 ALA ALA A . n 
A 1 75  LYS 75  1568 1568 LYS LYS A . n 
A 1 76  LYS 76  1569 1569 LYS LYS A . n 
A 1 77  ALA 77  1570 1570 ALA ALA A . n 
A 1 78  GLN 78  1571 1571 GLN GLN A . n 
A 1 79  ASN 79  1572 1572 ASN ASN A . n 
A 1 80  ARG 80  1573 1573 ARG ARG A . n 
A 1 81  PHE 81  1574 1574 PHE PHE A . n 
A 1 82  LYS 82  1575 1575 LYS LYS A . n 
A 1 83  VAL 83  1576 1576 VAL VAL A . n 
A 1 84  PRO 84  1577 1577 PRO PRO A . n 
A 1 85  LEU 85  1578 1578 LEU LEU A . n 
A 1 86  GLY 86  1579 1579 GLY GLY A . n 
A 1 87  THR 87  1580 1580 THR THR A . n 
A 1 88  LYS 88  1581 1581 LYS LYS A . n 
A 1 89  PHE 89  1582 1582 PHE PHE A . n 
A 1 90  TYR 90  1583 1583 TYR TYR A . n 
A 1 91  ARG 91  1584 1584 ARG ARG A . n 
A 1 92  VAL 92  1585 1585 VAL VAL A . n 
A 1 93  LYS 93  1586 1586 LYS LYS A . n 
A 1 94  ALA 94  1587 1587 ALA ALA A . n 
A 1 95  VAL 95  1588 1588 VAL VAL A . n 
A 1 96  SER 96  1589 1589 SER SER A . n 
A 1 97  TRP 97  1590 1590 TRP TRP A . n 
A 1 98  ASN 98  1591 1591 ASN ASN A . n 
A 1 99  LYS 99  1592 ?    ?   ?   A . n 
A 1 100 LYS 100 1593 ?    ?   ?   A . n 
A 1 101 VAL 101 1594 ?    ?   ?   A . n 
# 
loop_
_pdbx_nonpoly_scheme.asym_id 
_pdbx_nonpoly_scheme.entity_id 
_pdbx_nonpoly_scheme.mon_id 
_pdbx_nonpoly_scheme.ndb_seq_num 
_pdbx_nonpoly_scheme.pdb_seq_num 
_pdbx_nonpoly_scheme.auth_seq_num 
_pdbx_nonpoly_scheme.pdb_mon_id 
_pdbx_nonpoly_scheme.auth_mon_id 
_pdbx_nonpoly_scheme.pdb_strand_id 
_pdbx_nonpoly_scheme.pdb_ins_code 
B 2 SO4 1  1601 1  SO4 SO4 A . 
C 2 SO4 1  1602 2  SO4 SO4 A . 
D 2 SO4 1  1603 3  SO4 SO4 A . 
E 3 HOH 1  1701 62 HOH HOH A . 
E 3 HOH 2  1702 52 HOH WAT A . 
E 3 HOH 3  1703 2  HOH HOH A . 
E 3 HOH 4  1704 11 HOH HOH A . 
E 3 HOH 5  1705 18 HOH WAT A . 
E 3 HOH 6  1706 66 HOH HOH A . 
E 3 HOH 7  1707 19 HOH HOH A . 
E 3 HOH 8  1708 18 HOH HOH A . 
E 3 HOH 9  1709 60 HOH HOH A . 
E 3 HOH 10 1710 51 HOH WAT A . 
E 3 HOH 11 1711 14 HOH WAT A . 
E 3 HOH 12 1712 63 HOH HOH A . 
E 3 HOH 13 1713 7  HOH HOH A . 
E 3 HOH 14 1714 46 HOH WAT A . 
E 3 HOH 15 1715 47 HOH WAT A . 
E 3 HOH 16 1716 4  HOH WAT A . 
E 3 HOH 17 1717 32 HOH WAT A . 
E 3 HOH 18 1718 55 HOH WAT A . 
E 3 HOH 19 1719 57 HOH HOH A . 
E 3 HOH 20 1720 13 HOH HOH A . 
E 3 HOH 21 1721 15 HOH WAT A . 
E 3 HOH 22 1722 3  HOH WAT A . 
E 3 HOH 23 1723 10 HOH WAT A . 
E 3 HOH 24 1724 10 HOH HOH A . 
E 3 HOH 25 1725 1  HOH WAT A . 
E 3 HOH 26 1726 21 HOH WAT A . 
E 3 HOH 27 1727 5  HOH HOH A . 
E 3 HOH 28 1728 11 HOH WAT A . 
E 3 HOH 29 1729 24 HOH WAT A . 
E 3 HOH 30 1730 31 HOH WAT A . 
E 3 HOH 31 1731 53 HOH WAT A . 
E 3 HOH 32 1732 2  HOH WAT A . 
E 3 HOH 33 1733 65 HOH HOH A . 
E 3 HOH 34 1734 56 HOH HOH A . 
E 3 HOH 35 1735 38 HOH WAT A . 
E 3 HOH 36 1736 16 HOH HOH A . 
E 3 HOH 37 1737 33 HOH WAT A . 
E 3 HOH 38 1738 37 HOH WAT A . 
E 3 HOH 39 1739 15 HOH HOH A . 
E 3 HOH 40 1740 6  HOH WAT A . 
E 3 HOH 41 1741 29 HOH WAT A . 
E 3 HOH 42 1742 20 HOH WAT A . 
E 3 HOH 43 1743 12 HOH HOH A . 
E 3 HOH 44 1744 27 HOH WAT A . 
E 3 HOH 45 1745 23 HOH WAT A . 
E 3 HOH 46 1746 35 HOH WAT A . 
E 3 HOH 47 1747 59 HOH HOH A . 
E 3 HOH 48 1748 8  HOH WAT A . 
E 3 HOH 49 1749 22 HOH HOH A . 
E 3 HOH 50 1750 20 HOH HOH A . 
E 3 HOH 51 1751 9  HOH HOH A . 
E 3 HOH 52 1752 12 HOH WAT A . 
E 3 HOH 53 1753 17 HOH HOH A . 
E 3 HOH 54 1754 61 HOH HOH A . 
E 3 HOH 55 1755 40 HOH WAT A . 
E 3 HOH 56 1756 1  HOH HOH A . 
E 3 HOH 57 1757 58 HOH HOH A . 
E 3 HOH 58 1758 4  HOH HOH A . 
E 3 HOH 59 1759 13 HOH WAT A . 
E 3 HOH 60 1760 8  HOH HOH A . 
E 3 HOH 61 1761 23 HOH HOH A . 
E 3 HOH 62 1762 6  HOH HOH A . 
E 3 HOH 63 1763 14 HOH HOH A . 
E 3 HOH 64 1764 64 HOH HOH A . 
E 3 HOH 65 1765 25 HOH WAT A . 
E 3 HOH 66 1766 26 HOH WAT A . 
E 3 HOH 67 1767 21 HOH HOH A . 
E 3 HOH 68 1768 3  HOH HOH A . 
E 3 HOH 69 1769 36 HOH WAT A . 
E 3 HOH 70 1770 43 HOH WAT A . 
# 
loop_
_software.citation_id 
_software.classification 
_software.compiler_name 
_software.compiler_version 
_software.contact_author 
_software.contact_author_email 
_software.date 
_software.description 
_software.dependencies 
_software.hardware 
_software.language 
_software.location 
_software.mods 
_software.name 
_software.os 
_software.os_version 
_software.type 
_software.version 
_software.pdbx_ordinal 
? refinement       ? ? ? ? ? ? ? ? ? ? ? PHENIX ? ? ? '(1.10.1_2155: ???)' 1 
? 'model building' ? ? ? ? ? ? ? ? ? ? ? Coot   ? ? ? .                    2 
? 'data scaling'   ? ? ? ? ? ? ? ? ? ? ? XDS    ? ? ? .                    3 
? phasing          ? ? ? ? ? ? ? ? ? ? ? SHELX  ? ? ? .                    4 
? 'data reduction' ? ? ? ? ? ? ? ? ? ? ? XDS    ? ? ? .                    5 
# 
_cell.angle_alpha                  90.00 
_cell.angle_alpha_esd              ? 
_cell.angle_beta                   90.00 
_cell.angle_beta_esd               ? 
_cell.angle_gamma                  90.00 
_cell.angle_gamma_esd              ? 
_cell.entry_id                     6DCE 
_cell.details                      ? 
_cell.formula_units_Z              ? 
_cell.length_a                     30.779 
_cell.length_a_esd                 ? 
_cell.length_b                     89.220 
_cell.length_b_esd                 ? 
_cell.length_c                     80.098 
_cell.length_c_esd                 ? 
_cell.volume                       ? 
_cell.volume_esd                   ? 
_cell.Z_PDB                        8 
_cell.reciprocal_angle_alpha       ? 
_cell.reciprocal_angle_beta        ? 
_cell.reciprocal_angle_gamma       ? 
_cell.reciprocal_angle_alpha_esd   ? 
_cell.reciprocal_angle_beta_esd    ? 
_cell.reciprocal_angle_gamma_esd   ? 
_cell.reciprocal_length_a          ? 
_cell.reciprocal_length_b          ? 
_cell.reciprocal_length_c          ? 
_cell.reciprocal_length_a_esd      ? 
_cell.reciprocal_length_b_esd      ? 
_cell.reciprocal_length_c_esd      ? 
_cell.pdbx_unique_axis             ? 
# 
_symmetry.entry_id                         6DCE 
_symmetry.cell_setting                     ? 
_symmetry.Int_Tables_number                20 
_symmetry.space_group_name_Hall            ? 
_symmetry.space_group_name_H-M             'C 2 2 21' 
_symmetry.pdbx_full_space_group_name_H-M   ? 
# 
_exptl.absorpt_coefficient_mu     ? 
_exptl.absorpt_correction_T_max   ? 
_exptl.absorpt_correction_T_min   ? 
_exptl.absorpt_correction_type    ? 
_exptl.absorpt_process_details    ? 
_exptl.entry_id                   6DCE 
_exptl.crystals_number            1 
_exptl.details                    ? 
_exptl.method                     'X-RAY DIFFRACTION' 
_exptl.method_details             ? 
# 
_exptl_crystal.colour                      ? 
_exptl_crystal.density_diffrn              ? 
_exptl_crystal.density_Matthews            2.38 
_exptl_crystal.density_method              ? 
_exptl_crystal.density_percent_sol         48.24 
_exptl_crystal.description                 ? 
_exptl_crystal.F_000                       ? 
_exptl_crystal.id                          1 
_exptl_crystal.preparation                 ? 
_exptl_crystal.size_max                    ? 
_exptl_crystal.size_mid                    ? 
_exptl_crystal.size_min                    ? 
_exptl_crystal.size_rad                    ? 
_exptl_crystal.colour_lustre               ? 
_exptl_crystal.colour_modifier             ? 
_exptl_crystal.colour_primary              ? 
_exptl_crystal.density_meas                ? 
_exptl_crystal.density_meas_esd            ? 
_exptl_crystal.density_meas_gt             ? 
_exptl_crystal.density_meas_lt             ? 
_exptl_crystal.density_meas_temp           ? 
_exptl_crystal.density_meas_temp_esd       ? 
_exptl_crystal.density_meas_temp_gt        ? 
_exptl_crystal.density_meas_temp_lt        ? 
_exptl_crystal.pdbx_crystal_image_url      ? 
_exptl_crystal.pdbx_crystal_image_format   ? 
_exptl_crystal.pdbx_mosaicity              ? 
_exptl_crystal.pdbx_mosaicity_esd          ? 
# 
_exptl_crystal_grow.apparatus       ? 
_exptl_crystal_grow.atmosphere      ? 
_exptl_crystal_grow.crystal_id      1 
_exptl_crystal_grow.details         ? 
_exptl_crystal_grow.method          'VAPOR DIFFUSION, SITTING DROP' 
_exptl_crystal_grow.method_ref      ? 
_exptl_crystal_grow.pH              ? 
_exptl_crystal_grow.pressure        ? 
_exptl_crystal_grow.pressure_esd    ? 
_exptl_crystal_grow.seeding         ? 
_exptl_crystal_grow.seeding_ref     ? 
_exptl_crystal_grow.temp            292 
_exptl_crystal_grow.temp_details    ? 
_exptl_crystal_grow.temp_esd        ? 
_exptl_crystal_grow.time            ? 
_exptl_crystal_grow.pdbx_details    '0.1 M HEPES pH 7.4, 2 M Ammonium sulfate' 
_exptl_crystal_grow.pdbx_pH_range   ? 
# 
_diffrn.ambient_environment    ? 
_diffrn.ambient_temp           100 
_diffrn.ambient_temp_details   ? 
_diffrn.ambient_temp_esd       ? 
_diffrn.crystal_id             1 
_diffrn.crystal_support        ? 
_diffrn.crystal_treatment      ? 
_diffrn.details                ? 
_diffrn.id                     1 
_diffrn.ambient_pressure       ? 
_diffrn.ambient_pressure_esd   ? 
_diffrn.ambient_pressure_gt    ? 
_diffrn.ambient_pressure_lt    ? 
_diffrn.ambient_temp_gt        ? 
_diffrn.ambient_temp_lt        ? 
# 
_diffrn_detector.details                      ? 
_diffrn_detector.detector                     PIXEL 
_diffrn_detector.diffrn_id                    1 
_diffrn_detector.type                         'DECTRIS PILATUS3 S 6M' 
_diffrn_detector.area_resol_mean              ? 
_diffrn_detector.dtime                        ? 
_diffrn_detector.pdbx_frames_total            ? 
_diffrn_detector.pdbx_collection_time_total   ? 
_diffrn_detector.pdbx_collection_date         2018-03-29 
# 
_diffrn_radiation.collimation                      ? 
_diffrn_radiation.diffrn_id                        1 
_diffrn_radiation.filter_edge                      ? 
_diffrn_radiation.inhomogeneity                    ? 
_diffrn_radiation.monochromator                    ? 
_diffrn_radiation.polarisn_norm                    ? 
_diffrn_radiation.polarisn_ratio                   ? 
_diffrn_radiation.probe                            ? 
_diffrn_radiation.type                             ? 
_diffrn_radiation.xray_symbol                      ? 
_diffrn_radiation.wavelength_id                    1 
_diffrn_radiation.pdbx_monochromatic_or_laue_m_l   M 
_diffrn_radiation.pdbx_wavelength_list             ? 
_diffrn_radiation.pdbx_wavelength                  ? 
_diffrn_radiation.pdbx_diffrn_protocol             'SINGLE WAVELENGTH' 
_diffrn_radiation.pdbx_analyzer                    ? 
_diffrn_radiation.pdbx_scattering_type             x-ray 
# 
_diffrn_radiation_wavelength.id           1 
_diffrn_radiation_wavelength.wavelength   0.979 
_diffrn_radiation_wavelength.wt           1.0 
# 
_diffrn_source.current                     ? 
_diffrn_source.details                     ? 
_diffrn_source.diffrn_id                   1 
_diffrn_source.power                       ? 
_diffrn_source.size                        ? 
_diffrn_source.source                      SYNCHROTRON 
_diffrn_source.target                      ? 
_diffrn_source.type                        'ALS BEAMLINE 8.3.1' 
_diffrn_source.voltage                     ? 
_diffrn_source.take-off_angle              ? 
_diffrn_source.pdbx_wavelength_list        0.979 
_diffrn_source.pdbx_wavelength             ? 
_diffrn_source.pdbx_synchrotron_beamline   8.3.1 
_diffrn_source.pdbx_synchrotron_site       ALS 
# 
_reflns.B_iso_Wilson_estimate            ? 
_reflns.entry_id                         6DCE 
_reflns.data_reduction_details           ? 
_reflns.data_reduction_method            ? 
_reflns.d_resolution_high                1.56 
_reflns.d_resolution_low                 44.63 
_reflns.details                          ? 
_reflns.limit_h_max                      ? 
_reflns.limit_h_min                      ? 
_reflns.limit_k_max                      ? 
_reflns.limit_k_min                      ? 
_reflns.limit_l_max                      ? 
_reflns.limit_l_min                      ? 
_reflns.number_all                       ? 
_reflns.number_obs                       16114 
_reflns.observed_criterion               ? 
_reflns.observed_criterion_F_max         ? 
_reflns.observed_criterion_F_min         ? 
_reflns.observed_criterion_I_max         ? 
_reflns.observed_criterion_I_min         ? 
_reflns.observed_criterion_sigma_F       ? 
_reflns.observed_criterion_sigma_I       ? 
_reflns.percent_possible_obs             99.10 
_reflns.R_free_details                   ? 
_reflns.Rmerge_F_all                     ? 
_reflns.Rmerge_F_obs                     ? 
_reflns.Friedel_coverage                 ? 
_reflns.number_gt                        ? 
_reflns.threshold_expression             ? 
_reflns.pdbx_redundancy                  2 
_reflns.pdbx_Rmerge_I_obs                ? 
_reflns.pdbx_Rmerge_I_all                ? 
_reflns.pdbx_Rsym_value                  ? 
_reflns.pdbx_netI_over_av_sigmaI         ? 
_reflns.pdbx_netI_over_sigmaI            22.1 
_reflns.pdbx_res_netI_over_av_sigmaI_2   ? 
_reflns.pdbx_res_netI_over_sigmaI_2      ? 
_reflns.pdbx_chi_squared                 ? 
_reflns.pdbx_scaling_rejects             ? 
_reflns.pdbx_d_res_high_opt              ? 
_reflns.pdbx_d_res_low_opt               ? 
_reflns.pdbx_d_res_opt_method            ? 
_reflns.phase_calculation_details        ? 
_reflns.pdbx_Rrim_I_all                  ? 
_reflns.pdbx_Rpim_I_all                  ? 
_reflns.pdbx_d_opt                       ? 
_reflns.pdbx_number_measured_all         ? 
_reflns.pdbx_diffrn_id                   1 
_reflns.pdbx_ordinal                     1 
_reflns.pdbx_CC_half                     ? 
_reflns.pdbx_R_split                     ? 
# 
_reflns_shell.d_res_high                  1.56 
_reflns_shell.d_res_low                   1.62 
_reflns_shell.meanI_over_sigI_all         ? 
_reflns_shell.meanI_over_sigI_obs         ? 
_reflns_shell.number_measured_all         ? 
_reflns_shell.number_measured_obs         ? 
_reflns_shell.number_possible             ? 
_reflns_shell.number_unique_all           ? 
_reflns_shell.number_unique_obs           ? 
_reflns_shell.percent_possible_all        ? 
_reflns_shell.percent_possible_obs        ? 
_reflns_shell.Rmerge_F_all                ? 
_reflns_shell.Rmerge_F_obs                ? 
_reflns_shell.Rmerge_I_all                ? 
_reflns_shell.Rmerge_I_obs                ? 
_reflns_shell.meanI_over_sigI_gt          ? 
_reflns_shell.meanI_over_uI_all           ? 
_reflns_shell.meanI_over_uI_gt            ? 
_reflns_shell.number_measured_gt          ? 
_reflns_shell.number_unique_gt            ? 
_reflns_shell.percent_possible_gt         ? 
_reflns_shell.Rmerge_F_gt                 ? 
_reflns_shell.Rmerge_I_gt                 ? 
_reflns_shell.pdbx_redundancy             ? 
_reflns_shell.pdbx_Rsym_value             ? 
_reflns_shell.pdbx_chi_squared            ? 
_reflns_shell.pdbx_netI_over_sigmaI_all   ? 
_reflns_shell.pdbx_netI_over_sigmaI_obs   ? 
_reflns_shell.pdbx_Rrim_I_all             ? 
_reflns_shell.pdbx_Rpim_I_all             ? 
_reflns_shell.pdbx_rejects                ? 
_reflns_shell.pdbx_ordinal                1 
_reflns_shell.pdbx_diffrn_id              1 
_reflns_shell.pdbx_CC_half                ? 
_reflns_shell.pdbx_R_split                ? 
# 
_refine.aniso_B[1][1]                            ? 
_refine.aniso_B[1][2]                            ? 
_refine.aniso_B[1][3]                            ? 
_refine.aniso_B[2][2]                            ? 
_refine.aniso_B[2][3]                            ? 
_refine.aniso_B[3][3]                            ? 
_refine.B_iso_max                                ? 
_refine.B_iso_mean                               ? 
_refine.B_iso_min                                ? 
_refine.correlation_coeff_Fo_to_Fc               ? 
_refine.correlation_coeff_Fo_to_Fc_free          ? 
_refine.details                                  ? 
_refine.diff_density_max                         ? 
_refine.diff_density_max_esd                     ? 
_refine.diff_density_min                         ? 
_refine.diff_density_min_esd                     ? 
_refine.diff_density_rms                         ? 
_refine.diff_density_rms_esd                     ? 
_refine.entry_id                                 6DCE 
_refine.pdbx_refine_id                           'X-RAY DIFFRACTION' 
_refine.ls_abs_structure_details                 ? 
_refine.ls_abs_structure_Flack                   ? 
_refine.ls_abs_structure_Flack_esd               ? 
_refine.ls_abs_structure_Rogers                  ? 
_refine.ls_abs_structure_Rogers_esd              ? 
_refine.ls_d_res_high                            1.560 
_refine.ls_d_res_low                             19.672 
_refine.ls_extinction_coef                       ? 
_refine.ls_extinction_coef_esd                   ? 
_refine.ls_extinction_expression                 ? 
_refine.ls_extinction_method                     ? 
_refine.ls_goodness_of_fit_all                   ? 
_refine.ls_goodness_of_fit_all_esd               ? 
_refine.ls_goodness_of_fit_obs                   ? 
_refine.ls_goodness_of_fit_obs_esd               ? 
_refine.ls_hydrogen_treatment                    ? 
_refine.ls_matrix_type                           ? 
_refine.ls_number_constraints                    ? 
_refine.ls_number_parameters                     ? 
_refine.ls_number_reflns_all                     ? 
_refine.ls_number_reflns_obs                     15835 
_refine.ls_number_reflns_R_free                  1508 
_refine.ls_number_reflns_R_work                  ? 
_refine.ls_number_restraints                     ? 
_refine.ls_percent_reflns_obs                    98.01 
_refine.ls_percent_reflns_R_free                 9.52 
_refine.ls_R_factor_all                          ? 
_refine.ls_R_factor_obs                          0.2110 
_refine.ls_R_factor_R_free                       0.2410 
_refine.ls_R_factor_R_free_error                 ? 
_refine.ls_R_factor_R_free_error_details         ? 
_refine.ls_R_factor_R_work                       0.2079 
_refine.ls_R_Fsqd_factor_obs                     ? 
_refine.ls_R_I_factor_obs                        ? 
_refine.ls_redundancy_reflns_all                 ? 
_refine.ls_redundancy_reflns_obs                 ? 
_refine.ls_restrained_S_all                      ? 
_refine.ls_restrained_S_obs                      ? 
_refine.ls_shift_over_esd_max                    ? 
_refine.ls_shift_over_esd_mean                   ? 
_refine.ls_structure_factor_coef                 ? 
_refine.ls_weighting_details                     ? 
_refine.ls_weighting_scheme                      ? 
_refine.ls_wR_factor_all                         ? 
_refine.ls_wR_factor_obs                         ? 
_refine.ls_wR_factor_R_free                      ? 
_refine.ls_wR_factor_R_work                      ? 
_refine.occupancy_max                            ? 
_refine.occupancy_min                            ? 
_refine.solvent_model_details                    ? 
_refine.solvent_model_param_bsol                 ? 
_refine.solvent_model_param_ksol                 ? 
_refine.ls_R_factor_gt                           ? 
_refine.ls_goodness_of_fit_gt                    ? 
_refine.ls_goodness_of_fit_ref                   ? 
_refine.ls_shift_over_su_max                     ? 
_refine.ls_shift_over_su_max_lt                  ? 
_refine.ls_shift_over_su_mean                    ? 
_refine.ls_shift_over_su_mean_lt                 ? 
_refine.pdbx_ls_sigma_I                          ? 
_refine.pdbx_ls_sigma_F                          0.05 
_refine.pdbx_ls_sigma_Fsqd                       ? 
_refine.pdbx_data_cutoff_high_absF               ? 
_refine.pdbx_data_cutoff_high_rms_absF           ? 
_refine.pdbx_data_cutoff_low_absF                ? 
_refine.pdbx_isotropic_thermal_model             ? 
_refine.pdbx_ls_cross_valid_method               THROUGHOUT 
_refine.pdbx_method_to_determine_struct          SAD 
_refine.pdbx_starting_model                      ? 
_refine.pdbx_stereochemistry_target_values       ? 
_refine.pdbx_R_Free_selection_details            ? 
_refine.pdbx_stereochem_target_val_spec_case     ? 
_refine.pdbx_overall_ESU_R                       ? 
_refine.pdbx_overall_ESU_R_Free                  ? 
_refine.pdbx_solvent_vdw_probe_radii             1.11 
_refine.pdbx_solvent_ion_probe_radii             ? 
_refine.pdbx_solvent_shrinkage_radii             0.90 
_refine.pdbx_real_space_R                        ? 
_refine.pdbx_density_correlation                 ? 
_refine.pdbx_pd_number_of_powder_patterns        ? 
_refine.pdbx_pd_number_of_points                 ? 
_refine.pdbx_pd_meas_number_of_points            ? 
_refine.pdbx_pd_proc_ls_prof_R_factor            ? 
_refine.pdbx_pd_proc_ls_prof_wR_factor           ? 
_refine.pdbx_pd_Marquardt_correlation_coeff      ? 
_refine.pdbx_pd_Fsqrd_R_factor                   ? 
_refine.pdbx_pd_ls_matrix_band_width             ? 
_refine.pdbx_overall_phase_error                 22.94 
_refine.pdbx_overall_SU_R_free_Cruickshank_DPI   ? 
_refine.pdbx_overall_SU_R_free_Blow_DPI          ? 
_refine.pdbx_overall_SU_R_Blow_DPI               ? 
_refine.pdbx_TLS_residual_ADP_flag               ? 
_refine.pdbx_diffrn_id                           1 
_refine.overall_SU_B                             ? 
_refine.overall_SU_ML                            0.14 
_refine.overall_SU_R_Cruickshank_DPI             ? 
_refine.overall_SU_R_free                        ? 
_refine.overall_FOM_free_R_set                   ? 
_refine.overall_FOM_work_R_set                   ? 
_refine.pdbx_average_fsc_overall                 ? 
_refine.pdbx_average_fsc_work                    ? 
_refine.pdbx_average_fsc_free                    ? 
# 
_refine_hist.pdbx_refine_id                   'X-RAY DIFFRACTION' 
_refine_hist.cycle_id                         LAST 
_refine_hist.pdbx_number_atoms_protein        758 
_refine_hist.pdbx_number_atoms_nucleic_acid   0 
_refine_hist.pdbx_number_atoms_ligand         15 
_refine_hist.number_atoms_solvent             70 
_refine_hist.number_atoms_total               843 
_refine_hist.d_res_high                       1.560 
_refine_hist.d_res_low                        19.672 
# 
loop_
_refine_ls_restr.pdbx_refine_id 
_refine_ls_restr.criterion 
_refine_ls_restr.dev_ideal 
_refine_ls_restr.dev_ideal_target 
_refine_ls_restr.number 
_refine_ls_restr.rejects 
_refine_ls_restr.type 
_refine_ls_restr.weight 
_refine_ls_restr.pdbx_restraint_function 
'X-RAY DIFFRACTION' ? 0.006  ? 789  ? f_bond_d           ? ? 
'X-RAY DIFFRACTION' ? 0.819  ? 1065 ? f_angle_d          ? ? 
'X-RAY DIFFRACTION' ? 18.090 ? 468  ? f_dihedral_angle_d ? ? 
'X-RAY DIFFRACTION' ? 0.053  ? 115  ? f_chiral_restr     ? ? 
'X-RAY DIFFRACTION' ? 0.006  ? 130  ? f_plane_restr      ? ? 
# 
loop_
_refine_ls_shell.pdbx_refine_id 
_refine_ls_shell.d_res_high 
_refine_ls_shell.d_res_low 
_refine_ls_shell.number_reflns_all 
_refine_ls_shell.number_reflns_obs 
_refine_ls_shell.number_reflns_R_free 
_refine_ls_shell.number_reflns_R_work 
_refine_ls_shell.percent_reflns_obs 
_refine_ls_shell.percent_reflns_R_free 
_refine_ls_shell.R_factor_all 
_refine_ls_shell.R_factor_obs 
_refine_ls_shell.R_factor_R_free 
_refine_ls_shell.R_factor_R_free_error 
_refine_ls_shell.R_factor_R_work 
_refine_ls_shell.redundancy_reflns_all 
_refine_ls_shell.redundancy_reflns_obs 
_refine_ls_shell.wR_factor_all 
_refine_ls_shell.wR_factor_obs 
_refine_ls_shell.wR_factor_R_free 
_refine_ls_shell.wR_factor_R_work 
_refine_ls_shell.pdbx_total_number_of_bins_used 
_refine_ls_shell.pdbx_phase_error 
_refine_ls_shell.pdbx_fsc_work 
_refine_ls_shell.pdbx_fsc_free 
'X-RAY DIFFRACTION' 1.5600 1.6103  . . 129 1222 93.00  . . . 0.2658 . 0.2554 . . . . . . . . . . 
'X-RAY DIFFRACTION' 1.6103 1.6679  . . 130 1235 95.00  . . . 0.2668 . 0.2306 . . . . . . . . . . 
'X-RAY DIFFRACTION' 1.6679 1.7346  . . 133 1264 96.00  . . . 0.2393 . 0.2157 . . . . . . . . . . 
'X-RAY DIFFRACTION' 1.7346 1.8135  . . 135 1285 98.00  . . . 0.1960 . 0.1952 . . . . . . . . . . 
'X-RAY DIFFRACTION' 1.8135 1.9090  . . 133 1267 97.00  . . . 0.2328 . 0.1975 . . . . . . . . . . 
'X-RAY DIFFRACTION' 1.9090 2.0285  . . 137 1304 99.00  . . . 0.2251 . 0.1952 . . . . . . . . . . 
'X-RAY DIFFRACTION' 2.0285 2.1850  . . 139 1316 99.00  . . . 0.2175 . 0.2020 . . . . . . . . . . 
'X-RAY DIFFRACTION' 2.1850 2.4045  . . 138 1320 100.00 . . . 0.2487 . 0.2097 . . . . . . . . . . 
'X-RAY DIFFRACTION' 2.4045 2.7516  . . 142 1338 100.00 . . . 0.2782 . 0.2388 . . . . . . . . . . 
'X-RAY DIFFRACTION' 2.7516 3.4637  . . 142 1352 100.00 . . . 0.2459 . 0.2210 . . . . . . . . . . 
'X-RAY DIFFRACTION' 3.4637 19.6737 . . 150 1424 100.00 . . . 0.2343 . 0.1904 . . . . . . . . . . 
# 
_struct.entry_id                     6DCE 
_struct.title                        'X-ray structure of FIP200 claw domain' 
_struct.pdbx_model_details           ? 
_struct.pdbx_formula_weight          ? 
_struct.pdbx_formula_weight_method   ? 
_struct.pdbx_model_type_details      ? 
_struct.pdbx_CASP_flag               N 
# 
_struct_keywords.entry_id        6DCE 
_struct_keywords.text            'autophagy, FIP200, STRUCTURAL PROTEIN' 
_struct_keywords.pdbx_keywords   'STRUCTURAL PROTEIN' 
# 
loop_
_struct_asym.id 
_struct_asym.pdbx_blank_PDB_chainid_flag 
_struct_asym.pdbx_modified 
_struct_asym.entity_id 
_struct_asym.details 
A N N 1 ? 
B N N 2 ? 
C N N 2 ? 
D N N 2 ? 
E N N 3 ? 
# 
_struct_ref.id                         1 
_struct_ref.db_name                    UNP 
_struct_ref.db_code                    RBCC1_HUMAN 
_struct_ref.pdbx_db_accession          Q8TDY2 
_struct_ref.pdbx_db_isoform            ? 
_struct_ref.entity_id                  1 
_struct_ref.pdbx_seq_one_letter_code   
;EKIAIRDFQVGDLVLIILDERHDNYVLFTVSPTLYFLHSESLPALDLKPGEGASGASRRPWVLGKVMEKEYCQAKKAQNR
FKVPLGTKFYRVKAVSWNKKV
;
_struct_ref.pdbx_align_begin           1494 
# 
_struct_ref_seq.align_id                      1 
_struct_ref_seq.ref_id                        1 
_struct_ref_seq.pdbx_PDB_id_code              6DCE 
_struct_ref_seq.pdbx_strand_id                A 
_struct_ref_seq.seq_align_beg                 1 
_struct_ref_seq.pdbx_seq_align_beg_ins_code   ? 
_struct_ref_seq.seq_align_end                 101 
_struct_ref_seq.pdbx_seq_align_end_ins_code   ? 
_struct_ref_seq.pdbx_db_accession             Q8TDY2 
_struct_ref_seq.db_align_beg                  1494 
_struct_ref_seq.pdbx_db_align_beg_ins_code    ? 
_struct_ref_seq.db_align_end                  1594 
_struct_ref_seq.pdbx_db_align_end_ins_code    ? 
_struct_ref_seq.pdbx_auth_seq_align_beg       1494 
_struct_ref_seq.pdbx_auth_seq_align_end       1594 
# 
_pdbx_struct_assembly.id                   1 
_pdbx_struct_assembly.details              author_and_software_defined_assembly 
_pdbx_struct_assembly.method_details       PISA 
_pdbx_struct_assembly.oligomeric_details   monomeric 
_pdbx_struct_assembly.oligomeric_count     1 
# 
_pdbx_struct_assembly_gen.assembly_id       1 
_pdbx_struct_assembly_gen.oper_expression   1 
_pdbx_struct_assembly_gen.asym_id_list      A,B,C,D,E 
# 
_pdbx_struct_assembly_auth_evidence.id                     1 
_pdbx_struct_assembly_auth_evidence.assembly_id            1 
_pdbx_struct_assembly_auth_evidence.experimental_support   'gel filtration' 
_pdbx_struct_assembly_auth_evidence.details                ? 
# 
_pdbx_struct_oper_list.id                   1 
_pdbx_struct_oper_list.type                 'identity operation' 
_pdbx_struct_oper_list.name                 1_555 
_pdbx_struct_oper_list.symmetry_operation   x,y,z 
_pdbx_struct_oper_list.matrix[1][1]         1.0000000000 
_pdbx_struct_oper_list.matrix[1][2]         0.0000000000 
_pdbx_struct_oper_list.matrix[1][3]         0.0000000000 
_pdbx_struct_oper_list.vector[1]            0.0000000000 
_pdbx_struct_oper_list.matrix[2][1]         0.0000000000 
_pdbx_struct_oper_list.matrix[2][2]         1.0000000000 
_pdbx_struct_oper_list.matrix[2][3]         0.0000000000 
_pdbx_struct_oper_list.vector[2]            0.0000000000 
_pdbx_struct_oper_list.matrix[3][1]         0.0000000000 
_pdbx_struct_oper_list.matrix[3][2]         0.0000000000 
_pdbx_struct_oper_list.matrix[3][3]         1.0000000000 
_pdbx_struct_oper_list.vector[3]            0.0000000000 
# 
_struct_conf.conf_type_id            HELX_P 
_struct_conf.id                      HELX_P1 
_struct_conf.pdbx_PDB_helix_id       AA1 
_struct_conf.beg_label_comp_id       SER 
_struct_conf.beg_label_asym_id       A 
_struct_conf.beg_label_seq_id        39 
_struct_conf.pdbx_beg_PDB_ins_code   ? 
_struct_conf.end_label_comp_id       ASP 
_struct_conf.end_label_asym_id       A 
_struct_conf.end_label_seq_id        46 
_struct_conf.pdbx_end_PDB_ins_code   ? 
_struct_conf.beg_auth_comp_id        SER 
_struct_conf.beg_auth_asym_id        A 
_struct_conf.beg_auth_seq_id         1532 
_struct_conf.end_auth_comp_id        ASP 
_struct_conf.end_auth_asym_id        A 
_struct_conf.end_auth_seq_id         1539 
_struct_conf.pdbx_PDB_helix_class    5 
_struct_conf.details                 ? 
_struct_conf.pdbx_PDB_helix_length   8 
# 
_struct_conf_type.id          HELX_P 
_struct_conf_type.criteria    ? 
_struct_conf_type.reference   ? 
# 
loop_
_struct_conn.id 
_struct_conn.conn_type_id 
_struct_conn.pdbx_leaving_atom_flag 
_struct_conn.pdbx_PDB_id 
_struct_conn.ptnr1_label_asym_id 
_struct_conn.ptnr1_label_comp_id 
_struct_conn.ptnr1_label_seq_id 
_struct_conn.ptnr1_label_atom_id 
_struct_conn.pdbx_ptnr1_label_alt_id 
_struct_conn.pdbx_ptnr1_PDB_ins_code 
_struct_conn.pdbx_ptnr1_standard_comp_id 
_struct_conn.ptnr1_symmetry 
_struct_conn.ptnr2_label_asym_id 
_struct_conn.ptnr2_label_comp_id 
_struct_conn.ptnr2_label_seq_id 
_struct_conn.ptnr2_label_atom_id 
_struct_conn.pdbx_ptnr2_label_alt_id 
_struct_conn.pdbx_ptnr2_PDB_ins_code 
_struct_conn.ptnr1_auth_asym_id 
_struct_conn.ptnr1_auth_comp_id 
_struct_conn.ptnr1_auth_seq_id 
_struct_conn.ptnr2_auth_asym_id 
_struct_conn.ptnr2_auth_comp_id 
_struct_conn.ptnr2_auth_seq_id 
_struct_conn.ptnr2_symmetry 
_struct_conn.pdbx_ptnr3_label_atom_id 
_struct_conn.pdbx_ptnr3_label_seq_id 
_struct_conn.pdbx_ptnr3_label_comp_id 
_struct_conn.pdbx_ptnr3_label_asym_id 
_struct_conn.pdbx_ptnr3_label_alt_id 
_struct_conn.pdbx_ptnr3_PDB_ins_code 
_struct_conn.details 
_struct_conn.pdbx_dist_value 
_struct_conn.pdbx_value_order 
_struct_conn.pdbx_role 
covale1 covale both ? A VAL 66 C ? ? ? 1_555 A MSE 67 N ? ? A VAL 1559 A MSE 1560 1_555 ? ? ? ? ? ? ? 1.322 ? ? 
covale2 covale both ? A MSE 67 C ? ? ? 1_555 A GLU 68 N ? ? A MSE 1560 A GLU 1561 1_555 ? ? ? ? ? ? ? 1.335 ? ? 
# 
_struct_conn_type.id          covale 
_struct_conn_type.criteria    ? 
_struct_conn_type.reference   ? 
# 
_pdbx_modification_feature.ordinal                            1 
_pdbx_modification_feature.label_comp_id                      MSE 
_pdbx_modification_feature.label_asym_id                      A 
_pdbx_modification_feature.label_seq_id                       67 
_pdbx_modification_feature.label_alt_id                       ? 
_pdbx_modification_feature.modified_residue_label_comp_id     . 
_pdbx_modification_feature.modified_residue_label_asym_id     . 
_pdbx_modification_feature.modified_residue_label_seq_id      . 
_pdbx_modification_feature.modified_residue_label_alt_id      . 
_pdbx_modification_feature.auth_comp_id                       MSE 
_pdbx_modification_feature.auth_asym_id                       A 
_pdbx_modification_feature.auth_seq_id                        1560 
_pdbx_modification_feature.PDB_ins_code                       ? 
_pdbx_modification_feature.symmetry                           1_555 
_pdbx_modification_feature.modified_residue_auth_comp_id      . 
_pdbx_modification_feature.modified_residue_auth_asym_id      . 
_pdbx_modification_feature.modified_residue_auth_seq_id       . 
_pdbx_modification_feature.modified_residue_PDB_ins_code      . 
_pdbx_modification_feature.modified_residue_symmetry          . 
_pdbx_modification_feature.comp_id_linking_atom               . 
_pdbx_modification_feature.modified_residue_id_linking_atom   . 
_pdbx_modification_feature.modified_residue_id                MET 
_pdbx_modification_feature.ref_pcm_id                         1 
_pdbx_modification_feature.ref_comp_id                        MSE 
_pdbx_modification_feature.type                               Selenomethionine 
_pdbx_modification_feature.category                           'Named protein modification' 
# 
_struct_sheet.id               AA1 
_struct_sheet.type             ? 
_struct_sheet.number_strands   6 
_struct_sheet.details          ? 
# 
loop_
_struct_sheet_order.sheet_id 
_struct_sheet_order.range_id_1 
_struct_sheet_order.range_id_2 
_struct_sheet_order.offset 
_struct_sheet_order.sense 
AA1 1 2 ? anti-parallel 
AA1 2 3 ? anti-parallel 
AA1 3 4 ? parallel      
AA1 4 5 ? anti-parallel 
AA1 5 6 ? anti-parallel 
# 
loop_
_struct_sheet_range.sheet_id 
_struct_sheet_range.id 
_struct_sheet_range.beg_label_comp_id 
_struct_sheet_range.beg_label_asym_id 
_struct_sheet_range.beg_label_seq_id 
_struct_sheet_range.pdbx_beg_PDB_ins_code 
_struct_sheet_range.end_label_comp_id 
_struct_sheet_range.end_label_asym_id 
_struct_sheet_range.end_label_seq_id 
_struct_sheet_range.pdbx_end_PDB_ins_code 
_struct_sheet_range.beg_auth_comp_id 
_struct_sheet_range.beg_auth_asym_id 
_struct_sheet_range.beg_auth_seq_id 
_struct_sheet_range.end_auth_comp_id 
_struct_sheet_range.end_auth_asym_id 
_struct_sheet_range.end_auth_seq_id 
AA1 1 LEU A 13 ? ASP A 19 ? LEU A 1506 ASP A 1512 
AA1 2 ASN A 24 ? LEU A 27 ? ASN A 1517 LEU A 1520 
AA1 3 TYR A 35 ? LEU A 37 ? TYR A 1528 LEU A 1530 
AA1 4 LYS A 88 ? SER A 96 ? LYS A 1581 SER A 1589 
AA1 5 TRP A 61 ? GLN A 73 ? TRP A 1554 GLN A 1566 
AA1 6 LEU A 13 ? ASP A 19 ? LEU A 1506 ASP A 1512 
# 
loop_
_pdbx_struct_sheet_hbond.sheet_id 
_pdbx_struct_sheet_hbond.range_id_1 
_pdbx_struct_sheet_hbond.range_id_2 
_pdbx_struct_sheet_hbond.range_1_label_atom_id 
_pdbx_struct_sheet_hbond.range_1_label_comp_id 
_pdbx_struct_sheet_hbond.range_1_label_asym_id 
_pdbx_struct_sheet_hbond.range_1_label_seq_id 
_pdbx_struct_sheet_hbond.range_1_PDB_ins_code 
_pdbx_struct_sheet_hbond.range_1_auth_atom_id 
_pdbx_struct_sheet_hbond.range_1_auth_comp_id 
_pdbx_struct_sheet_hbond.range_1_auth_asym_id 
_pdbx_struct_sheet_hbond.range_1_auth_seq_id 
_pdbx_struct_sheet_hbond.range_2_label_atom_id 
_pdbx_struct_sheet_hbond.range_2_label_comp_id 
_pdbx_struct_sheet_hbond.range_2_label_asym_id 
_pdbx_struct_sheet_hbond.range_2_label_seq_id 
_pdbx_struct_sheet_hbond.range_2_PDB_ins_code 
_pdbx_struct_sheet_hbond.range_2_auth_atom_id 
_pdbx_struct_sheet_hbond.range_2_auth_comp_id 
_pdbx_struct_sheet_hbond.range_2_auth_asym_id 
_pdbx_struct_sheet_hbond.range_2_auth_seq_id 
AA1 1 2 N ILE A 17 ? N ILE A 1510 O VAL A 26 ? O VAL A 1519 
AA1 2 3 N LEU A 27 ? N LEU A 1520 O TYR A 35 ? O TYR A 1528 
AA1 3 4 N PHE A 36 ? N PHE A 1529 O VAL A 92 ? O VAL A 1585 
AA1 4 5 O PHE A 89 ? O PHE A 1582 N CYS A 72 ? N CYS A 1565 
AA1 5 6 O VAL A 62 ? O VAL A 1555 N ILE A 16 ? N ILE A 1509 
# 
loop_
_struct_site.id 
_struct_site.pdbx_evidence_code 
_struct_site.pdbx_auth_asym_id 
_struct_site.pdbx_auth_comp_id 
_struct_site.pdbx_auth_seq_id 
_struct_site.pdbx_auth_ins_code 
_struct_site.pdbx_num_residues 
_struct_site.details 
AC1 Software A SO4 1601 ? 4 'binding site for residue SO4 A 1601' 
AC2 Software A SO4 1602 ? 2 'binding site for residue SO4 A 1602' 
AC3 Software A SO4 1603 ? 2 'binding site for residue SO4 A 1603' 
# 
loop_
_struct_site_gen.id 
_struct_site_gen.site_id 
_struct_site_gen.pdbx_num_res 
_struct_site_gen.label_comp_id 
_struct_site_gen.label_asym_id 
_struct_site_gen.label_seq_id 
_struct_site_gen.pdbx_auth_ins_code 
_struct_site_gen.auth_comp_id 
_struct_site_gen.auth_asym_id 
_struct_site_gen.auth_seq_id 
_struct_site_gen.label_atom_id 
_struct_site_gen.label_alt_id 
_struct_site_gen.symmetry 
_struct_site_gen.details 
1 AC1 4 HIS A 38 ? HIS A 1531 . ? 1_555 ? 
2 AC1 4 SER A 39 ? SER A 1532 . ? 1_555 ? 
3 AC1 4 ARG A 80 ? ARG A 1573 . ? 1_555 ? 
4 AC1 4 ARG A 91 ? ARG A 1584 . ? 1_555 ? 
5 AC2 2 ARG A 80 ? ARG A 1573 . ? 1_555 ? 
6 AC2 2 ARG A 91 ? ARG A 1584 . ? 1_555 ? 
7 AC3 2 ASN A 79 ? ASN A 1572 . ? 1_555 ? 
8 AC3 2 ARG A 80 ? ARG A 1573 . ? 1_555 ? 
# 
_pdbx_entry_details.entry_id                   6DCE 
_pdbx_entry_details.compound_details           ? 
_pdbx_entry_details.source_details             ? 
_pdbx_entry_details.nonpolymer_details         ? 
_pdbx_entry_details.sequence_details           ? 
_pdbx_entry_details.has_ligand_of_interest     ? 
_pdbx_entry_details.has_protein_modification   Y 
# 
loop_
_pdbx_validate_close_contact.id 
_pdbx_validate_close_contact.PDB_model_num 
_pdbx_validate_close_contact.auth_atom_id_1 
_pdbx_validate_close_contact.auth_asym_id_1 
_pdbx_validate_close_contact.auth_comp_id_1 
_pdbx_validate_close_contact.auth_seq_id_1 
_pdbx_validate_close_contact.PDB_ins_code_1 
_pdbx_validate_close_contact.label_alt_id_1 
_pdbx_validate_close_contact.auth_atom_id_2 
_pdbx_validate_close_contact.auth_asym_id_2 
_pdbx_validate_close_contact.auth_comp_id_2 
_pdbx_validate_close_contact.auth_seq_id_2 
_pdbx_validate_close_contact.PDB_ins_code_2 
_pdbx_validate_close_contact.label_alt_id_2 
_pdbx_validate_close_contact.dist 
1 1 NH1 A ARG 1584 ? ? O3 A SO4 1601 ? ? 1.30 
2 1 O   A HOH 1702 ? ? O  A HOH 1709 ? ? 2.01 
3 1 O   A HOH 1755 ? ? O  A HOH 1758 ? ? 2.16 
4 1 O   A HOH 1701 ? ? O  A HOH 1754 ? ? 2.17 
# 
_pdbx_validate_symm_contact.id                1 
_pdbx_validate_symm_contact.PDB_model_num     1 
_pdbx_validate_symm_contact.auth_atom_id_1    O 
_pdbx_validate_symm_contact.auth_asym_id_1    A 
_pdbx_validate_symm_contact.auth_comp_id_1    HOH 
_pdbx_validate_symm_contact.auth_seq_id_1     1703 
_pdbx_validate_symm_contact.PDB_ins_code_1    ? 
_pdbx_validate_symm_contact.label_alt_id_1    ? 
_pdbx_validate_symm_contact.site_symmetry_1   1_555 
_pdbx_validate_symm_contact.auth_atom_id_2    O 
_pdbx_validate_symm_contact.auth_asym_id_2    A 
_pdbx_validate_symm_contact.auth_comp_id_2    HOH 
_pdbx_validate_symm_contact.auth_seq_id_2     1758 
_pdbx_validate_symm_contact.PDB_ins_code_2    ? 
_pdbx_validate_symm_contact.label_alt_id_2    ? 
_pdbx_validate_symm_contact.site_symmetry_2   3_655 
_pdbx_validate_symm_contact.dist              2.18 
# 
loop_
_pdbx_validate_torsion.id 
_pdbx_validate_torsion.PDB_model_num 
_pdbx_validate_torsion.auth_comp_id 
_pdbx_validate_torsion.auth_asym_id 
_pdbx_validate_torsion.auth_seq_id 
_pdbx_validate_torsion.PDB_ins_code 
_pdbx_validate_torsion.label_alt_id 
_pdbx_validate_torsion.phi 
_pdbx_validate_torsion.psi 
1 1 ASP A 1516 ? ? 30.03   56.90   
2 1 MSE A 1560 ? ? -123.27 -117.80 
# 
_pdbx_struct_mod_residue.id               1 
_pdbx_struct_mod_residue.label_asym_id    A 
_pdbx_struct_mod_residue.label_comp_id    MSE 
_pdbx_struct_mod_residue.label_seq_id     67 
_pdbx_struct_mod_residue.auth_asym_id     A 
_pdbx_struct_mod_residue.auth_comp_id     MSE 
_pdbx_struct_mod_residue.auth_seq_id      1560 
_pdbx_struct_mod_residue.PDB_ins_code     ? 
_pdbx_struct_mod_residue.parent_comp_id   MET 
_pdbx_struct_mod_residue.details          'modified residue' 
# 
loop_
_pdbx_unobs_or_zero_occ_residues.id 
_pdbx_unobs_or_zero_occ_residues.PDB_model_num 
_pdbx_unobs_or_zero_occ_residues.polymer_flag 
_pdbx_unobs_or_zero_occ_residues.occupancy_flag 
_pdbx_unobs_or_zero_occ_residues.auth_asym_id 
_pdbx_unobs_or_zero_occ_residues.auth_comp_id 
_pdbx_unobs_or_zero_occ_residues.auth_seq_id 
_pdbx_unobs_or_zero_occ_residues.PDB_ins_code 
_pdbx_unobs_or_zero_occ_residues.label_asym_id 
_pdbx_unobs_or_zero_occ_residues.label_comp_id 
_pdbx_unobs_or_zero_occ_residues.label_seq_id 
1 1 Y 1 A GLU 1544 ? A GLU 51  
2 1 Y 1 A GLY 1545 ? A GLY 52  
3 1 Y 1 A ALA 1546 ? A ALA 53  
4 1 Y 1 A SER 1547 ? A SER 54  
5 1 Y 1 A GLY 1548 ? A GLY 55  
6 1 Y 1 A ALA 1549 ? A ALA 56  
7 1 Y 1 A LYS 1592 ? A LYS 99  
8 1 Y 1 A LYS 1593 ? A LYS 100 
9 1 Y 1 A VAL 1594 ? A VAL 101 
# 
loop_
_chem_comp_atom.comp_id 
_chem_comp_atom.atom_id 
_chem_comp_atom.type_symbol 
_chem_comp_atom.pdbx_aromatic_flag 
_chem_comp_atom.pdbx_stereo_config 
_chem_comp_atom.pdbx_ordinal 
ALA N    N  N N 1   
ALA CA   C  N S 2   
ALA C    C  N N 3   
ALA O    O  N N 4   
ALA CB   C  N N 5   
ALA OXT  O  N N 6   
ALA H    H  N N 7   
ALA H2   H  N N 8   
ALA HA   H  N N 9   
ALA HB1  H  N N 10  
ALA HB2  H  N N 11  
ALA HB3  H  N N 12  
ALA HXT  H  N N 13  
ARG N    N  N N 14  
ARG CA   C  N S 15  
ARG C    C  N N 16  
ARG O    O  N N 17  
ARG CB   C  N N 18  
ARG CG   C  N N 19  
ARG CD   C  N N 20  
ARG NE   N  N N 21  
ARG CZ   C  N N 22  
ARG NH1  N  N N 23  
ARG NH2  N  N N 24  
ARG OXT  O  N N 25  
ARG H    H  N N 26  
ARG H2   H  N N 27  
ARG HA   H  N N 28  
ARG HB2  H  N N 29  
ARG HB3  H  N N 30  
ARG HG2  H  N N 31  
ARG HG3  H  N N 32  
ARG HD2  H  N N 33  
ARG HD3  H  N N 34  
ARG HE   H  N N 35  
ARG HH11 H  N N 36  
ARG HH12 H  N N 37  
ARG HH21 H  N N 38  
ARG HH22 H  N N 39  
ARG HXT  H  N N 40  
ASN N    N  N N 41  
ASN CA   C  N S 42  
ASN C    C  N N 43  
ASN O    O  N N 44  
ASN CB   C  N N 45  
ASN CG   C  N N 46  
ASN OD1  O  N N 47  
ASN ND2  N  N N 48  
ASN OXT  O  N N 49  
ASN H    H  N N 50  
ASN H2   H  N N 51  
ASN HA   H  N N 52  
ASN HB2  H  N N 53  
ASN HB3  H  N N 54  
ASN HD21 H  N N 55  
ASN HD22 H  N N 56  
ASN HXT  H  N N 57  
ASP N    N  N N 58  
ASP CA   C  N S 59  
ASP C    C  N N 60  
ASP O    O  N N 61  
ASP CB   C  N N 62  
ASP CG   C  N N 63  
ASP OD1  O  N N 64  
ASP OD2  O  N N 65  
ASP OXT  O  N N 66  
ASP H    H  N N 67  
ASP H2   H  N N 68  
ASP HA   H  N N 69  
ASP HB2  H  N N 70  
ASP HB3  H  N N 71  
ASP HD2  H  N N 72  
ASP HXT  H  N N 73  
CYS N    N  N N 74  
CYS CA   C  N R 75  
CYS C    C  N N 76  
CYS O    O  N N 77  
CYS CB   C  N N 78  
CYS SG   S  N N 79  
CYS OXT  O  N N 80  
CYS H    H  N N 81  
CYS H2   H  N N 82  
CYS HA   H  N N 83  
CYS HB2  H  N N 84  
CYS HB3  H  N N 85  
CYS HG   H  N N 86  
CYS HXT  H  N N 87  
GLN N    N  N N 88  
GLN CA   C  N S 89  
GLN C    C  N N 90  
GLN O    O  N N 91  
GLN CB   C  N N 92  
GLN CG   C  N N 93  
GLN CD   C  N N 94  
GLN OE1  O  N N 95  
GLN NE2  N  N N 96  
GLN OXT  O  N N 97  
GLN H    H  N N 98  
GLN H2   H  N N 99  
GLN HA   H  N N 100 
GLN HB2  H  N N 101 
GLN HB3  H  N N 102 
GLN HG2  H  N N 103 
GLN HG3  H  N N 104 
GLN HE21 H  N N 105 
GLN HE22 H  N N 106 
GLN HXT  H  N N 107 
GLU N    N  N N 108 
GLU CA   C  N S 109 
GLU C    C  N N 110 
GLU O    O  N N 111 
GLU CB   C  N N 112 
GLU CG   C  N N 113 
GLU CD   C  N N 114 
GLU OE1  O  N N 115 
GLU OE2  O  N N 116 
GLU OXT  O  N N 117 
GLU H    H  N N 118 
GLU H2   H  N N 119 
GLU HA   H  N N 120 
GLU HB2  H  N N 121 
GLU HB3  H  N N 122 
GLU HG2  H  N N 123 
GLU HG3  H  N N 124 
GLU HE2  H  N N 125 
GLU HXT  H  N N 126 
GLY N    N  N N 127 
GLY CA   C  N N 128 
GLY C    C  N N 129 
GLY O    O  N N 130 
GLY OXT  O  N N 131 
GLY H    H  N N 132 
GLY H2   H  N N 133 
GLY HA2  H  N N 134 
GLY HA3  H  N N 135 
GLY HXT  H  N N 136 
HIS N    N  N N 137 
HIS CA   C  N S 138 
HIS C    C  N N 139 
HIS O    O  N N 140 
HIS CB   C  N N 141 
HIS CG   C  Y N 142 
HIS ND1  N  Y N 143 
HIS CD2  C  Y N 144 
HIS CE1  C  Y N 145 
HIS NE2  N  Y N 146 
HIS OXT  O  N N 147 
HIS H    H  N N 148 
HIS H2   H  N N 149 
HIS HA   H  N N 150 
HIS HB2  H  N N 151 
HIS HB3  H  N N 152 
HIS HD1  H  N N 153 
HIS HD2  H  N N 154 
HIS HE1  H  N N 155 
HIS HE2  H  N N 156 
HIS HXT  H  N N 157 
HOH O    O  N N 158 
HOH H1   H  N N 159 
HOH H2   H  N N 160 
ILE N    N  N N 161 
ILE CA   C  N S 162 
ILE C    C  N N 163 
ILE O    O  N N 164 
ILE CB   C  N S 165 
ILE CG1  C  N N 166 
ILE CG2  C  N N 167 
ILE CD1  C  N N 168 
ILE OXT  O  N N 169 
ILE H    H  N N 170 
ILE H2   H  N N 171 
ILE HA   H  N N 172 
ILE HB   H  N N 173 
ILE HG12 H  N N 174 
ILE HG13 H  N N 175 
ILE HG21 H  N N 176 
ILE HG22 H  N N 177 
ILE HG23 H  N N 178 
ILE HD11 H  N N 179 
ILE HD12 H  N N 180 
ILE HD13 H  N N 181 
ILE HXT  H  N N 182 
LEU N    N  N N 183 
LEU CA   C  N S 184 
LEU C    C  N N 185 
LEU O    O  N N 186 
LEU CB   C  N N 187 
LEU CG   C  N N 188 
LEU CD1  C  N N 189 
LEU CD2  C  N N 190 
LEU OXT  O  N N 191 
LEU H    H  N N 192 
LEU H2   H  N N 193 
LEU HA   H  N N 194 
LEU HB2  H  N N 195 
LEU HB3  H  N N 196 
LEU HG   H  N N 197 
LEU HD11 H  N N 198 
LEU HD12 H  N N 199 
LEU HD13 H  N N 200 
LEU HD21 H  N N 201 
LEU HD22 H  N N 202 
LEU HD23 H  N N 203 
LEU HXT  H  N N 204 
LYS N    N  N N 205 
LYS CA   C  N S 206 
LYS C    C  N N 207 
LYS O    O  N N 208 
LYS CB   C  N N 209 
LYS CG   C  N N 210 
LYS CD   C  N N 211 
LYS CE   C  N N 212 
LYS NZ   N  N N 213 
LYS OXT  O  N N 214 
LYS H    H  N N 215 
LYS H2   H  N N 216 
LYS HA   H  N N 217 
LYS HB2  H  N N 218 
LYS HB3  H  N N 219 
LYS HG2  H  N N 220 
LYS HG3  H  N N 221 
LYS HD2  H  N N 222 
LYS HD3  H  N N 223 
LYS HE2  H  N N 224 
LYS HE3  H  N N 225 
LYS HZ1  H  N N 226 
LYS HZ2  H  N N 227 
LYS HZ3  H  N N 228 
LYS HXT  H  N N 229 
MSE N    N  N N 230 
MSE CA   C  N S 231 
MSE C    C  N N 232 
MSE O    O  N N 233 
MSE OXT  O  N N 234 
MSE CB   C  N N 235 
MSE CG   C  N N 236 
MSE SE   SE N N 237 
MSE CE   C  N N 238 
MSE H    H  N N 239 
MSE H2   H  N N 240 
MSE HA   H  N N 241 
MSE HXT  H  N N 242 
MSE HB2  H  N N 243 
MSE HB3  H  N N 244 
MSE HG2  H  N N 245 
MSE HG3  H  N N 246 
MSE HE1  H  N N 247 
MSE HE2  H  N N 248 
MSE HE3  H  N N 249 
PHE N    N  N N 250 
PHE CA   C  N S 251 
PHE C    C  N N 252 
PHE O    O  N N 253 
PHE CB   C  N N 254 
PHE CG   C  Y N 255 
PHE CD1  C  Y N 256 
PHE CD2  C  Y N 257 
PHE CE1  C  Y N 258 
PHE CE2  C  Y N 259 
PHE CZ   C  Y N 260 
PHE OXT  O  N N 261 
PHE H    H  N N 262 
PHE H2   H  N N 263 
PHE HA   H  N N 264 
PHE HB2  H  N N 265 
PHE HB3  H  N N 266 
PHE HD1  H  N N 267 
PHE HD2  H  N N 268 
PHE HE1  H  N N 269 
PHE HE2  H  N N 270 
PHE HZ   H  N N 271 
PHE HXT  H  N N 272 
PRO N    N  N N 273 
PRO CA   C  N S 274 
PRO C    C  N N 275 
PRO O    O  N N 276 
PRO CB   C  N N 277 
PRO CG   C  N N 278 
PRO CD   C  N N 279 
PRO OXT  O  N N 280 
PRO H    H  N N 281 
PRO HA   H  N N 282 
PRO HB2  H  N N 283 
PRO HB3  H  N N 284 
PRO HG2  H  N N 285 
PRO HG3  H  N N 286 
PRO HD2  H  N N 287 
PRO HD3  H  N N 288 
PRO HXT  H  N N 289 
SER N    N  N N 290 
SER CA   C  N S 291 
SER C    C  N N 292 
SER O    O  N N 293 
SER CB   C  N N 294 
SER OG   O  N N 295 
SER OXT  O  N N 296 
SER H    H  N N 297 
SER H2   H  N N 298 
SER HA   H  N N 299 
SER HB2  H  N N 300 
SER HB3  H  N N 301 
SER HG   H  N N 302 
SER HXT  H  N N 303 
SO4 S    S  N N 304 
SO4 O1   O  N N 305 
SO4 O2   O  N N 306 
SO4 O3   O  N N 307 
SO4 O4   O  N N 308 
THR N    N  N N 309 
THR CA   C  N S 310 
THR C    C  N N 311 
THR O    O  N N 312 
THR CB   C  N R 313 
THR OG1  O  N N 314 
THR CG2  C  N N 315 
THR OXT  O  N N 316 
THR H    H  N N 317 
THR H2   H  N N 318 
THR HA   H  N N 319 
THR HB   H  N N 320 
THR HG1  H  N N 321 
THR HG21 H  N N 322 
THR HG22 H  N N 323 
THR HG23 H  N N 324 
THR HXT  H  N N 325 
TRP N    N  N N 326 
TRP CA   C  N S 327 
TRP C    C  N N 328 
TRP O    O  N N 329 
TRP CB   C  N N 330 
TRP CG   C  Y N 331 
TRP CD1  C  Y N 332 
TRP CD2  C  Y N 333 
TRP NE1  N  Y N 334 
TRP CE2  C  Y N 335 
TRP CE3  C  Y N 336 
TRP CZ2  C  Y N 337 
TRP CZ3  C  Y N 338 
TRP CH2  C  Y N 339 
TRP OXT  O  N N 340 
TRP H    H  N N 341 
TRP H2   H  N N 342 
TRP HA   H  N N 343 
TRP HB2  H  N N 344 
TRP HB3  H  N N 345 
TRP HD1  H  N N 346 
TRP HE1  H  N N 347 
TRP HE3  H  N N 348 
TRP HZ2  H  N N 349 
TRP HZ3  H  N N 350 
TRP HH2  H  N N 351 
TRP HXT  H  N N 352 
TYR N    N  N N 353 
TYR CA   C  N S 354 
TYR C    C  N N 355 
TYR O    O  N N 356 
TYR CB   C  N N 357 
TYR CG   C  Y N 358 
TYR CD1  C  Y N 359 
TYR CD2  C  Y N 360 
TYR CE1  C  Y N 361 
TYR CE2  C  Y N 362 
TYR CZ   C  Y N 363 
TYR OH   O  N N 364 
TYR OXT  O  N N 365 
TYR H    H  N N 366 
TYR H2   H  N N 367 
TYR HA   H  N N 368 
TYR HB2  H  N N 369 
TYR HB3  H  N N 370 
TYR HD1  H  N N 371 
TYR HD2  H  N N 372 
TYR HE1  H  N N 373 
TYR HE2  H  N N 374 
TYR HH   H  N N 375 
TYR HXT  H  N N 376 
VAL N    N  N N 377 
VAL CA   C  N S 378 
VAL C    C  N N 379 
VAL O    O  N N 380 
VAL CB   C  N N 381 
VAL CG1  C  N N 382 
VAL CG2  C  N N 383 
VAL OXT  O  N N 384 
VAL H    H  N N 385 
VAL H2   H  N N 386 
VAL HA   H  N N 387 
VAL HB   H  N N 388 
VAL HG11 H  N N 389 
VAL HG12 H  N N 390 
VAL HG13 H  N N 391 
VAL HG21 H  N N 392 
VAL HG22 H  N N 393 
VAL HG23 H  N N 394 
VAL HXT  H  N N 395 
# 
loop_
_chem_comp_bond.comp_id 
_chem_comp_bond.atom_id_1 
_chem_comp_bond.atom_id_2 
_chem_comp_bond.value_order 
_chem_comp_bond.pdbx_aromatic_flag 
_chem_comp_bond.pdbx_stereo_config 
_chem_comp_bond.pdbx_ordinal 
ALA N   CA   sing N N 1   
ALA N   H    sing N N 2   
ALA N   H2   sing N N 3   
ALA CA  C    sing N N 4   
ALA CA  CB   sing N N 5   
ALA CA  HA   sing N N 6   
ALA C   O    doub N N 7   
ALA C   OXT  sing N N 8   
ALA CB  HB1  sing N N 9   
ALA CB  HB2  sing N N 10  
ALA CB  HB3  sing N N 11  
ALA OXT HXT  sing N N 12  
ARG N   CA   sing N N 13  
ARG N   H    sing N N 14  
ARG N   H2   sing N N 15  
ARG CA  C    sing N N 16  
ARG CA  CB   sing N N 17  
ARG CA  HA   sing N N 18  
ARG C   O    doub N N 19  
ARG C   OXT  sing N N 20  
ARG CB  CG   sing N N 21  
ARG CB  HB2  sing N N 22  
ARG CB  HB3  sing N N 23  
ARG CG  CD   sing N N 24  
ARG CG  HG2  sing N N 25  
ARG CG  HG3  sing N N 26  
ARG CD  NE   sing N N 27  
ARG CD  HD2  sing N N 28  
ARG CD  HD3  sing N N 29  
ARG NE  CZ   sing N N 30  
ARG NE  HE   sing N N 31  
ARG CZ  NH1  sing N N 32  
ARG CZ  NH2  doub N N 33  
ARG NH1 HH11 sing N N 34  
ARG NH1 HH12 sing N N 35  
ARG NH2 HH21 sing N N 36  
ARG NH2 HH22 sing N N 37  
ARG OXT HXT  sing N N 38  
ASN N   CA   sing N N 39  
ASN N   H    sing N N 40  
ASN N   H2   sing N N 41  
ASN CA  C    sing N N 42  
ASN CA  CB   sing N N 43  
ASN CA  HA   sing N N 44  
ASN C   O    doub N N 45  
ASN C   OXT  sing N N 46  
ASN CB  CG   sing N N 47  
ASN CB  HB2  sing N N 48  
ASN CB  HB3  sing N N 49  
ASN CG  OD1  doub N N 50  
ASN CG  ND2  sing N N 51  
ASN ND2 HD21 sing N N 52  
ASN ND2 HD22 sing N N 53  
ASN OXT HXT  sing N N 54  
ASP N   CA   sing N N 55  
ASP N   H    sing N N 56  
ASP N   H2   sing N N 57  
ASP CA  C    sing N N 58  
ASP CA  CB   sing N N 59  
ASP CA  HA   sing N N 60  
ASP C   O    doub N N 61  
ASP C   OXT  sing N N 62  
ASP CB  CG   sing N N 63  
ASP CB  HB2  sing N N 64  
ASP CB  HB3  sing N N 65  
ASP CG  OD1  doub N N 66  
ASP CG  OD2  sing N N 67  
ASP OD2 HD2  sing N N 68  
ASP OXT HXT  sing N N 69  
CYS N   CA   sing N N 70  
CYS N   H    sing N N 71  
CYS N   H2   sing N N 72  
CYS CA  C    sing N N 73  
CYS CA  CB   sing N N 74  
CYS CA  HA   sing N N 75  
CYS C   O    doub N N 76  
CYS C   OXT  sing N N 77  
CYS CB  SG   sing N N 78  
CYS CB  HB2  sing N N 79  
CYS CB  HB3  sing N N 80  
CYS SG  HG   sing N N 81  
CYS OXT HXT  sing N N 82  
GLN N   CA   sing N N 83  
GLN N   H    sing N N 84  
GLN N   H2   sing N N 85  
GLN CA  C    sing N N 86  
GLN CA  CB   sing N N 87  
GLN CA  HA   sing N N 88  
GLN C   O    doub N N 89  
GLN C   OXT  sing N N 90  
GLN CB  CG   sing N N 91  
GLN CB  HB2  sing N N 92  
GLN CB  HB3  sing N N 93  
GLN CG  CD   sing N N 94  
GLN CG  HG2  sing N N 95  
GLN CG  HG3  sing N N 96  
GLN CD  OE1  doub N N 97  
GLN CD  NE2  sing N N 98  
GLN NE2 HE21 sing N N 99  
GLN NE2 HE22 sing N N 100 
GLN OXT HXT  sing N N 101 
GLU N   CA   sing N N 102 
GLU N   H    sing N N 103 
GLU N   H2   sing N N 104 
GLU CA  C    sing N N 105 
GLU CA  CB   sing N N 106 
GLU CA  HA   sing N N 107 
GLU C   O    doub N N 108 
GLU C   OXT  sing N N 109 
GLU CB  CG   sing N N 110 
GLU CB  HB2  sing N N 111 
GLU CB  HB3  sing N N 112 
GLU CG  CD   sing N N 113 
GLU CG  HG2  sing N N 114 
GLU CG  HG3  sing N N 115 
GLU CD  OE1  doub N N 116 
GLU CD  OE2  sing N N 117 
GLU OE2 HE2  sing N N 118 
GLU OXT HXT  sing N N 119 
GLY N   CA   sing N N 120 
GLY N   H    sing N N 121 
GLY N   H2   sing N N 122 
GLY CA  C    sing N N 123 
GLY CA  HA2  sing N N 124 
GLY CA  HA3  sing N N 125 
GLY C   O    doub N N 126 
GLY C   OXT  sing N N 127 
GLY OXT HXT  sing N N 128 
HIS N   CA   sing N N 129 
HIS N   H    sing N N 130 
HIS N   H2   sing N N 131 
HIS CA  C    sing N N 132 
HIS CA  CB   sing N N 133 
HIS CA  HA   sing N N 134 
HIS C   O    doub N N 135 
HIS C   OXT  sing N N 136 
HIS CB  CG   sing N N 137 
HIS CB  HB2  sing N N 138 
HIS CB  HB3  sing N N 139 
HIS CG  ND1  sing Y N 140 
HIS CG  CD2  doub Y N 141 
HIS ND1 CE1  doub Y N 142 
HIS ND1 HD1  sing N N 143 
HIS CD2 NE2  sing Y N 144 
HIS CD2 HD2  sing N N 145 
HIS CE1 NE2  sing Y N 146 
HIS CE1 HE1  sing N N 147 
HIS NE2 HE2  sing N N 148 
HIS OXT HXT  sing N N 149 
HOH O   H1   sing N N 150 
HOH O   H2   sing N N 151 
ILE N   CA   sing N N 152 
ILE N   H    sing N N 153 
ILE N   H2   sing N N 154 
ILE CA  C    sing N N 155 
ILE CA  CB   sing N N 156 
ILE CA  HA   sing N N 157 
ILE C   O    doub N N 158 
ILE C   OXT  sing N N 159 
ILE CB  CG1  sing N N 160 
ILE CB  CG2  sing N N 161 
ILE CB  HB   sing N N 162 
ILE CG1 CD1  sing N N 163 
ILE CG1 HG12 sing N N 164 
ILE CG1 HG13 sing N N 165 
ILE CG2 HG21 sing N N 166 
ILE CG2 HG22 sing N N 167 
ILE CG2 HG23 sing N N 168 
ILE CD1 HD11 sing N N 169 
ILE CD1 HD12 sing N N 170 
ILE CD1 HD13 sing N N 171 
ILE OXT HXT  sing N N 172 
LEU N   CA   sing N N 173 
LEU N   H    sing N N 174 
LEU N   H2   sing N N 175 
LEU CA  C    sing N N 176 
LEU CA  CB   sing N N 177 
LEU CA  HA   sing N N 178 
LEU C   O    doub N N 179 
LEU C   OXT  sing N N 180 
LEU CB  CG   sing N N 181 
LEU CB  HB2  sing N N 182 
LEU CB  HB3  sing N N 183 
LEU CG  CD1  sing N N 184 
LEU CG  CD2  sing N N 185 
LEU CG  HG   sing N N 186 
LEU CD1 HD11 sing N N 187 
LEU CD1 HD12 sing N N 188 
LEU CD1 HD13 sing N N 189 
LEU CD2 HD21 sing N N 190 
LEU CD2 HD22 sing N N 191 
LEU CD2 HD23 sing N N 192 
LEU OXT HXT  sing N N 193 
LYS N   CA   sing N N 194 
LYS N   H    sing N N 195 
LYS N   H2   sing N N 196 
LYS CA  C    sing N N 197 
LYS CA  CB   sing N N 198 
LYS CA  HA   sing N N 199 
LYS C   O    doub N N 200 
LYS C   OXT  sing N N 201 
LYS CB  CG   sing N N 202 
LYS CB  HB2  sing N N 203 
LYS CB  HB3  sing N N 204 
LYS CG  CD   sing N N 205 
LYS CG  HG2  sing N N 206 
LYS CG  HG3  sing N N 207 
LYS CD  CE   sing N N 208 
LYS CD  HD2  sing N N 209 
LYS CD  HD3  sing N N 210 
LYS CE  NZ   sing N N 211 
LYS CE  HE2  sing N N 212 
LYS CE  HE3  sing N N 213 
LYS NZ  HZ1  sing N N 214 
LYS NZ  HZ2  sing N N 215 
LYS NZ  HZ3  sing N N 216 
LYS OXT HXT  sing N N 217 
MSE N   CA   sing N N 218 
MSE N   H    sing N N 219 
MSE N   H2   sing N N 220 
MSE CA  C    sing N N 221 
MSE CA  CB   sing N N 222 
MSE CA  HA   sing N N 223 
MSE C   O    doub N N 224 
MSE C   OXT  sing N N 225 
MSE OXT HXT  sing N N 226 
MSE CB  CG   sing N N 227 
MSE CB  HB2  sing N N 228 
MSE CB  HB3  sing N N 229 
MSE CG  SE   sing N N 230 
MSE CG  HG2  sing N N 231 
MSE CG  HG3  sing N N 232 
MSE SE  CE   sing N N 233 
MSE CE  HE1  sing N N 234 
MSE CE  HE2  sing N N 235 
MSE CE  HE3  sing N N 236 
PHE N   CA   sing N N 237 
PHE N   H    sing N N 238 
PHE N   H2   sing N N 239 
PHE CA  C    sing N N 240 
PHE CA  CB   sing N N 241 
PHE CA  HA   sing N N 242 
PHE C   O    doub N N 243 
PHE C   OXT  sing N N 244 
PHE CB  CG   sing N N 245 
PHE CB  HB2  sing N N 246 
PHE CB  HB3  sing N N 247 
PHE CG  CD1  doub Y N 248 
PHE CG  CD2  sing Y N 249 
PHE CD1 CE1  sing Y N 250 
PHE CD1 HD1  sing N N 251 
PHE CD2 CE2  doub Y N 252 
PHE CD2 HD2  sing N N 253 
PHE CE1 CZ   doub Y N 254 
PHE CE1 HE1  sing N N 255 
PHE CE2 CZ   sing Y N 256 
PHE CE2 HE2  sing N N 257 
PHE CZ  HZ   sing N N 258 
PHE OXT HXT  sing N N 259 
PRO N   CA   sing N N 260 
PRO N   CD   sing N N 261 
PRO N   H    sing N N 262 
PRO CA  C    sing N N 263 
PRO CA  CB   sing N N 264 
PRO CA  HA   sing N N 265 
PRO C   O    doub N N 266 
PRO C   OXT  sing N N 267 
PRO CB  CG   sing N N 268 
PRO CB  HB2  sing N N 269 
PRO CB  HB3  sing N N 270 
PRO CG  CD   sing N N 271 
PRO CG  HG2  sing N N 272 
PRO CG  HG3  sing N N 273 
PRO CD  HD2  sing N N 274 
PRO CD  HD3  sing N N 275 
PRO OXT HXT  sing N N 276 
SER N   CA   sing N N 277 
SER N   H    sing N N 278 
SER N   H2   sing N N 279 
SER CA  C    sing N N 280 
SER CA  CB   sing N N 281 
SER CA  HA   sing N N 282 
SER C   O    doub N N 283 
SER C   OXT  sing N N 284 
SER CB  OG   sing N N 285 
SER CB  HB2  sing N N 286 
SER CB  HB3  sing N N 287 
SER OG  HG   sing N N 288 
SER OXT HXT  sing N N 289 
SO4 S   O1   doub N N 290 
SO4 S   O2   doub N N 291 
SO4 S   O3   sing N N 292 
SO4 S   O4   sing N N 293 
THR N   CA   sing N N 294 
THR N   H    sing N N 295 
THR N   H2   sing N N 296 
THR CA  C    sing N N 297 
THR CA  CB   sing N N 298 
THR CA  HA   sing N N 299 
THR C   O    doub N N 300 
THR C   OXT  sing N N 301 
THR CB  OG1  sing N N 302 
THR CB  CG2  sing N N 303 
THR CB  HB   sing N N 304 
THR OG1 HG1  sing N N 305 
THR CG2 HG21 sing N N 306 
THR CG2 HG22 sing N N 307 
THR CG2 HG23 sing N N 308 
THR OXT HXT  sing N N 309 
TRP N   CA   sing N N 310 
TRP N   H    sing N N 311 
TRP N   H2   sing N N 312 
TRP CA  C    sing N N 313 
TRP CA  CB   sing N N 314 
TRP CA  HA   sing N N 315 
TRP C   O    doub N N 316 
TRP C   OXT  sing N N 317 
TRP CB  CG   sing N N 318 
TRP CB  HB2  sing N N 319 
TRP CB  HB3  sing N N 320 
TRP CG  CD1  doub Y N 321 
TRP CG  CD2  sing Y N 322 
TRP CD1 NE1  sing Y N 323 
TRP CD1 HD1  sing N N 324 
TRP CD2 CE2  doub Y N 325 
TRP CD2 CE3  sing Y N 326 
TRP NE1 CE2  sing Y N 327 
TRP NE1 HE1  sing N N 328 
TRP CE2 CZ2  sing Y N 329 
TRP CE3 CZ3  doub Y N 330 
TRP CE3 HE3  sing N N 331 
TRP CZ2 CH2  doub Y N 332 
TRP CZ2 HZ2  sing N N 333 
TRP CZ3 CH2  sing Y N 334 
TRP CZ3 HZ3  sing N N 335 
TRP CH2 HH2  sing N N 336 
TRP OXT HXT  sing N N 337 
TYR N   CA   sing N N 338 
TYR N   H    sing N N 339 
TYR N   H2   sing N N 340 
TYR CA  C    sing N N 341 
TYR CA  CB   sing N N 342 
TYR CA  HA   sing N N 343 
TYR C   O    doub N N 344 
TYR C   OXT  sing N N 345 
TYR CB  CG   sing N N 346 
TYR CB  HB2  sing N N 347 
TYR CB  HB3  sing N N 348 
TYR CG  CD1  doub Y N 349 
TYR CG  CD2  sing Y N 350 
TYR CD1 CE1  sing Y N 351 
TYR CD1 HD1  sing N N 352 
TYR CD2 CE2  doub Y N 353 
TYR CD2 HD2  sing N N 354 
TYR CE1 CZ   doub Y N 355 
TYR CE1 HE1  sing N N 356 
TYR CE2 CZ   sing Y N 357 
TYR CE2 HE2  sing N N 358 
TYR CZ  OH   sing N N 359 
TYR OH  HH   sing N N 360 
TYR OXT HXT  sing N N 361 
VAL N   CA   sing N N 362 
VAL N   H    sing N N 363 
VAL N   H2   sing N N 364 
VAL CA  C    sing N N 365 
VAL CA  CB   sing N N 366 
VAL CA  HA   sing N N 367 
VAL C   O    doub N N 368 
VAL C   OXT  sing N N 369 
VAL CB  CG1  sing N N 370 
VAL CB  CG2  sing N N 371 
VAL CB  HB   sing N N 372 
VAL CG1 HG11 sing N N 373 
VAL CG1 HG12 sing N N 374 
VAL CG1 HG13 sing N N 375 
VAL CG2 HG21 sing N N 376 
VAL CG2 HG22 sing N N 377 
VAL CG2 HG23 sing N N 378 
VAL OXT HXT  sing N N 379 
# 
_atom_sites.entry_id                    6DCE 
_atom_sites.fract_transf_matrix[1][1]   -0.01211988 
_atom_sites.fract_transf_matrix[1][2]   -0.02811553 
_atom_sites.fract_transf_matrix[1][3]   0.01087317 
_atom_sites.fract_transf_matrix[2][1]   0.00235998 
_atom_sites.fract_transf_matrix[2][2]   -0.00482219 
_atom_sites.fract_transf_matrix[2][3]   -0.00983851 
_atom_sites.fract_transf_matrix[3][1]   0.01128156 
_atom_sites.fract_transf_matrix[3][2]   -0.00320847 
_atom_sites.fract_transf_matrix[3][3]   0.00427871 
_atom_sites.fract_transf_vector[1]      0.444709 
_atom_sites.fract_transf_vector[2]      0.355630 
_atom_sites.fract_transf_vector[3]      0.412212 
# 
loop_
_atom_type.symbol 
C  
N  
O  
S  
SE 
# 
loop_
_atom_site.group_PDB 
_atom_site.id 
_atom_site.type_symbol 
_atom_site.label_atom_id 
_atom_site.label_alt_id 
_atom_site.label_comp_id 
_atom_site.label_asym_id 
_atom_site.label_entity_id 
_atom_site.label_seq_id 
_atom_site.pdbx_PDB_ins_code 
_atom_site.Cartn_x 
_atom_site.Cartn_y 
_atom_site.Cartn_z 
_atom_site.occupancy 
_atom_site.B_iso_or_equiv 
_atom_site.pdbx_formal_charge 
_atom_site.auth_seq_id 
_atom_site.auth_comp_id 
_atom_site.auth_asym_id 
_atom_site.auth_atom_id 
_atom_site.pdbx_PDB_model_num 
ATOM   1   N  N   . GLU A 1 1  ? -18.122 1.819   10.540  1.00 29.04 ? 1494 GLU A N   1 
ATOM   2   C  CA  . GLU A 1 1  ? -16.764 2.132   10.109  1.00 23.95 ? 1494 GLU A CA  1 
ATOM   3   C  C   . GLU A 1 1  ? -16.774 2.758   8.714   1.00 23.20 ? 1494 GLU A C   1 
ATOM   4   O  O   . GLU A 1 1  ? -17.616 2.436   7.888   1.00 25.32 ? 1494 GLU A O   1 
ATOM   5   C  CB  . GLU A 1 1  ? -15.893 0.879   10.109  1.00 29.24 ? 1494 GLU A CB  1 
ATOM   6   C  CG  . GLU A 1 1  ? -15.208 0.586   11.436  1.00 37.25 ? 1494 GLU A CG  1 
ATOM   7   C  CD  . GLU A 1 1  ? -14.132 -0.473  11.304  1.00 38.82 ? 1494 GLU A CD  1 
ATOM   8   O  OE1 . GLU A 1 1  ? -14.476 -1.643  11.023  1.00 42.71 ? 1494 GLU A OE1 1 
ATOM   9   O  OE2 . GLU A 1 1  ? -12.940 -0.132  11.454  1.00 38.57 ? 1494 GLU A OE2 1 
ATOM   10  N  N   . LYS A 1 2  ? -15.813 3.644   8.463   1.00 19.38 ? 1495 LYS A N   1 
ATOM   11  C  CA  . LYS A 1 2  ? -15.665 4.343   7.193   1.00 17.64 ? 1495 LYS A CA  1 
ATOM   12  C  C   . LYS A 1 2  ? -14.220 4.207   6.739   1.00 18.56 ? 1495 LYS A C   1 
ATOM   13  O  O   . LYS A 1 2  ? -13.327 3.975   7.559   1.00 18.77 ? 1495 LYS A O   1 
ATOM   14  C  CB  . LYS A 1 2  ? -16.055 5.817   7.326   1.00 19.00 ? 1495 LYS A CB  1 
ATOM   15  C  CG  . LYS A 1 2  ? -17.530 5.989   7.739   1.00 20.68 ? 1495 LYS A CG  1 
ATOM   16  C  CD  . LYS A 1 2  ? -18.089 7.291   7.168   1.00 27.20 ? 1495 LYS A CD  1 
ATOM   17  C  CE  . LYS A 1 2  ? -19.590 7.418   7.337   1.00 32.97 ? 1495 LYS A CE  1 
ATOM   18  N  NZ  . LYS A 1 2  ? -20.104 8.645   6.649   1.00 34.21 ? 1495 LYS A NZ  1 
ATOM   19  N  N   . ILE A 1 3  ? -13.993 4.329   5.427   1.00 15.95 ? 1496 ILE A N   1 
ATOM   20  C  CA  . ILE A 1 3  ? -12.668 4.119   4.830   1.00 14.92 ? 1496 ILE A CA  1 
ATOM   21  C  C   . ILE A 1 3  ? -11.858 5.412   4.914   1.00 15.74 ? 1496 ILE A C   1 
ATOM   22  O  O   . ILE A 1 3  ? -12.267 6.454   4.390   1.00 16.63 ? 1496 ILE A O   1 
ATOM   23  C  CB  . ILE A 1 3  ? -12.782 3.656   3.368   1.00 16.22 ? 1496 ILE A CB  1 
ATOM   24  C  CG1 . ILE A 1 3  ? -13.535 2.336   3.240   1.00 18.72 ? 1496 ILE A CG1 1 
ATOM   25  C  CG2 . ILE A 1 3  ? -11.396 3.512   2.727   1.00 17.75 ? 1496 ILE A CG2 1 
ATOM   26  C  CD1 . ILE A 1 3  ? -13.818 1.996   1.779   1.00 19.73 ? 1496 ILE A CD1 1 
ATOM   27  N  N   . ALA A 1 4  ? -10.689 5.344   5.545   1.00 14.73 ? 1497 ALA A N   1 
ATOM   28  C  CA  . ALA A 1 4  ? -9.788  6.484   5.559   1.00 14.35 ? 1497 ALA A CA  1 
ATOM   29  C  C   . ALA A 1 4  ? -9.184  6.709   4.177   1.00 16.49 ? 1497 ALA A C   1 
ATOM   30  O  O   . ALA A 1 4  ? -8.934  5.764   3.426   1.00 17.17 ? 1497 ALA A O   1 
ATOM   31  C  CB  . ALA A 1 4  ? -8.668  6.257   6.570   1.00 15.28 ? 1497 ALA A CB  1 
ATOM   32  N  N   . ILE A 1 5  ? -8.956  7.977   3.839   1.00 15.59 ? 1498 ILE A N   1 
ATOM   33  C  CA  . ILE A 1 5  ? -8.423  8.327   2.528   1.00 15.21 ? 1498 ILE A CA  1 
ATOM   34  C  C   . ILE A 1 5  ? -7.125  9.104   2.609   1.00 15.62 ? 1498 ILE A C   1 
ATOM   35  O  O   . ILE A 1 5  ? -6.528  9.387   1.569   1.00 17.21 ? 1498 ILE A O   1 
ATOM   36  C  CB  . ILE A 1 5  ? -9.454  9.104   1.684   1.00 19.48 ? 1498 ILE A CB  1 
ATOM   37  C  CG1 . ILE A 1 5  ? -9.782  10.446  2.328   1.00 21.20 ? 1498 ILE A CG1 1 
ATOM   38  C  CG2 . ILE A 1 5  ? -10.706 8.269   1.521   1.00 23.43 ? 1498 ILE A CG2 1 
ATOM   39  C  CD1 . ILE A 1 5  ? -10.747 11.297  1.498   1.00 25.25 ? 1498 ILE A CD1 1 
ATOM   40  N  N   . ARG A 1 6  ? -6.668  9.462   3.805   1.00 16.75 ? 1499 ARG A N   1 
ATOM   41  C  CA  . ARG A 1 6  ? -5.392  10.150  3.954   1.00 20.12 ? 1499 ARG A CA  1 
ATOM   42  C  C   . ARG A 1 6  ? -4.998  10.079  5.417   1.00 21.71 ? 1499 ARG A C   1 
ATOM   43  O  O   . ARG A 1 6  ? -5.791  9.675   6.274   1.00 21.98 ? 1499 ARG A O   1 
ATOM   44  C  CB  . ARG A 1 6  ? -5.451  11.603  3.461   1.00 21.89 ? 1499 ARG A CB  1 
ATOM   45  C  CG  . ARG A 1 6  ? -6.301  12.547  4.273   1.00 22.25 ? 1499 ARG A CG  1 
ATOM   46  C  CD  . ARG A 1 6  ? -6.152  13.962  3.689   1.00 27.66 ? 1499 ARG A CD  1 
ATOM   47  N  NE  . ARG A 1 6  ? -4.788  14.178  3.197   1.00 33.73 ? 1499 ARG A NE  1 
ATOM   48  C  CZ  . ARG A 1 6  ? -4.472  14.950  2.160   1.00 31.10 ? 1499 ARG A CZ  1 
ATOM   49  N  NH1 . ARG A 1 6  ? -3.206  15.069  1.786   1.00 33.92 ? 1499 ARG A NH1 1 
ATOM   50  N  NH2 . ARG A 1 6  ? -5.423  15.585  1.484   1.00 32.62 ? 1499 ARG A NH2 1 
ATOM   51  N  N   . ASP A 1 7  ? -3.747  10.463  5.683   1.00 23.71 ? 1500 ASP A N   1 
ATOM   52  C  CA  . ASP A 1 7  ? -3.204  10.569  7.038   1.00 24.35 ? 1500 ASP A CA  1 
ATOM   53  C  C   . ASP A 1 7  ? -3.467  9.294   7.836   1.00 23.93 ? 1500 ASP A C   1 
ATOM   54  O  O   . ASP A 1 7  ? -4.031  9.309   8.932   1.00 26.25 ? 1500 ASP A O   1 
ATOM   55  C  CB  . ASP A 1 7  ? -3.770  11.789  7.761   1.00 28.77 ? 1500 ASP A CB  1 
ATOM   56  C  CG  . ASP A 1 7  ? -3.097  12.027  9.098   1.00 39.51 ? 1500 ASP A CG  1 
ATOM   57  O  OD1 . ASP A 1 7  ? -1.883  11.744  9.202   1.00 40.18 ? 1500 ASP A OD1 1 
ATOM   58  O  OD2 . ASP A 1 7  ? -3.781  12.476  10.041  1.00 44.22 ? 1500 ASP A OD2 1 
ATOM   59  N  N   . PHE A 1 8  ? -3.032  8.183   7.260   1.00 22.45 ? 1501 PHE A N   1 
ATOM   60  C  CA  . PHE A 1 8  ? -3.434  6.875   7.762   1.00 18.77 ? 1501 PHE A CA  1 
ATOM   61  C  C   . PHE A 1 8  ? -2.854  6.597   9.138   1.00 25.09 ? 1501 PHE A C   1 
ATOM   62  O  O   . PHE A 1 8  ? -1.665  6.827   9.383   1.00 27.01 ? 1501 PHE A O   1 
ATOM   63  C  CB  . PHE A 1 8  ? -3.008  5.806   6.772   1.00 19.89 ? 1501 PHE A CB  1 
ATOM   64  C  CG  . PHE A 1 8  ? -3.626  5.981   5.431   1.00 18.68 ? 1501 PHE A CG  1 
ATOM   65  C  CD1 . PHE A 1 8  ? -4.957  5.657   5.236   1.00 16.70 ? 1501 PHE A CD1 1 
ATOM   66  C  CD2 . PHE A 1 8  ? -2.907  6.505   4.372   1.00 20.10 ? 1501 PHE A CD2 1 
ATOM   67  C  CE1 . PHE A 1 8  ? -5.540  5.817   4.009   1.00 15.67 ? 1501 PHE A CE1 1 
ATOM   68  C  CE2 . PHE A 1 8  ? -3.494  6.669   3.128   1.00 21.22 ? 1501 PHE A CE2 1 
ATOM   69  C  CZ  . PHE A 1 8  ? -4.823  6.330   2.952   1.00 17.36 ? 1501 PHE A CZ  1 
ATOM   70  N  N   . GLN A 1 9  ? -3.711  6.115   10.035  1.00 19.76 ? 1502 GLN A N   1 
ATOM   71  C  CA  . GLN A 1 9  ? -3.364  5.789   11.409  1.00 20.33 ? 1502 GLN A CA  1 
ATOM   72  C  C   . GLN A 1 9  ? -3.600  4.308   11.663  1.00 19.72 ? 1502 GLN A C   1 
ATOM   73  O  O   . GLN A 1 9  ? -4.410  3.670   10.990  1.00 18.52 ? 1502 GLN A O   1 
ATOM   74  C  CB  . GLN A 1 9  ? -4.207  6.599   12.399  1.00 26.26 ? 1502 GLN A CB  1 
ATOM   75  C  CG  . GLN A 1 9  ? -4.219  8.101   12.160  1.00 30.05 ? 1502 GLN A CG  1 
ATOM   76  C  CD  . GLN A 1 9  ? -2.902  8.747   12.522  1.00 30.58 ? 1502 GLN A CD  1 
ATOM   77  O  OE1 . GLN A 1 9  ? -2.209  9.301   11.666  1.00 37.20 ? 1502 GLN A OE1 1 
ATOM   78  N  NE2 . GLN A 1 9  ? -2.545  8.685   13.803  1.00 31.88 ? 1502 GLN A NE2 1 
ATOM   79  N  N   . VAL A 1 10 ? -2.891  3.771   12.661  1.00 17.33 ? 1503 VAL A N   1 
ATOM   80  C  CA  . VAL A 1 10 ? -3.102  2.393   13.088  1.00 18.36 ? 1503 VAL A CA  1 
ATOM   81  C  C   . VAL A 1 10 ? -4.578  2.143   13.324  1.00 20.23 ? 1503 VAL A C   1 
ATOM   82  O  O   . VAL A 1 10 ? -5.251  2.920   14.012  1.00 20.62 ? 1503 VAL A O   1 
ATOM   83  C  CB  . VAL A 1 10 ? -2.287  2.097   14.360  1.00 16.71 ? 1503 VAL A CB  1 
ATOM   84  C  CG1 . VAL A 1 10 ? -2.596  0.700   14.864  1.00 20.90 ? 1503 VAL A CG1 1 
ATOM   85  C  CG2 . VAL A 1 10 ? -0.802  2.276   14.087  1.00 19.30 ? 1503 VAL A CG2 1 
ATOM   86  N  N   . GLY A 1 11 ? -5.089  1.045   12.756  1.00 16.71 ? 1504 GLY A N   1 
ATOM   87  C  CA  . GLY A 1 11 ? -6.469  0.656   12.930  1.00 20.01 ? 1504 GLY A CA  1 
ATOM   88  C  C   . GLY A 1 11 ? -7.446  1.235   11.929  1.00 19.85 ? 1504 GLY A C   1 
ATOM   89  O  O   . GLY A 1 11 ? -8.632  0.870   11.970  1.00 21.08 ? 1504 GLY A O   1 
ATOM   90  N  N   . ASP A 1 12 ? -7.010  2.152   11.067  1.00 17.97 ? 1505 ASP A N   1 
ATOM   91  C  CA  . ASP A 1 12 ? -7.898  2.695   10.046  1.00 16.03 ? 1505 ASP A CA  1 
ATOM   92  C  C   . ASP A 1 12 ? -8.328  1.591   9.097   1.00 18.34 ? 1505 ASP A C   1 
ATOM   93  O  O   . ASP A 1 12 ? -7.527  0.733   8.716   1.00 17.50 ? 1505 ASP A O   1 
ATOM   94  C  CB  . ASP A 1 12 ? -7.211  3.796   9.233   1.00 18.47 ? 1505 ASP A CB  1 
ATOM   95  C  CG  . ASP A 1 12 ? -7.198  5.141   9.927   1.00 21.82 ? 1505 ASP A CG  1 
ATOM   96  O  OD1 . ASP A 1 12 ? -7.870  5.303   10.973  1.00 27.03 ? 1505 ASP A OD1 1 
ATOM   97  O  OD2 . ASP A 1 12 ? -6.515  6.052   9.398   1.00 23.76 ? 1505 ASP A OD2 1 
ATOM   98  N  N   . LEU A 1 13 ? -9.606  1.610   8.732   1.00 16.06 ? 1506 LEU A N   1 
ATOM   99  C  CA  . LEU A 1 13 ? -10.083 0.836   7.595   1.00 14.71 ? 1506 LEU A CA  1 
ATOM   100 C  C   . LEU A 1 13 ? -9.623  1.514   6.311   1.00 16.32 ? 1506 LEU A C   1 
ATOM   101 O  O   . LEU A 1 13 ? -9.752  2.733   6.160   1.00 16.03 ? 1506 LEU A O   1 
ATOM   102 C  CB  . LEU A 1 13 ? -11.610 0.750   7.620   1.00 16.32 ? 1506 LEU A CB  1 
ATOM   103 C  CG  . LEU A 1 13 ? -12.287 -0.022  6.492   1.00 17.90 ? 1506 LEU A CG  1 
ATOM   104 C  CD1 . LEU A 1 13 ? -11.952 -1.491  6.582   1.00 21.82 ? 1506 LEU A CD1 1 
ATOM   105 C  CD2 . LEU A 1 13 ? -13.806 0.204   6.547   1.00 19.96 ? 1506 LEU A CD2 1 
ATOM   106 N  N   . VAL A 1 14 ? -9.038  0.735   5.396   1.00 14.08 ? 1507 VAL A N   1 
ATOM   107 C  CA  . VAL A 1 14 ? -8.510  1.275   4.150   1.00 13.62 ? 1507 VAL A CA  1 
ATOM   108 C  C   . VAL A 1 14 ? -8.897  0.362   2.998   1.00 13.56 ? 1507 VAL A C   1 
ATOM   109 O  O   . VAL A 1 14 ? -9.169  -0.831  3.173   1.00 14.75 ? 1507 VAL A O   1 
ATOM   110 C  CB  . VAL A 1 14 ? -6.971  1.442   4.183   1.00 15.00 ? 1507 VAL A CB  1 
ATOM   111 C  CG1 . VAL A 1 14 ? -6.588  2.534   5.146   1.00 15.04 ? 1507 VAL A CG1 1 
ATOM   112 C  CG2 . VAL A 1 14 ? -6.322  0.118   4.560   1.00 15.50 ? 1507 VAL A CG2 1 
ATOM   113 N  N   . LEU A 1 15 ? -8.911  0.942   1.806   1.00 15.02 ? 1508 LEU A N   1 
ATOM   114 C  CA  . LEU A 1 15 ? -9.149  0.206   0.580   1.00 16.30 ? 1508 LEU A CA  1 
ATOM   115 C  C   . LEU A 1 15 ? -7.804  -0.015  -0.098  1.00 15.00 ? 1508 LEU A C   1 
ATOM   116 O  O   . LEU A 1 15 ? -7.099  0.947   -0.417  1.00 16.88 ? 1508 LEU A O   1 
ATOM   117 C  CB  . LEU A 1 15 ? -10.111 0.967   -0.331  1.00 16.46 ? 1508 LEU A CB  1 
ATOM   118 C  CG  . LEU A 1 15 ? -10.479 0.203   -1.601  1.00 17.42 ? 1508 LEU A CG  1 
ATOM   119 C  CD1 . LEU A 1 15 ? -11.270 -1.043  -1.253  1.00 19.87 ? 1508 LEU A CD1 1 
ATOM   120 C  CD2 . LEU A 1 15 ? -11.261 1.115   -2.540  1.00 19.80 ? 1508 LEU A CD2 1 
ATOM   121 N  N   . ILE A 1 16 ? -7.433  -1.272  -0.279  1.00 15.33 ? 1509 ILE A N   1 
ATOM   122 C  CA  . ILE A 1 16 ? -6.154  -1.616  -0.884  1.00 16.23 ? 1509 ILE A CA  1 
ATOM   123 C  C   . ILE A 1 16 ? -6.439  -1.967  -2.335  1.00 17.24 ? 1509 ILE A C   1 
ATOM   124 O  O   . ILE A 1 16 ? -7.288  -2.823  -2.607  1.00 18.80 ? 1509 ILE A O   1 
ATOM   125 C  CB  . ILE A 1 16 ? -5.480  -2.766  -0.131  1.00 16.00 ? 1509 ILE A CB  1 
ATOM   126 C  CG1 . ILE A 1 16 ? -5.105  -2.283  1.276   1.00 19.57 ? 1509 ILE A CG1 1 
ATOM   127 C  CG2 . ILE A 1 16 ? -4.257  -3.252  -0.901  1.00 18.65 ? 1509 ILE A CG2 1 
ATOM   128 C  CD1 . ILE A 1 16 ? -5.413  -3.244  2.348   1.00 22.43 ? 1509 ILE A CD1 1 
ATOM   129 N  N   . ILE A 1 17 ? -5.779  -1.268  -3.265  1.00 15.85 ? 1510 ILE A N   1 
ATOM   130 C  CA  . ILE A 1 17 ? -6.100  -1.358  -4.686  1.00 18.88 ? 1510 ILE A CA  1 
ATOM   131 C  C   . ILE A 1 17 ? -4.845  -1.702  -5.476  1.00 19.84 ? 1510 ILE A C   1 
ATOM   132 O  O   . ILE A 1 17 ? -3.726  -1.334  -5.109  1.00 19.13 ? 1510 ILE A O   1 
ATOM   133 C  CB  . ILE A 1 17 ? -6.740  -0.050  -5.227  1.00 17.94 ? 1510 ILE A CB  1 
ATOM   134 C  CG1 . ILE A 1 17 ? -5.755  1.110   -5.167  1.00 21.47 ? 1510 ILE A CG1 1 
ATOM   135 C  CG2 . ILE A 1 17 ? -8.010  0.288   -4.453  1.00 21.82 ? 1510 ILE A CG2 1 
ATOM   136 C  CD1 . ILE A 1 17 ? -6.332  2.415   -5.681  1.00 27.62 ? 1510 ILE A CD1 1 
ATOM   137 N  N   . LEU A 1 18 ? -5.039  -2.406  -6.588  1.00 18.79 ? 1511 LEU A N   1 
ATOM   138 C  CA  . LEU A 1 18 ? -3.928  -2.701  -7.483  1.00 20.90 ? 1511 LEU A CA  1 
ATOM   139 C  C   . LEU A 1 18 ? -3.609  -1.462  -8.310  1.00 22.65 ? 1511 LEU A C   1 
ATOM   140 O  O   . LEU A 1 18 ? -4.473  -0.938  -9.022  1.00 25.28 ? 1511 LEU A O   1 
ATOM   141 C  CB  . LEU A 1 18 ? -4.261  -3.886  -8.382  1.00 20.97 ? 1511 LEU A CB  1 
ATOM   142 C  CG  . LEU A 1 18 ? -3.164  -4.298  -9.355  1.00 21.68 ? 1511 LEU A CG  1 
ATOM   143 C  CD1 . LEU A 1 18 ? -1.872  -4.600  -8.630  1.00 22.84 ? 1511 LEU A CD1 1 
ATOM   144 C  CD2 . LEU A 1 18 ? -3.608  -5.520  -10.143 1.00 28.48 ? 1511 LEU A CD2 1 
ATOM   145 N  N   . ASP A 1 19 ? -2.379  -0.982  -8.194  1.00 20.89 ? 1512 ASP A N   1 
ATOM   146 C  CA  . ASP A 1 19 ? -1.903  0.181   -8.934  1.00 25.05 ? 1512 ASP A CA  1 
ATOM   147 C  C   . ASP A 1 19 ? -1.205  -0.335  -10.184 1.00 25.50 ? 1512 ASP A C   1 
ATOM   148 O  O   . ASP A 1 19 ? -0.141  -0.952  -10.092 1.00 27.81 ? 1512 ASP A O   1 
ATOM   149 C  CB  . ASP A 1 19 ? -0.959  1.013   -8.062  1.00 25.85 ? 1512 ASP A CB  1 
ATOM   150 C  CG  . ASP A 1 19 ? -0.395  2.245   -8.777  1.00 32.57 ? 1512 ASP A CG  1 
ATOM   151 O  OD1 . ASP A 1 19 ? -0.378  2.294   -10.027 1.00 35.57 ? 1512 ASP A OD1 1 
ATOM   152 O  OD2 . ASP A 1 19 ? 0.064   3.172   -8.074  1.00 34.81 ? 1512 ASP A OD2 1 
ATOM   153 N  N   . GLU A 1 20 ? -1.788  -0.061  -11.352 1.00 29.49 ? 1513 GLU A N   1 
ATOM   154 C  CA  . GLU A 1 20 ? -1.231  -0.592  -12.597 1.00 33.02 ? 1513 GLU A CA  1 
ATOM   155 C  C   . GLU A 1 20 ? 0.139   0.005   -12.900 1.00 32.29 ? 1513 GLU A C   1 
ATOM   156 O  O   . GLU A 1 20 ? 1.061   -0.718  -13.299 1.00 35.36 ? 1513 GLU A O   1 
ATOM   157 C  CB  . GLU A 1 20 ? -2.192  -0.333  -13.759 1.00 41.25 ? 1513 GLU A CB  1 
ATOM   158 C  CG  . GLU A 1 20 ? -2.753  1.087   -13.816 1.00 39.87 ? 1513 GLU A CG  1 
ATOM   159 C  CD  . GLU A 1 20 ? -4.007  1.261   -12.976 1.00 46.00 ? 1513 GLU A CD  1 
ATOM   160 O  OE1 . GLU A 1 20 ? -5.116  1.249   -13.552 1.00 50.12 ? 1513 GLU A OE1 1 
ATOM   161 O  OE2 . GLU A 1 20 ? -3.886  1.406   -11.741 1.00 41.53 ? 1513 GLU A OE2 1 
ATOM   162 N  N   . ARG A 1 21 ? 0.292   1.318   -12.714 1.00 33.51 ? 1514 ARG A N   1 
ATOM   163 C  CA  . ARG A 1 21 ? 1.544   1.985   -13.064 1.00 32.68 ? 1514 ARG A CA  1 
ATOM   164 C  C   . ARG A 1 21 ? 2.723   1.399   -12.298 1.00 33.23 ? 1514 ARG A C   1 
ATOM   165 O  O   . ARG A 1 21 ? 3.827   1.274   -12.842 1.00 33.31 ? 1514 ARG A O   1 
ATOM   166 C  CB  . ARG A 1 21 ? 1.419   3.485   -12.799 1.00 36.43 ? 1514 ARG A CB  1 
ATOM   167 C  CG  . ARG A 1 21 ? 2.676   4.287   -13.096 1.00 36.56 ? 1514 ARG A CG  1 
ATOM   168 C  CD  . ARG A 1 21 ? 2.423   5.765   -12.852 1.00 42.21 ? 1514 ARG A CD  1 
ATOM   169 N  NE  . ARG A 1 21 ? 3.654   6.547   -12.816 1.00 49.16 ? 1514 ARG A NE  1 
ATOM   170 C  CZ  . ARG A 1 21 ? 3.713   7.827   -12.459 1.00 43.32 ? 1514 ARG A CZ  1 
ATOM   171 N  NH1 . ARG A 1 21 ? 2.610   8.471   -12.105 1.00 41.87 ? 1514 ARG A NH1 1 
ATOM   172 N  NH2 . ARG A 1 21 ? 4.876   8.463   -12.454 1.00 45.99 ? 1514 ARG A NH2 1 
ATOM   173 N  N   . HIS A 1 22 ? 2.517   1.042   -11.032 1.00 27.43 ? 1515 HIS A N   1 
ATOM   174 C  CA  . HIS A 1 22 ? 3.581   0.479   -10.217 1.00 28.15 ? 1515 HIS A CA  1 
ATOM   175 C  C   . HIS A 1 22 ? 3.483   -1.038  -10.068 1.00 29.70 ? 1515 HIS A C   1 
ATOM   176 O  O   . HIS A 1 22 ? 4.331   -1.632  -9.396  1.00 31.83 ? 1515 HIS A O   1 
ATOM   177 C  CB  . HIS A 1 22 ? 3.583   1.148   -8.836  1.00 29.65 ? 1515 HIS A CB  1 
ATOM   178 C  CG  . HIS A 1 22 ? 3.803   2.628   -8.891  1.00 25.31 ? 1515 HIS A CG  1 
ATOM   179 N  ND1 . HIS A 1 22 ? 2.770   3.534   -8.997  1.00 29.42 ? 1515 HIS A ND1 1 
ATOM   180 C  CD2 . HIS A 1 22 ? 4.944   3.359   -8.891  1.00 25.45 ? 1515 HIS A CD2 1 
ATOM   181 C  CE1 . HIS A 1 22 ? 3.264   4.759   -9.038  1.00 27.05 ? 1515 HIS A CE1 1 
ATOM   182 N  NE2 . HIS A 1 22 ? 4.580   4.679   -8.981  1.00 27.98 ? 1515 HIS A NE2 1 
ATOM   183 N  N   . ASP A 1 23 ? 2.499   -1.664  -10.721 1.00 28.93 ? 1516 ASP A N   1 
ATOM   184 C  CA  . ASP A 1 23 ? 2.085   -3.056  -10.530 1.00 31.11 ? 1516 ASP A CA  1 
ATOM   185 C  C   . ASP A 1 23 ? 2.318   -3.553  -9.110  1.00 33.02 ? 1516 ASP A C   1 
ATOM   186 O  O   . ASP A 1 23 ? 3.003   -4.556  -8.876  1.00 31.09 ? 1516 ASP A O   1 
ATOM   187 C  CB  . ASP A 1 23 ? 2.763   -3.986  -11.529 1.00 39.10 ? 1516 ASP A CB  1 
ATOM   188 C  CG  . ASP A 1 23 ? 1.927   -5.217  -11.798 1.00 40.95 ? 1516 ASP A CG  1 
ATOM   189 O  OD1 . ASP A 1 23 ? 0.804   -5.054  -12.325 1.00 43.55 ? 1516 ASP A OD1 1 
ATOM   190 O  OD2 . ASP A 1 23 ? 2.370   -6.335  -11.456 1.00 48.50 ? 1516 ASP A OD2 1 
ATOM   191 N  N   . ASN A 1 24 ? 1.728   -2.845  -8.158  1.00 25.53 ? 1517 ASN A N   1 
ATOM   192 C  CA  . ASN A 1 24 ? 1.842   -3.168  -6.750  1.00 22.59 ? 1517 ASN A CA  1 
ATOM   193 C  C   . ASN A 1 24 ? 0.535   -2.739  -6.122  1.00 16.44 ? 1517 ASN A C   1 
ATOM   194 O  O   . ASN A 1 24 ? -0.145  -1.853  -6.638  1.00 20.09 ? 1517 ASN A O   1 
ATOM   195 C  CB  . ASN A 1 24 ? 3.020   -2.435  -6.091  1.00 28.11 ? 1517 ASN A CB  1 
ATOM   196 C  CG  . ASN A 1 24 ? 3.491   -3.083  -4.786  1.00 31.63 ? 1517 ASN A CG  1 
ATOM   197 O  OD1 . ASN A 1 24 ? 2.809   -3.049  -3.753  1.00 34.93 ? 1517 ASN A OD1 1 
ATOM   198 N  ND2 . ASN A 1 24 ? 4.681   -3.668  -4.834  1.00 33.48 ? 1517 ASN A ND2 1 
ATOM   199 N  N   . TYR A 1 25 ? 0.182   -3.374  -5.013  1.00 19.23 ? 1518 TYR A N   1 
ATOM   200 C  CA  . TYR A 1 25 ? -0.961  -2.907  -4.243  1.00 17.15 ? 1518 TYR A CA  1 
ATOM   201 C  C   . TYR A 1 25 ? -0.578  -1.670  -3.444  1.00 16.31 ? 1518 TYR A C   1 
ATOM   202 O  O   . TYR A 1 25 ? 0.545   -1.561  -2.946  1.00 16.06 ? 1518 TYR A O   1 
ATOM   203 C  CB  . TYR A 1 25 ? -1.485  -4.013  -3.327  1.00 15.39 ? 1518 TYR A CB  1 
ATOM   204 C  CG  . TYR A 1 25 ? -2.264  -5.047  -4.095  1.00 16.45 ? 1518 TYR A CG  1 
ATOM   205 C  CD1 . TYR A 1 25 ? -3.581  -4.813  -4.443  1.00 16.91 ? 1518 TYR A CD1 1 
ATOM   206 C  CD2 . TYR A 1 25 ? -1.678  -6.241  -4.480  1.00 21.13 ? 1518 TYR A CD2 1 
ATOM   207 C  CE1 . TYR A 1 25 ? -4.313  -5.760  -5.155  1.00 19.59 ? 1518 TYR A CE1 1 
ATOM   208 C  CE2 . TYR A 1 25 ? -2.396  -7.190  -5.181  1.00 20.56 ? 1518 TYR A CE2 1 
ATOM   209 C  CZ  . TYR A 1 25 ? -3.709  -6.937  -5.520  1.00 22.00 ? 1518 TYR A CZ  1 
ATOM   210 O  OH  . TYR A 1 25 ? -4.439  -7.880  -6.232  1.00 24.63 ? 1518 TYR A OH  1 
ATOM   211 N  N   . VAL A 1 26 ? -1.501  -0.713  -3.392  1.00 14.03 ? 1519 VAL A N   1 
ATOM   212 C  CA  . VAL A 1 26 ? -1.313  0.551   -2.689  1.00 15.82 ? 1519 VAL A CA  1 
ATOM   213 C  C   . VAL A 1 26 ? -2.594  0.852   -1.926  1.00 18.47 ? 1519 VAL A C   1 
ATOM   214 O  O   . VAL A 1 26 ? -3.661  0.301   -2.206  1.00 16.71 ? 1519 VAL A O   1 
ATOM   215 C  CB  . VAL A 1 26 ? -0.966  1.722   -3.636  1.00 15.99 ? 1519 VAL A CB  1 
ATOM   216 C  CG1 . VAL A 1 26 ? 0.286   1.413   -4.468  1.00 18.94 ? 1519 VAL A CG1 1 
ATOM   217 C  CG2 . VAL A 1 26 ? -2.154  2.050   -4.538  1.00 16.68 ? 1519 VAL A CG2 1 
ATOM   218 N  N   . LEU A 1 27 ? -2.485  1.724   -0.937  1.00 15.13 ? 1520 LEU A N   1 
ATOM   219 C  CA  . LEU A 1 27 ? -3.682  2.206   -0.269  1.00 15.69 ? 1520 LEU A CA  1 
ATOM   220 C  C   . LEU A 1 27 ? -4.367  3.244   -1.148  1.00 15.41 ? 1520 LEU A C   1 
ATOM   221 O  O   . LEU A 1 27 ? -3.712  4.139   -1.701  1.00 16.27 ? 1520 LEU A O   1 
ATOM   222 C  CB  . LEU A 1 27 ? -3.327  2.812   1.087   1.00 15.98 ? 1520 LEU A CB  1 
ATOM   223 C  CG  . LEU A 1 27 ? -3.041  1.912   2.291   1.00 17.55 ? 1520 LEU A CG  1 
ATOM   224 C  CD1 . LEU A 1 27 ? -1.900  0.933   2.061   1.00 24.28 ? 1520 LEU A CD1 1 
ATOM   225 C  CD2 . LEU A 1 27 ? -2.747  2.817   3.495   1.00 18.21 ? 1520 LEU A CD2 1 
ATOM   226 N  N   . PHE A 1 28 ? -5.686  3.123   -1.293  1.00 14.87 ? 1521 PHE A N   1 
ATOM   227 C  CA  . PHE A 1 28 ? -6.446  4.182   -1.941  1.00 15.91 ? 1521 PHE A CA  1 
ATOM   228 C  C   . PHE A 1 28 ? -6.322  5.464   -1.133  1.00 13.85 ? 1521 PHE A C   1 
ATOM   229 O  O   . PHE A 1 28 ? -6.582  5.477   0.074   1.00 14.92 ? 1521 PHE A O   1 
ATOM   230 C  CB  . PHE A 1 28 ? -7.920  3.785   -2.068  1.00 14.55 ? 1521 PHE A CB  1 
ATOM   231 C  CG  . PHE A 1 28 ? -8.765  4.855   -2.695  1.00 17.57 ? 1521 PHE A CG  1 
ATOM   232 C  CD1 . PHE A 1 28 ? -9.273  5.893   -1.933  1.00 17.68 ? 1521 PHE A CD1 1 
ATOM   233 C  CD2 . PHE A 1 28 ? -9.016  4.836   -4.056  1.00 22.29 ? 1521 PHE A CD2 1 
ATOM   234 C  CE1 . PHE A 1 28 ? -10.024 6.896   -2.515  1.00 20.43 ? 1521 PHE A CE1 1 
ATOM   235 C  CE2 . PHE A 1 28 ? -9.784  5.828   -4.645  1.00 22.05 ? 1521 PHE A CE2 1 
ATOM   236 C  CZ  . PHE A 1 28 ? -10.287 6.860   -3.867  1.00 19.89 ? 1521 PHE A CZ  1 
ATOM   237 N  N   . THR A 1 29 ? -5.916  6.551   -1.795  1.00 16.06 ? 1522 THR A N   1 
ATOM   238 C  CA  . THR A 1 29 ? -5.676  7.783   -1.066  1.00 15.66 ? 1522 THR A CA  1 
ATOM   239 C  C   . THR A 1 29 ? -5.885  8.979   -1.979  1.00 17.34 ? 1522 THR A C   1 
ATOM   240 O  O   . THR A 1 29 ? -5.715  8.889   -3.201  1.00 17.76 ? 1522 THR A O   1 
ATOM   241 C  CB  . THR A 1 29 ? -4.257  7.809   -0.471  1.00 16.59 ? 1522 THR A CB  1 
ATOM   242 O  OG1 . THR A 1 29 ? -4.091  8.992   0.322   1.00 16.63 ? 1522 THR A OG1 1 
ATOM   243 C  CG2 . THR A 1 29 ? -3.221  7.810   -1.588  1.00 18.89 ? 1522 THR A CG2 1 
ATOM   244 N  N   . VAL A 1 30 ? -6.295  10.095  -1.365  1.00 16.83 ? 1523 VAL A N   1 
ATOM   245 C  CA  . VAL A 1 30 ? -6.303  11.378  -2.060  1.00 17.89 ? 1523 VAL A CA  1 
ATOM   246 C  C   . VAL A 1 30 ? -5.000  12.137  -1.861  1.00 18.83 ? 1523 VAL A C   1 
ATOM   247 O  O   . VAL A 1 30 ? -4.833  13.219  -2.434  1.00 22.66 ? 1523 VAL A O   1 
ATOM   248 C  CB  . VAL A 1 30 ? -7.509  12.234  -1.628  1.00 19.90 ? 1523 VAL A CB  1 
ATOM   249 C  CG1 . VAL A 1 30 ? -8.809  11.515  -1.996  1.00 21.86 ? 1523 VAL A CG1 1 
ATOM   250 C  CG2 . VAL A 1 30 ? -7.466  12.527  -0.136  1.00 21.56 ? 1523 VAL A CG2 1 
ATOM   251 N  N   . SER A 1 31 ? -4.076  11.598  -1.068  1.00 18.28 ? 1524 SER A N   1 
ATOM   252 C  CA  . SER A 1 31 ? -2.759  12.186  -0.895  1.00 19.91 ? 1524 SER A CA  1 
ATOM   253 C  C   . SER A 1 31 ? -1.929  12.077  -2.177  1.00 18.75 ? 1524 SER A C   1 
ATOM   254 O  O   . SER A 1 31 ? -2.059  11.121  -2.943  1.00 18.74 ? 1524 SER A O   1 
ATOM   255 C  CB  . SER A 1 31 ? -2.030  11.482  0.246   1.00 20.95 ? 1524 SER A CB  1 
ATOM   256 O  OG  . SER A 1 31 ? -0.652  11.816  0.289   1.00 24.22 ? 1524 SER A OG  1 
ATOM   257 N  N   . PRO A 1 32 ? -1.042  13.045  -2.425  1.00 19.25 ? 1525 PRO A N   1 
ATOM   258 C  CA  . PRO A 1 32 ? -0.075  12.891  -3.516  1.00 19.36 ? 1525 PRO A CA  1 
ATOM   259 C  C   . PRO A 1 32 ? 0.986   11.840  -3.228  1.00 20.56 ? 1525 PRO A C   1 
ATOM   260 O  O   . PRO A 1 32 ? 1.693   11.421  -4.148  1.00 23.46 ? 1525 PRO A O   1 
ATOM   261 C  CB  . PRO A 1 32 ? 0.544   14.291  -3.627  1.00 22.38 ? 1525 PRO A CB  1 
ATOM   262 C  CG  . PRO A 1 32 ? 0.433   14.848  -2.241  1.00 27.16 ? 1525 PRO A CG  1 
ATOM   263 C  CD  . PRO A 1 32 ? -0.831  14.273  -1.640  1.00 24.04 ? 1525 PRO A CD  1 
ATOM   264 N  N   . THR A 1 33 ? 1.110   11.399  -1.985  1.00 18.89 ? 1526 THR A N   1 
ATOM   265 C  CA  . THR A 1 33 ? 2.145   10.446  -1.605  1.00 17.99 ? 1526 THR A CA  1 
ATOM   266 C  C   . THR A 1 33 ? 1.673   9.011   -1.817  1.00 17.58 ? 1526 THR A C   1 
ATOM   267 O  O   . THR A 1 33 ? 0.503   8.677   -1.587  1.00 18.83 ? 1526 THR A O   1 
ATOM   268 C  CB  . THR A 1 33 ? 2.531   10.667  -0.144  1.00 19.18 ? 1526 THR A CB  1 
ATOM   269 O  OG1 . THR A 1 33 ? 2.935   12.037  0.028   1.00 23.88 ? 1526 THR A OG1 1 
ATOM   270 C  CG2 . THR A 1 33 ? 3.668   9.734   0.275   1.00 19.23 ? 1526 THR A CG2 1 
ATOM   271 N  N   . LEU A 1 34 ? 2.592   8.155   -2.261  1.00 16.74 ? 1527 LEU A N   1 
ATOM   272 C  CA  . LEU A 1 34 ? 2.284   6.745   -2.431  1.00 15.53 ? 1527 LEU A CA  1 
ATOM   273 C  C   . LEU A 1 34 ? 2.378   5.997   -1.108  1.00 16.82 ? 1527 LEU A C   1 
ATOM   274 O  O   . LEU A 1 34 ? 3.311   6.200   -0.324  1.00 16.75 ? 1527 LEU A O   1 
ATOM   275 C  CB  . LEU A 1 34 ? 3.240   6.117   -3.446  1.00 17.58 ? 1527 LEU A CB  1 
ATOM   276 C  CG  . LEU A 1 34 ? 3.066   6.695   -4.850  1.00 20.39 ? 1527 LEU A CG  1 
ATOM   277 C  CD1 . LEU A 1 34 ? 4.309   6.457   -5.678  1.00 20.07 ? 1527 LEU A CD1 1 
ATOM   278 C  CD2 . LEU A 1 34 ? 1.847   6.079   -5.522  1.00 20.95 ? 1527 LEU A CD2 1 
ATOM   279 N  N   . TYR A 1 35 ? 1.414   5.111   -0.877  1.00 14.40 ? 1528 TYR A N   1 
ATOM   280 C  CA  . TYR A 1 35 ? 1.380   4.233   0.291   1.00 13.24 ? 1528 TYR A CA  1 
ATOM   281 C  C   . TYR A 1 35 ? 1.351   2.800   -0.229  1.00 15.02 ? 1528 TYR A C   1 
ATOM   282 O  O   . TYR A 1 35 ? 0.280   2.267   -0.520  1.00 17.85 ? 1528 TYR A O   1 
ATOM   283 C  CB  . TYR A 1 35 ? 0.159   4.505   1.185   1.00 16.82 ? 1528 TYR A CB  1 
ATOM   284 C  CG  . TYR A 1 35 ? 0.185   5.817   1.943   1.00 16.05 ? 1528 TYR A CG  1 
ATOM   285 C  CD1 . TYR A 1 35 ? -0.111  7.015   1.302   1.00 17.34 ? 1528 TYR A CD1 1 
ATOM   286 C  CD2 . TYR A 1 35 ? 0.470   5.846   3.303   1.00 16.81 ? 1528 TYR A CD2 1 
ATOM   287 C  CE1 . TYR A 1 35 ? -0.119  8.212   2.005   1.00 16.97 ? 1528 TYR A CE1 1 
ATOM   288 C  CE2 . TYR A 1 35 ? 0.473   7.057   4.009   1.00 16.92 ? 1528 TYR A CE2 1 
ATOM   289 C  CZ  . TYR A 1 35 ? 0.180   8.221   3.343   1.00 17.52 ? 1528 TYR A CZ  1 
ATOM   290 O  OH  . TYR A 1 35 ? 0.175   9.438   4.015   1.00 23.31 ? 1528 TYR A OH  1 
ATOM   291 N  N   . PHE A 1 36 ? 2.518   2.179   -0.334  1.00 13.15 ? 1529 PHE A N   1 
ATOM   292 C  CA  . PHE A 1 36 ? 2.615   0.820   -0.859  1.00 13.14 ? 1529 PHE A CA  1 
ATOM   293 C  C   . PHE A 1 36 ? 2.280   -0.202  0.215   1.00 15.93 ? 1529 PHE A C   1 
ATOM   294 O  O   . PHE A 1 36 ? 2.699   -0.069  1.370   1.00 17.72 ? 1529 PHE A O   1 
ATOM   295 C  CB  . PHE A 1 36 ? 4.026   0.545   -1.379  1.00 14.02 ? 1529 PHE A CB  1 
ATOM   296 C  CG  . PHE A 1 36 ? 4.362   1.276   -2.643  1.00 14.54 ? 1529 PHE A CG  1 
ATOM   297 C  CD1 . PHE A 1 36 ? 3.928   0.801   -3.867  1.00 19.07 ? 1529 PHE A CD1 1 
ATOM   298 C  CD2 . PHE A 1 36 ? 5.117   2.426   -2.607  1.00 14.86 ? 1529 PHE A CD2 1 
ATOM   299 C  CE1 . PHE A 1 36 ? 4.238   1.473   -5.030  1.00 23.56 ? 1529 PHE A CE1 1 
ATOM   300 C  CE2 . PHE A 1 36 ? 5.432   3.115   -3.776  1.00 16.21 ? 1529 PHE A CE2 1 
ATOM   301 C  CZ  . PHE A 1 36 ? 4.986   2.627   -4.988  1.00 18.87 ? 1529 PHE A CZ  1 
ATOM   302 N  N   . LEU A 1 37 ? 1.570   -1.254  -0.179  1.00 14.40 ? 1530 LEU A N   1 
ATOM   303 C  CA  . LEU A 1 37 ? 1.357   -2.381  0.719   1.00 14.54 ? 1530 LEU A CA  1 
ATOM   304 C  C   . LEU A 1 37 ? 2.636   -3.199  0.856   1.00 16.04 ? 1530 LEU A C   1 
ATOM   305 O  O   . LEU A 1 37 ? 3.252   -3.589  -0.139  1.00 17.45 ? 1530 LEU A O   1 
ATOM   306 C  CB  . LEU A 1 37 ? 0.230   -3.265  0.200   1.00 17.35 ? 1530 LEU A CB  1 
ATOM   307 C  CG  . LEU A 1 37 ? -0.187  -4.389  1.141   1.00 18.13 ? 1530 LEU A CG  1 
ATOM   308 C  CD1 . LEU A 1 37 ? -0.969  -3.869  2.330   1.00 18.65 ? 1530 LEU A CD1 1 
ATOM   309 C  CD2 . LEU A 1 37 ? -0.992  -5.427  0.366   1.00 19.20 ? 1530 LEU A CD2 1 
ATOM   310 N  N   . HIS A 1 38 ? 3.042   -3.443  2.100   1.00 16.18 ? 1531 HIS A N   1 
ATOM   311 C  CA  . HIS A 1 38 ? 4.181   -4.312  2.380   1.00 15.99 ? 1531 HIS A CA  1 
ATOM   312 C  C   . HIS A 1 38 ? 3.967   -5.704  1.789   1.00 15.98 ? 1531 HIS A C   1 
ATOM   313 O  O   . HIS A 1 38 ? 2.883   -6.281  1.900   1.00 17.63 ? 1531 HIS A O   1 
ATOM   314 C  CB  . HIS A 1 38 ? 4.352   -4.409  3.899   1.00 17.49 ? 1531 HIS A CB  1 
ATOM   315 C  CG  . HIS A 1 38 ? 5.695   -4.890  4.337   1.00 19.68 ? 1531 HIS A CG  1 
ATOM   316 N  ND1 . HIS A 1 38 ? 6.170   -6.154  4.055   1.00 19.66 ? 1531 HIS A ND1 1 
ATOM   317 C  CD2 . HIS A 1 38 ? 6.656   -4.281  5.070   1.00 22.55 ? 1531 HIS A CD2 1 
ATOM   318 C  CE1 . HIS A 1 38 ? 7.374   -6.295  4.581   1.00 21.03 ? 1531 HIS A CE1 1 
ATOM   319 N  NE2 . HIS A 1 38 ? 7.695   -5.171  5.198   1.00 20.60 ? 1531 HIS A NE2 1 
ATOM   320 N  N   . SER A 1 39 ? 5.014   -6.253  1.163   1.00 18.76 ? 1532 SER A N   1 
ATOM   321 C  CA  . SER A 1 39 ? 4.889   -7.572  0.544   1.00 19.79 ? 1532 SER A CA  1 
ATOM   322 C  C   . SER A 1 39 ? 4.467   -8.641  1.544   1.00 21.50 ? 1532 SER A C   1 
ATOM   323 O  O   . SER A 1 39 ? 3.772   -9.598  1.173   1.00 21.98 ? 1532 SER A O   1 
ATOM   324 C  CB  . SER A 1 39 ? 6.205   -7.977  -0.119  1.00 23.75 ? 1532 SER A CB  1 
ATOM   325 O  OG  . SER A 1 39 ? 7.216   -8.167  0.862   1.00 31.04 ? 1532 SER A OG  1 
ATOM   326 N  N   . GLU A 1 40 ? 4.863   -8.503  2.811   1.00 20.20 ? 1533 GLU A N   1 
ATOM   327 C  CA  . GLU A 1 40 ? 4.467   -9.501  3.797   1.00 19.35 ? 1533 GLU A CA  1 
ATOM   328 C  C   . GLU A 1 40 ? 2.973   -9.478  4.089   1.00 22.75 ? 1533 GLU A C   1 
ATOM   329 O  O   . GLU A 1 40 ? 2.442   -10.452 4.649   1.00 21.97 ? 1533 GLU A O   1 
ATOM   330 C  CB  . GLU A 1 40 ? 5.268   -9.304  5.081   1.00 21.61 ? 1533 GLU A CB  1 
ATOM   331 C  CG  . GLU A 1 40 ? 6.679   -9.865  4.980   1.00 26.80 ? 1533 GLU A CG  1 
ATOM   332 C  CD  . GLU A 1 40 ? 7.496   -9.643  6.243   1.00 34.32 ? 1533 GLU A CD  1 
ATOM   333 O  OE1 . GLU A 1 40 ? 8.743   -9.598  6.149   1.00 41.96 ? 1533 GLU A OE1 1 
ATOM   334 O  OE2 . GLU A 1 40 ? 6.891   -9.507  7.328   1.00 38.61 ? 1533 GLU A OE2 1 
ATOM   335 N  N   . SER A 1 41 ? 2.279   -8.403  3.728   1.00 18.11 ? 1534 SER A N   1 
ATOM   336 C  CA  . SER A 1 41 ? 0.845   -8.324  3.955   1.00 17.92 ? 1534 SER A CA  1 
ATOM   337 C  C   . SER A 1 41 ? 0.019   -8.956  2.843   1.00 17.50 ? 1534 SER A C   1 
ATOM   338 O  O   . SER A 1 41 ? -1.199  -9.091  3.010   1.00 21.57 ? 1534 SER A O   1 
ATOM   339 C  CB  . SER A 1 41 ? 0.420   -6.867  4.133   1.00 18.35 ? 1534 SER A CB  1 
ATOM   340 O  OG  . SER A 1 41 ? 1.032   -6.334  5.284   1.00 18.81 ? 1534 SER A OG  1 
ATOM   341 N  N   . LEU A 1 42 ? 0.634   -9.326  1.712   1.00 19.21 ? 1535 LEU A N   1 
ATOM   342 C  CA  . LEU A 1 42 ? -0.132  -9.980  0.653   1.00 20.17 ? 1535 LEU A CA  1 
ATOM   343 C  C   . LEU A 1 42 ? -0.825  -11.243 1.148   1.00 20.21 ? 1535 LEU A C   1 
ATOM   344 O  O   . LEU A 1 42 ? -2.039  -11.382 0.922   1.00 19.63 ? 1535 LEU A O   1 
ATOM   345 C  CB  . LEU A 1 42 ? 0.771   -10.271 -0.552  1.00 21.19 ? 1535 LEU A CB  1 
ATOM   346 C  CG  . LEU A 1 42 ? 1.372   -9.057  -1.259  1.00 22.03 ? 1535 LEU A CG  1 
ATOM   347 C  CD1 . LEU A 1 42 ? 2.493   -9.504  -2.186  1.00 28.66 ? 1535 LEU A CD1 1 
ATOM   348 C  CD2 . LEU A 1 42 ? 0.308   -8.327  -2.052  1.00 23.43 ? 1535 LEU A CD2 1 
ATOM   349 N  N   . PRO A 1 43 ? -0.154  -12.178 1.834   1.00 19.86 ? 1536 PRO A N   1 
ATOM   350 C  CA  . PRO A 1 43 ? -0.897  -13.342 2.340   1.00 19.47 ? 1536 PRO A CA  1 
ATOM   351 C  C   . PRO A 1 43 ? -1.932  -12.971 3.382   1.00 21.29 ? 1536 PRO A C   1 
ATOM   352 O  O   . PRO A 1 43 ? -2.974  -13.637 3.463   1.00 22.13 ? 1536 PRO A O   1 
ATOM   353 C  CB  . PRO A 1 43 ? 0.199   -14.244 2.924   1.00 22.81 ? 1536 PRO A CB  1 
ATOM   354 C  CG  . PRO A 1 43 ? 1.360   -13.357 3.137   1.00 21.50 ? 1536 PRO A CG  1 
ATOM   355 C  CD  . PRO A 1 43 ? 1.287   -12.285 2.107   1.00 21.13 ? 1536 PRO A CD  1 
ATOM   356 N  N   . ALA A 1 44 ? -1.687  -11.916 4.165   1.00 19.16 ? 1537 ALA A N   1 
ATOM   357 C  CA  . ALA A 1 44 ? -2.664  -11.487 5.158   1.00 20.89 ? 1537 ALA A CA  1 
ATOM   358 C  C   . ALA A 1 44 ? -3.987  -11.094 4.516   1.00 23.13 ? 1537 ALA A C   1 
ATOM   359 O  O   . ALA A 1 44 ? -5.047  -11.251 5.131   1.00 26.16 ? 1537 ALA A O   1 
ATOM   360 C  CB  . ALA A 1 44 ? -2.101  -10.316 5.966   1.00 22.26 ? 1537 ALA A CB  1 
ATOM   361 N  N   . LEU A 1 45 ? -3.944  -10.571 3.295   1.00 21.37 ? 1538 LEU A N   1 
ATOM   362 C  CA  . LEU A 1 45 ? -5.128  -10.071 2.607   1.00 21.04 ? 1538 LEU A CA  1 
ATOM   363 C  C   . LEU A 1 45 ? -5.604  -11.005 1.504   1.00 22.84 ? 1538 LEU A C   1 
ATOM   364 O  O   . LEU A 1 45 ? -6.493  -10.631 0.729   1.00 25.12 ? 1538 LEU A O   1 
ATOM   365 C  CB  . LEU A 1 45 ? -4.843  -8.687  2.031   1.00 19.13 ? 1538 LEU A CB  1 
ATOM   366 C  CG  . LEU A 1 45 ? -4.485  -7.674  3.105   1.00 18.54 ? 1538 LEU A CG  1 
ATOM   367 C  CD1 . LEU A 1 45 ? -3.924  -6.436  2.445   1.00 22.05 ? 1538 LEU A CD1 1 
ATOM   368 C  CD2 . LEU A 1 45 ? -5.734  -7.340  3.900   1.00 21.91 ? 1538 LEU A CD2 1 
ATOM   369 N  N   . ASP A 1 46 ? -5.034  -12.210 1.419   1.00 23.06 ? 1539 ASP A N   1 
ATOM   370 C  CA  . ASP A 1 46 ? -5.377  -13.188 0.385   1.00 25.96 ? 1539 ASP A CA  1 
ATOM   371 C  C   . ASP A 1 46 ? -5.100  -12.629 -1.009  1.00 26.21 ? 1539 ASP A C   1 
ATOM   372 O  O   . ASP A 1 46 ? -5.872  -12.838 -1.946  1.00 29.59 ? 1539 ASP A O   1 
ATOM   373 C  CB  . ASP A 1 46 ? -6.832  -13.654 0.515   1.00 29.99 ? 1539 ASP A CB  1 
ATOM   374 C  CG  . ASP A 1 46 ? -7.118  -14.926 -0.272  1.00 41.55 ? 1539 ASP A CG  1 
ATOM   375 O  OD1 . ASP A 1 46 ? -6.162  -15.663 -0.596  1.00 40.78 ? 1539 ASP A OD1 1 
ATOM   376 O  OD2 . ASP A 1 46 ? -8.308  -15.189 -0.563  1.00 40.89 ? 1539 ASP A OD2 1 
ATOM   377 N  N   . LEU A 1 47 ? -3.989  -11.908 -1.142  1.00 19.47 ? 1540 LEU A N   1 
ATOM   378 C  CA  . LEU A 1 47 ? -3.553  -11.342 -2.410  1.00 20.71 ? 1540 LEU A CA  1 
ATOM   379 C  C   . LEU A 1 47 ? -2.353  -12.101 -2.961  1.00 24.72 ? 1540 LEU A C   1 
ATOM   380 O  O   . LEU A 1 47 ? -1.557  -12.673 -2.216  1.00 27.51 ? 1540 LEU A O   1 
ATOM   381 C  CB  . LEU A 1 47 ? -3.170  -9.868  -2.250  1.00 21.76 ? 1540 LEU A CB  1 
ATOM   382 C  CG  . LEU A 1 47 ? -4.283  -8.946  -1.763  1.00 20.62 ? 1540 LEU A CG  1 
ATOM   383 C  CD1 . LEU A 1 47 ? -3.701  -7.573  -1.456  1.00 20.89 ? 1540 LEU A CD1 1 
ATOM   384 C  CD2 . LEU A 1 47 ? -5.414  -8.856  -2.784  1.00 22.38 ? 1540 LEU A CD2 1 
ATOM   385 N  N   . LYS A 1 48 ? -2.209  -12.057 -4.266  1.00 32.69 ? 1541 LYS A N   1 
ATOM   386 C  CA  . LYS A 1 48 ? -1.097  -12.744 -4.896  1.00 37.97 ? 1541 LYS A CA  1 
ATOM   387 C  C   . LYS A 1 48 ? -0.026  -11.753 -5.339  1.00 37.23 ? 1541 LYS A C   1 
ATOM   388 O  O   . LYS A 1 48 ? -0.334  -10.616 -5.710  1.00 36.35 ? 1541 LYS A O   1 
ATOM   389 C  CB  . LYS A 1 48 ? -1.574  -13.545 -6.111  1.00 34.50 ? 1541 LYS A CB  1 
ATOM   390 C  CG  . LYS A 1 48 ? -2.657  -14.555 -5.799  1.00 40.16 ? 1541 LYS A CG  1 
ATOM   391 C  CD  . LYS A 1 48 ? -3.231  -15.127 -7.081  1.00 43.88 ? 1541 LYS A CD  1 
ATOM   392 C  CE  . LYS A 1 48 ? -3.902  -16.465 -6.842  1.00 47.84 ? 1541 LYS A CE  1 
ATOM   393 N  NZ  . LYS A 1 48 ? -4.214  -17.137 -8.134  1.00 52.08 ? 1541 LYS A NZ  1 
ATOM   394 N  N   . PRO A 1 49 ? 1.245   -12.146 -5.298  1.00 40.16 ? 1542 PRO A N   1 
ATOM   395 C  CA  . PRO A 1 49 ? 2.296   -11.303 -5.875  1.00 42.81 ? 1542 PRO A CA  1 
ATOM   396 C  C   . PRO A 1 49 ? 2.212   -11.288 -7.397  1.00 41.51 ? 1542 PRO A C   1 
ATOM   397 O  O   . PRO A 1 49 ? 1.461   -12.040 -8.024  1.00 44.88 ? 1542 PRO A O   1 
ATOM   398 C  CB  . PRO A 1 49 ? 3.589   -11.962 -5.385  1.00 44.44 ? 1542 PRO A CB  1 
ATOM   399 C  CG  . PRO A 1 49 ? 3.212   -13.376 -5.119  1.00 42.91 ? 1542 PRO A CG  1 
ATOM   400 C  CD  . PRO A 1 49 ? 1.791   -13.343 -4.637  1.00 40.94 ? 1542 PRO A CD  1 
ATOM   401 N  N   . GLY A 1 50 ? 2.996   -10.396 -7.992  1.00 46.14 ? 1543 GLY A N   1 
ATOM   402 C  CA  . GLY A 1 50 ? 3.009   -10.243 -9.436  1.00 47.08 ? 1543 GLY A CA  1 
ATOM   403 C  C   . GLY A 1 50 ? 4.354   -10.524 -10.078 1.00 53.87 ? 1543 GLY A C   1 
ATOM   404 O  O   . GLY A 1 50 ? 5.162   -11.289 -9.548  1.00 53.80 ? 1543 GLY A O   1 
ATOM   405 N  N   . SER A 1 57 ? -5.267  -10.083 -13.961 1.00 51.90 ? 1550 SER A N   1 
ATOM   406 C  CA  . SER A 1 57 ? -5.793  -11.274 -13.301 1.00 52.71 ? 1550 SER A CA  1 
ATOM   407 C  C   . SER A 1 57 ? -5.858  -11.089 -11.787 1.00 47.26 ? 1550 SER A C   1 
ATOM   408 O  O   . SER A 1 57 ? -6.684  -11.706 -11.113 1.00 49.10 ? 1550 SER A O   1 
ATOM   409 C  CB  . SER A 1 57 ? -4.941  -12.497 -13.644 1.00 55.39 ? 1550 SER A CB  1 
ATOM   410 O  OG  . SER A 1 57 ? -5.436  -13.658 -12.997 1.00 60.47 ? 1550 SER A OG  1 
ATOM   411 N  N   . ARG A 1 58 ? -4.982  -10.236 -11.259 1.00 45.30 ? 1551 ARG A N   1 
ATOM   412 C  CA  . ARG A 1 58 ? -4.952  -9.986  -9.826  1.00 36.91 ? 1551 ARG A CA  1 
ATOM   413 C  C   . ARG A 1 58 ? -6.183  -9.200  -9.392  1.00 34.81 ? 1551 ARG A C   1 
ATOM   414 O  O   . ARG A 1 58 ? -6.685  -8.338  -10.120 1.00 34.84 ? 1551 ARG A O   1 
ATOM   415 C  CB  . ARG A 1 58 ? -3.677  -9.234  -9.442  1.00 35.07 ? 1551 ARG A CB  1 
ATOM   416 C  CG  . ARG A 1 58 ? -2.418  -10.060 -9.625  1.00 36.08 ? 1551 ARG A CG  1 
ATOM   417 C  CD  . ARG A 1 58 ? -1.352  -9.688  -8.617  1.00 40.04 ? 1551 ARG A CD  1 
ATOM   418 N  NE  . ARG A 1 58 ? -0.572  -8.522  -9.023  1.00 40.42 ? 1551 ARG A NE  1 
ATOM   419 C  CZ  . ARG A 1 58 ? 0.327   -7.929  -8.242  1.00 37.27 ? 1551 ARG A CZ  1 
ATOM   420 N  NH1 . ARG A 1 58 ? 0.997   -6.875  -8.681  1.00 38.33 ? 1551 ARG A NH1 1 
ATOM   421 N  NH2 . ARG A 1 58 ? 0.545   -8.388  -7.016  1.00 39.50 ? 1551 ARG A NH2 1 
ATOM   422 N  N   . ARG A 1 59 ? -6.660  -9.510  -8.187  1.00 32.23 ? 1552 ARG A N   1 
ATOM   423 C  CA  . ARG A 1 59 ? -7.870  -8.893  -7.664  1.00 29.50 ? 1552 ARG A CA  1 
ATOM   424 C  C   . ARG A 1 59 ? -7.690  -7.380  -7.571  1.00 28.00 ? 1552 ARG A C   1 
ATOM   425 O  O   . ARG A 1 59 ? -6.647  -6.910  -7.106  1.00 24.71 ? 1552 ARG A O   1 
ATOM   426 C  CB  . ARG A 1 59 ? -8.191  -9.470  -6.284  1.00 32.70 ? 1552 ARG A CB  1 
ATOM   427 C  CG  . ARG A 1 59 ? -9.664  -9.530  -5.941  1.00 41.56 ? 1552 ARG A CG  1 
ATOM   428 C  CD  . ARG A 1 59 ? -9.910  -10.592 -4.878  1.00 44.10 ? 1552 ARG A CD  1 
ATOM   429 N  NE  . ARG A 1 59 ? -9.253  -10.274 -3.615  1.00 43.16 ? 1552 ARG A NE  1 
ATOM   430 C  CZ  . ARG A 1 59 ? -9.101  -11.139 -2.616  1.00 41.52 ? 1552 ARG A CZ  1 
ATOM   431 N  NH1 . ARG A 1 59 ? -9.557  -12.380 -2.736  1.00 47.28 ? 1552 ARG A NH1 1 
ATOM   432 N  NH2 . ARG A 1 59 ? -8.495  -10.766 -1.494  1.00 37.52 ? 1552 ARG A NH2 1 
ATOM   433 N  N   . PRO A 1 60 ? -8.678  -6.587  -7.998  1.00 26.32 ? 1553 PRO A N   1 
ATOM   434 C  CA  . PRO A 1 60 ? -8.461  -5.135  -8.066  1.00 24.54 ? 1553 PRO A CA  1 
ATOM   435 C  C   . PRO A 1 60 ? -8.449  -4.440  -6.711  1.00 23.19 ? 1553 PRO A C   1 
ATOM   436 O  O   . PRO A 1 60 ? -7.795  -3.396  -6.588  1.00 22.28 ? 1553 PRO A O   1 
ATOM   437 C  CB  . PRO A 1 60 ? -9.617  -4.649  -8.952  1.00 30.61 ? 1553 PRO A CB  1 
ATOM   438 C  CG  . PRO A 1 60 ? -10.675 -5.674  -8.787  1.00 30.91 ? 1553 PRO A CG  1 
ATOM   439 C  CD  . PRO A 1 60 ? -9.959  -6.987  -8.614  1.00 27.08 ? 1553 PRO A CD  1 
ATOM   440 N  N   . TRP A 1 61 ? -9.142  -4.965  -5.699  1.00 23.32 ? 1554 TRP A N   1 
ATOM   441 C  CA  . TRP A 1 61 ? -9.159  -4.314  -4.390  1.00 22.76 ? 1554 TRP A CA  1 
ATOM   442 C  C   . TRP A 1 61 ? -9.523  -5.297  -3.279  1.00 20.98 ? 1554 TRP A C   1 
ATOM   443 O  O   . TRP A 1 61 ? -10.098 -6.362  -3.521  1.00 25.29 ? 1554 TRP A O   1 
ATOM   444 C  CB  . TRP A 1 61 ? -10.135 -3.132  -4.366  1.00 23.60 ? 1554 TRP A CB  1 
ATOM   445 C  CG  . TRP A 1 61 ? -11.524 -3.532  -4.727  1.00 25.04 ? 1554 TRP A CG  1 
ATOM   446 C  CD1 . TRP A 1 61 ? -12.111 -3.427  -5.952  1.00 30.59 ? 1554 TRP A CD1 1 
ATOM   447 C  CD2 . TRP A 1 61 ? -12.507 -4.105  -3.856  1.00 24.81 ? 1554 TRP A CD2 1 
ATOM   448 N  NE1 . TRP A 1 61 ? -13.399 -3.898  -5.900  1.00 32.62 ? 1554 TRP A NE1 1 
ATOM   449 C  CE2 . TRP A 1 61 ? -13.666 -4.321  -4.625  1.00 34.04 ? 1554 TRP A CE2 1 
ATOM   450 C  CE3 . TRP A 1 61 ? -12.522 -4.447  -2.502  1.00 24.73 ? 1554 TRP A CE3 1 
ATOM   451 C  CZ2 . TRP A 1 61 ? -14.823 -4.872  -4.084  1.00 30.44 ? 1554 TRP A CZ2 1 
ATOM   452 C  CZ3 . TRP A 1 61 ? -13.672 -4.998  -1.964  1.00 29.25 ? 1554 TRP A CZ3 1 
ATOM   453 C  CH2 . TRP A 1 61 ? -14.807 -5.204  -2.758  1.00 32.17 ? 1554 TRP A CH2 1 
ATOM   454 N  N   . VAL A 1 62 ? -9.217  -4.887  -2.044  1.00 19.01 ? 1555 VAL A N   1 
ATOM   455 C  CA  . VAL A 1 62 ? -9.597  -5.613  -0.835  1.00 19.48 ? 1555 VAL A CA  1 
ATOM   456 C  C   . VAL A 1 62 ? -9.629  -4.588  0.293   1.00 18.94 ? 1555 VAL A C   1 
ATOM   457 O  O   . VAL A 1 62 ? -8.899  -3.601  0.257   1.00 18.28 ? 1555 VAL A O   1 
ATOM   458 C  CB  . VAL A 1 62 ? -8.601  -6.771  -0.554  1.00 24.06 ? 1555 VAL A CB  1 
ATOM   459 C  CG1 . VAL A 1 62 ? -7.208  -6.222  -0.237  1.00 21.52 ? 1555 VAL A CG1 1 
ATOM   460 C  CG2 . VAL A 1 62 ? -9.087  -7.667  0.563   1.00 27.13 ? 1555 VAL A CG2 1 
ATOM   461 N  N   . LEU A 1 63 ? -10.495 -4.806  1.286   1.00 17.94 ? 1556 LEU A N   1 
ATOM   462 C  CA  . LEU A 1 63 ? -10.518 -3.955  2.474   1.00 16.45 ? 1556 LEU A CA  1 
ATOM   463 C  C   . LEU A 1 63 ? -9.539  -4.482  3.519   1.00 19.25 ? 1556 LEU A C   1 
ATOM   464 O  O   . LEU A 1 63 ? -9.426  -5.691  3.725   1.00 22.77 ? 1556 LEU A O   1 
ATOM   465 C  CB  . LEU A 1 63 ? -11.925 -3.876  3.074   1.00 17.37 ? 1556 LEU A CB  1 
ATOM   466 C  CG  . LEU A 1 63 ? -12.949 -3.035  2.298   1.00 18.25 ? 1556 LEU A CG  1 
ATOM   467 C  CD1 . LEU A 1 63 ? -14.369 -3.299  2.793   1.00 20.43 ? 1556 LEU A CD1 1 
ATOM   468 C  CD2 . LEU A 1 63 ? -12.621 -1.550  2.394   1.00 18.54 ? 1556 LEU A CD2 1 
ATOM   469 N  N   . GLY A 1 64 ? -8.835  -3.563  4.190   1.00 16.28 ? 1557 GLY A N   1 
ATOM   470 C  CA  . GLY A 1 64 ? -7.873  -3.944  5.205   1.00 17.10 ? 1557 GLY A CA  1 
ATOM   471 C  C   . GLY A 1 64 ? -7.851  -2.952  6.354   1.00 15.56 ? 1557 GLY A C   1 
ATOM   472 O  O   . GLY A 1 64 ? -8.531  -1.926  6.324   1.00 16.37 ? 1557 GLY A O   1 
ATOM   473 N  N   . LYS A 1 65 ? -7.060  -3.287  7.373   1.00 16.31 ? 1558 LYS A N   1 
ATOM   474 C  CA  . LYS A 1 65 ? -6.877  -2.450  8.554   1.00 15.40 ? 1558 LYS A CA  1 
ATOM   475 C  C   . LYS A 1 65 ? -5.403  -2.111  8.708   1.00 16.08 ? 1558 LYS A C   1 
ATOM   476 O  O   . LYS A 1 65 ? -4.556  -3.012  8.723   1.00 16.07 ? 1558 LYS A O   1 
ATOM   477 C  CB  . LYS A 1 65 ? -7.397  -3.156  9.811   1.00 19.37 ? 1558 LYS A CB  1 
ATOM   478 C  CG  . LYS A 1 65 ? -8.891  -3.425  9.767   1.00 24.01 ? 1558 LYS A CG  1 
ATOM   479 C  CD  . LYS A 1 65 ? -9.670  -2.207  10.226  1.00 26.95 ? 1558 LYS A CD  1 
ATOM   480 C  CE  . LYS A 1 65 ? -9.658  -2.119  11.749  1.00 31.71 ? 1558 LYS A CE  1 
ATOM   481 N  NZ  . LYS A 1 65 ? -10.423 -0.945  12.261  1.00 34.49 ? 1558 LYS A NZ  1 
ATOM   482 N  N   . VAL A 1 66 ? -5.104  -0.810  8.818   1.00 15.97 ? 1559 VAL A N   1 
ATOM   483 C  CA  . VAL A 1 66 ? -3.719  -0.332  8.838   1.00 17.09 ? 1559 VAL A CA  1 
ATOM   484 C  C   . VAL A 1 66 ? -3.015  -0.795  10.100  1.00 17.22 ? 1559 VAL A C   1 
ATOM   485 O  O   . VAL A 1 66 ? -3.552  -0.692  11.210  1.00 20.10 ? 1559 VAL A O   1 
ATOM   486 C  CB  . VAL A 1 66 ? -3.665  1.201   8.753   1.00 18.76 ? 1559 VAL A CB  1 
ATOM   487 C  CG1 . VAL A 1 66 ? -2.241  1.707   9.081   1.00 18.48 ? 1559 VAL A CG1 1 
ATOM   488 C  CG2 . VAL A 1 66 ? -4.083  1.658   7.385   1.00 18.49 ? 1559 VAL A CG2 1 
HETATM 489 N  N   . MSE A 1 67 ? -1.791  -1.267  9.938   1.00 14.87 ? 1560 MSE A N   1 
HETATM 490 C  CA  . MSE A 1 67 ? -0.950  -1.615  11.065  1.00 16.82 ? 1560 MSE A CA  1 
HETATM 491 C  C   . MSE A 1 67 ? 0.365   -0.831  10.994  1.00 16.59 ? 1560 MSE A C   1 
HETATM 492 O  O   . MSE A 1 67 ? 0.343   0.404   11.038  1.00 19.09 ? 1560 MSE A O   1 
HETATM 493 C  CB  . MSE A 1 67 ? -0.753  -3.122  11.091  1.00 18.63 ? 1560 MSE A CB  1 
HETATM 494 C  CG  . MSE A 1 67 ? -2.092  -3.842  11.230  1.00 17.24 ? 1560 MSE A CG  1 
HETATM 495 SE SE  . MSE A 1 67 ? -2.942  -3.478  12.982  1.00 35.62 ? 1560 MSE A SE  1 
HETATM 496 C  CE  . MSE A 1 67 ? -2.961  -5.289  13.661  1.00 33.29 ? 1560 MSE A CE  1 
ATOM   497 N  N   . GLU A 1 68 ? 1.506   -1.514  10.872  1.00 16.96 ? 1561 GLU A N   1 
ATOM   498 C  CA  . GLU A 1 68 ? 2.774   -0.796  10.889  1.00 15.68 ? 1561 GLU A CA  1 
ATOM   499 C  C   . GLU A 1 68 ? 2.960   0.019   9.615   1.00 16.31 ? 1561 GLU A C   1 
ATOM   500 O  O   . GLU A 1 68 ? 2.515   -0.361  8.536   1.00 20.81 ? 1561 GLU A O   1 
ATOM   501 C  CB  . GLU A 1 68 ? 3.942   -1.766  11.044  1.00 17.98 ? 1561 GLU A CB  1 
ATOM   502 C  CG  . GLU A 1 68 ? 3.878   -2.568  12.328  1.00 19.47 ? 1561 GLU A CG  1 
ATOM   503 C  CD  . GLU A 1 68 ? 3.228   -3.930  12.161  1.00 20.97 ? 1561 GLU A CD  1 
ATOM   504 O  OE1 . GLU A 1 68 ? 2.353   -4.110  11.284  1.00 19.95 ? 1561 GLU A OE1 1 
ATOM   505 O  OE2 . GLU A 1 68 ? 3.604   -4.847  12.916  1.00 26.50 ? 1561 GLU A OE2 1 
ATOM   506 N  N   . LYS A 1 69 ? 3.624   1.155   9.756   1.00 17.65 ? 1562 LYS A N   1 
ATOM   507 C  CA  . LYS A 1 69 ? 3.858   2.052   8.642   1.00 20.08 ? 1562 LYS A CA  1 
ATOM   508 C  C   . LYS A 1 69 ? 5.296   2.532   8.728   1.00 21.20 ? 1562 LYS A C   1 
ATOM   509 O  O   . LYS A 1 69 ? 5.808   2.800   9.821   1.00 27.49 ? 1562 LYS A O   1 
ATOM   510 C  CB  . LYS A 1 69 ? 2.863   3.221   8.666   1.00 25.51 ? 1562 LYS A CB  1 
ATOM   511 C  CG  . LYS A 1 69 ? 3.054   4.274   7.582   1.00 29.19 ? 1562 LYS A CG  1 
ATOM   512 C  CD  . LYS A 1 69 ? 1.765   5.062   7.366   1.00 33.04 ? 1562 LYS A CD  1 
ATOM   513 C  CE  . LYS A 1 69 ? 1.340   5.801   8.618   1.00 37.98 ? 1562 LYS A CE  1 
ATOM   514 N  NZ  . LYS A 1 69 ? 2.383   6.741   9.102   1.00 37.56 ? 1562 LYS A NZ  1 
ATOM   515 N  N   . GLU A 1 70 ? 5.957   2.615   7.581   1.00 18.59 ? 1563 GLU A N   1 
ATOM   516 C  CA  . GLU A 1 70 ? 7.321   3.104   7.502   1.00 19.07 ? 1563 GLU A CA  1 
ATOM   517 C  C   . GLU A 1 70 ? 7.399   4.137   6.389   1.00 18.67 ? 1563 GLU A C   1 
ATOM   518 O  O   . GLU A 1 70 ? 6.770   3.972   5.345   1.00 20.79 ? 1563 GLU A O   1 
ATOM   519 C  CB  . GLU A 1 70 ? 8.307   1.965   7.224   1.00 24.59 ? 1563 GLU A CB  1 
ATOM   520 C  CG  . GLU A 1 70 ? 9.741   2.400   6.992   1.00 32.63 ? 1563 GLU A CG  1 
ATOM   521 C  CD  . GLU A 1 70 ? 10.675  1.226   6.750   1.00 36.07 ? 1563 GLU A CD  1 
ATOM   522 O  OE1 . GLU A 1 70 ? 10.190  0.135   6.368   1.00 41.54 ? 1563 GLU A OE1 1 
ATOM   523 O  OE2 . GLU A 1 70 ? 11.896  1.393   6.938   1.00 41.51 ? 1563 GLU A OE2 1 
ATOM   524 N  N   . TYR A 1 71 ? 8.129   5.216   6.636   1.00 16.30 ? 1564 TYR A N   1 
ATOM   525 C  CA  . TYR A 1 71 ? 8.437   6.207   5.612   1.00 13.46 ? 1564 TYR A CA  1 
ATOM   526 C  C   . TYR A 1 71 ? 9.772   5.853   4.967   1.00 15.52 ? 1564 TYR A C   1 
ATOM   527 O  O   . TYR A 1 71 ? 10.721  5.448   5.646   1.00 17.41 ? 1564 TYR A O   1 
ATOM   528 C  CB  . TYR A 1 71 ? 8.479   7.597   6.236   1.00 15.48 ? 1564 TYR A CB  1 
ATOM   529 C  CG  . TYR A 1 71 ? 8.447   8.782   5.305   1.00 16.70 ? 1564 TYR A CG  1 
ATOM   530 C  CD1 . TYR A 1 71 ? 7.388   8.992   4.436   1.00 15.40 ? 1564 TYR A CD1 1 
ATOM   531 C  CD2 . TYR A 1 71 ? 9.460   9.730   5.348   1.00 16.03 ? 1564 TYR A CD2 1 
ATOM   532 C  CE1 . TYR A 1 71 ? 7.358   10.100  3.612   1.00 16.96 ? 1564 TYR A CE1 1 
ATOM   533 C  CE2 . TYR A 1 71 ? 9.433   10.825  4.556   1.00 15.99 ? 1564 TYR A CE2 1 
ATOM   534 C  CZ  . TYR A 1 71 ? 8.383   11.018  3.690   1.00 16.64 ? 1564 TYR A CZ  1 
ATOM   535 O  OH  . TYR A 1 71 ? 8.362   12.146  2.903   1.00 20.85 ? 1564 TYR A OH  1 
ATOM   536 N  N   . CYS A 1 72 ? 9.825   5.949   3.637   1.00 15.36 ? 1565 CYS A N   1 
ATOM   537 C  CA  . CYS A 1 72 ? 10.938  5.432   2.863   1.00 16.26 ? 1565 CYS A CA  1 
ATOM   538 C  C   . CYS A 1 72 ? 11.360  6.431   1.808   1.00 15.07 ? 1565 CYS A C   1 
ATOM   539 O  O   . CYS A 1 72 ? 10.578  7.273   1.374   1.00 16.79 ? 1565 CYS A O   1 
ATOM   540 C  CB  . CYS A 1 72 ? 10.577  4.143   2.124   1.00 16.89 ? 1565 CYS A CB  1 
ATOM   541 S  SG  . CYS A 1 72 ? 9.865   2.859   3.132   1.00 23.37 ? 1565 CYS A SG  1 
ATOM   542 N  N   . GLN A 1 73 ? 12.585  6.260   1.320   1.00 16.24 ? 1566 GLN A N   1 
ATOM   543 C  CA  . GLN A 1 73 ? 13.030  7.025   0.171   1.00 16.27 ? 1566 GLN A CA  1 
ATOM   544 C  C   . GLN A 1 73 ? 13.803  6.097   -0.747  1.00 18.53 ? 1566 GLN A C   1 
ATOM   545 O  O   . GLN A 1 73 ? 14.662  5.336   -0.288  1.00 23.13 ? 1566 GLN A O   1 
ATOM   546 C  CB  . GLN A 1 73 ? 13.892  8.219   0.576   1.00 16.68 ? 1566 GLN A CB  1 
ATOM   547 C  CG  . GLN A 1 73 ? 14.378  9.032   -0.628  1.00 18.73 ? 1566 GLN A CG  1 
ATOM   548 C  CD  . GLN A 1 73 ? 15.020  10.335  -0.218  1.00 22.55 ? 1566 GLN A CD  1 
ATOM   549 O  OE1 . GLN A 1 73 ? 15.760  10.387  0.767   1.00 27.39 ? 1566 GLN A OE1 1 
ATOM   550 N  NE2 . GLN A 1 73 ? 14.762  11.391  -0.982  1.00 24.02 ? 1566 GLN A NE2 1 
ATOM   551 N  N   . ALA A 1 74 ? 13.496  6.169   -2.035  1.00 17.12 ? 1567 ALA A N   1 
ATOM   552 C  CA  . ALA A 1 74 ? 14.217  5.371   -3.019  1.00 18.99 ? 1567 ALA A CA  1 
ATOM   553 C  C   . ALA A 1 74 ? 15.642  5.896   -3.167  1.00 22.25 ? 1567 ALA A C   1 
ATOM   554 O  O   . ALA A 1 74 ? 15.851  7.071   -3.488  1.00 20.69 ? 1567 ALA A O   1 
ATOM   555 C  CB  . ALA A 1 74 ? 13.476  5.408   -4.353  1.00 20.64 ? 1567 ALA A CB  1 
ATOM   556 N  N   . LYS A 1 75 ? 16.626  5.033   -2.920  1.00 25.02 ? 1568 LYS A N   1 
ATOM   557 C  CA  . LYS A 1 75 ? 18.030  5.405   -3.046  1.00 26.44 ? 1568 LYS A CA  1 
ATOM   558 C  C   . LYS A 1 75 ? 18.645  4.936   -4.356  1.00 30.55 ? 1568 LYS A C   1 
ATOM   559 O  O   . LYS A 1 75 ? 19.803  5.266   -4.634  1.00 36.93 ? 1568 LYS A O   1 
ATOM   560 C  CB  . LYS A 1 75 ? 18.838  4.846   -1.868  1.00 29.39 ? 1568 LYS A CB  1 
ATOM   561 C  CG  . LYS A 1 75 ? 18.443  5.418   -0.512  1.00 37.26 ? 1568 LYS A CG  1 
ATOM   562 C  CD  . LYS A 1 75 ? 18.939  4.543   0.634   1.00 42.26 ? 1568 LYS A CD  1 
ATOM   563 C  CE  . LYS A 1 75 ? 17.776  3.978   1.449   1.00 42.88 ? 1568 LYS A CE  1 
ATOM   564 N  NZ  . LYS A 1 75 ? 16.842  5.051   1.919   1.00 37.52 ? 1568 LYS A NZ  1 
ATOM   565 N  N   . LYS A 1 76 ? 17.901  4.189   -5.165  1.00 31.41 ? 1569 LYS A N   1 
ATOM   566 C  CA  . LYS A 1 76 ? 18.368  3.700   -6.454  1.00 33.10 ? 1569 LYS A CA  1 
ATOM   567 C  C   . LYS A 1 76 ? 17.365  4.080   -7.532  1.00 31.66 ? 1569 LYS A C   1 
ATOM   568 O  O   . LYS A 1 76 ? 16.166  4.203   -7.269  1.00 29.74 ? 1569 LYS A O   1 
ATOM   569 C  CB  . LYS A 1 76 ? 18.563  2.182   -6.432  1.00 35.99 ? 1569 LYS A CB  1 
ATOM   570 C  CG  . LYS A 1 76 ? 19.535  1.717   -5.362  1.00 39.30 ? 1569 LYS A CG  1 
ATOM   571 C  CD  . LYS A 1 76 ? 19.543  0.201   -5.236  1.00 42.01 ? 1569 LYS A CD  1 
ATOM   572 C  CE  . LYS A 1 76 ? 20.429  -0.242  -4.079  1.00 45.81 ? 1569 LYS A CE  1 
ATOM   573 N  NZ  . LYS A 1 76 ? 21.794  0.358   -4.165  1.00 48.91 ? 1569 LYS A NZ  1 
ATOM   574 N  N   . ALA A 1 77 ? 17.871  4.251   -8.758  1.00 30.15 ? 1570 ALA A N   1 
ATOM   575 C  CA  . ALA A 1 77 ? 17.030  4.718   -9.859  1.00 33.72 ? 1570 ALA A CA  1 
ATOM   576 C  C   . ALA A 1 77 ? 16.033  3.655   -10.300 1.00 31.65 ? 1570 ALA A C   1 
ATOM   577 O  O   . ALA A 1 77 ? 14.921  3.978   -10.738 1.00 28.58 ? 1570 ALA A O   1 
ATOM   578 C  CB  . ALA A 1 77 ? 17.907  5.146   -11.035 1.00 32.29 ? 1570 ALA A CB  1 
ATOM   579 N  N   . GLN A 1 78 ? 16.418  2.385   -10.221 1.00 31.26 ? 1571 GLN A N   1 
ATOM   580 C  CA  . GLN A 1 78 ? 15.536  1.274   -10.548 1.00 33.62 ? 1571 GLN A CA  1 
ATOM   581 C  C   . GLN A 1 78 ? 15.378  0.427   -9.293  1.00 32.82 ? 1571 GLN A C   1 
ATOM   582 O  O   . GLN A 1 78 ? 16.366  -0.104  -8.773  1.00 36.63 ? 1571 GLN A O   1 
ATOM   583 C  CB  . GLN A 1 78 ? 16.092  0.452   -11.718 1.00 32.14 ? 1571 GLN A CB  1 
ATOM   584 C  CG  . GLN A 1 78 ? 15.810  1.059   -13.103 1.00 29.70 ? 1571 GLN A CG  1 
ATOM   585 C  CD  . GLN A 1 78 ? 16.816  2.118   -13.521 1.00 26.99 ? 1571 GLN A CD  1 
ATOM   586 O  OE1 . GLN A 1 78 ? 18.017  1.994   -13.263 1.00 35.73 ? 1571 GLN A OE1 1 
ATOM   587 N  NE2 . GLN A 1 78 ? 16.331  3.171   -14.169 1.00 33.99 ? 1571 GLN A NE2 1 
ATOM   588 N  N   . ASN A 1 79 ? 14.144  0.319   -8.799  1.00 33.66 ? 1572 ASN A N   1 
ATOM   589 C  CA  . ASN A 1 79 ? 13.875  -0.310  -7.512  1.00 31.60 ? 1572 ASN A CA  1 
ATOM   590 C  C   . ASN A 1 79 ? 12.564  -1.086  -7.591  1.00 26.08 ? 1572 ASN A C   1 
ATOM   591 O  O   . ASN A 1 79 ? 11.812  -0.984  -8.562  1.00 30.80 ? 1572 ASN A O   1 
ATOM   592 C  CB  . ASN A 1 79 ? 13.833  0.737   -6.389  1.00 28.75 ? 1572 ASN A CB  1 
ATOM   593 C  CG  . ASN A 1 79 ? 12.854  1.857   -6.684  1.00 23.44 ? 1572 ASN A CG  1 
ATOM   594 O  OD1 . ASN A 1 79 ? 11.644  1.656   -6.619  1.00 24.84 ? 1572 ASN A OD1 1 
ATOM   595 N  ND2 . ASN A 1 79 ? 13.373  3.028   -7.054  1.00 24.17 ? 1572 ASN A ND2 1 
ATOM   596 N  N   . ARG A 1 80 ? 12.288  -1.868  -6.543  1.00 31.48 ? 1573 ARG A N   1 
ATOM   597 C  CA  . ARG A 1 80 ? 11.134  -2.767  -6.540  1.00 32.07 ? 1573 ARG A CA  1 
ATOM   598 C  C   . ARG A 1 80 ? 9.803   -2.037  -6.426  1.00 27.90 ? 1573 ARG A C   1 
ATOM   599 O  O   . ARG A 1 80 ? 8.760   -2.644  -6.689  1.00 31.35 ? 1573 ARG A O   1 
ATOM   600 C  CB  . ARG A 1 80 ? 11.253  -3.783  -5.401  1.00 34.50 ? 1573 ARG A CB  1 
ATOM   601 C  CG  . ARG A 1 80 ? 11.552  -3.154  -4.063  1.00 33.98 ? 1573 ARG A CG  1 
ATOM   602 C  CD  . ARG A 1 80 ? 11.686  -4.183  -2.941  1.00 35.93 ? 1573 ARG A CD  1 
ATOM   603 N  NE  . ARG A 1 80 ? 12.163  -3.523  -1.728  1.00 42.51 ? 1573 ARG A NE  1 
ATOM   604 C  CZ  . ARG A 1 80 ? 12.028  -3.999  -0.497  1.00 37.05 ? 1573 ARG A CZ  1 
ATOM   605 N  NH1 . ARG A 1 80 ? 11.423  -5.162  -0.284  1.00 41.68 ? 1573 ARG A NH1 1 
ATOM   606 N  NH2 . ARG A 1 80 ? 12.496  -3.299  0.526   1.00 40.30 ? 1573 ARG A NH2 1 
ATOM   607 N  N   . PHE A 1 81 ? 9.807   -0.761  -6.045  1.00 25.16 ? 1574 PHE A N   1 
ATOM   608 C  CA  . PHE A 1 81 ? 8.570   0.006   -5.980  1.00 23.12 ? 1574 PHE A CA  1 
ATOM   609 C  C   . PHE A 1 81 ? 8.259   0.720   -7.285  1.00 22.82 ? 1574 PHE A C   1 
ATOM   610 O  O   . PHE A 1 81 ? 7.168   1.285   -7.425  1.00 21.97 ? 1574 PHE A O   1 
ATOM   611 C  CB  . PHE A 1 81 ? 8.647   1.015   -4.822  1.00 22.10 ? 1574 PHE A CB  1 
ATOM   612 C  CG  . PHE A 1 81 ? 8.914   0.371   -3.498  1.00 22.17 ? 1574 PHE A CG  1 
ATOM   613 C  CD1 . PHE A 1 81 ? 7.870   -0.128  -2.742  1.00 20.43 ? 1574 PHE A CD1 1 
ATOM   614 C  CD2 . PHE A 1 81 ? 10.209  0.247   -3.013  1.00 24.09 ? 1574 PHE A CD2 1 
ATOM   615 C  CE1 . PHE A 1 81 ? 8.107   -0.739  -1.517  1.00 24.13 ? 1574 PHE A CE1 1 
ATOM   616 C  CE2 . PHE A 1 81 ? 10.450  -0.367  -1.790  1.00 28.24 ? 1574 PHE A CE2 1 
ATOM   617 C  CZ  . PHE A 1 81 ? 9.397   -0.853  -1.043  1.00 28.66 ? 1574 PHE A CZ  1 
ATOM   618 N  N   . LYS A 1 82 ? 9.188   0.688   -8.240  1.00 25.14 ? 1575 LYS A N   1 
ATOM   619 C  CA  . LYS A 1 82 ? 9.004   1.299   -9.556  1.00 26.79 ? 1575 LYS A CA  1 
ATOM   620 C  C   . LYS A 1 82 ? 8.732   2.797   -9.435  1.00 19.80 ? 1575 LYS A C   1 
ATOM   621 O  O   . LYS A 1 82 ? 7.866   3.357   -10.109 1.00 23.70 ? 1575 LYS A O   1 
ATOM   622 C  CB  . LYS A 1 82 ? 7.905   0.586   -10.344 1.00 26.19 ? 1575 LYS A CB  1 
ATOM   623 C  CG  . LYS A 1 82 ? 8.285   -0.835  -10.725 1.00 29.61 ? 1575 LYS A CG  1 
ATOM   624 C  CD  . LYS A 1 82 ? 7.095   -1.639  -11.227 1.00 35.32 ? 1575 LYS A CD  1 
ATOM   625 C  CE  . LYS A 1 82 ? 6.826   -1.408  -12.710 1.00 38.73 ? 1575 LYS A CE  1 
ATOM   626 N  NZ  . LYS A 1 82 ? 6.141   -0.112  -12.995 1.00 40.54 ? 1575 LYS A NZ  1 
ATOM   627 N  N   . VAL A 1 83 ? 9.494   3.450   -8.561  1.00 20.60 ? 1576 VAL A N   1 
ATOM   628 C  CA  . VAL A 1 83 ? 9.434   4.901   -8.415  1.00 19.63 ? 1576 VAL A CA  1 
ATOM   629 C  C   . VAL A 1 83 ? 10.788  5.481   -8.801  1.00 18.99 ? 1576 VAL A C   1 
ATOM   630 O  O   . VAL A 1 83 ? 11.821  4.802   -8.671  1.00 20.49 ? 1576 VAL A O   1 
ATOM   631 C  CB  . VAL A 1 83 ? 9.036   5.309   -6.981  1.00 18.27 ? 1576 VAL A CB  1 
ATOM   632 C  CG1 . VAL A 1 83 ? 7.651   4.772   -6.653  1.00 19.07 ? 1576 VAL A CG1 1 
ATOM   633 C  CG2 . VAL A 1 83 ? 10.065  4.838   -5.963  1.00 19.67 ? 1576 VAL A CG2 1 
ATOM   634 N  N   . PRO A 1 84 ? 10.824  6.726   -9.266  1.00 18.85 ? 1577 PRO A N   1 
ATOM   635 C  CA  . PRO A 1 84 ? 12.107  7.372   -9.579  1.00 18.89 ? 1577 PRO A CA  1 
ATOM   636 C  C   . PRO A 1 84 ? 13.003  7.535   -8.363  1.00 21.30 ? 1577 PRO A C   1 
ATOM   637 O  O   . PRO A 1 84 ? 12.547  7.593   -7.218  1.00 19.36 ? 1577 PRO A O   1 
ATOM   638 C  CB  . PRO A 1 84 ? 11.688  8.737   -10.130 1.00 21.67 ? 1577 PRO A CB  1 
ATOM   639 C  CG  . PRO A 1 84 ? 10.275  8.575   -10.561 1.00 24.86 ? 1577 PRO A CG  1 
ATOM   640 C  CD  . PRO A 1 84 ? 9.664   7.522   -9.694  1.00 19.36 ? 1577 PRO A CD  1 
ATOM   641 N  N   . LEU A 1 85 ? 14.306  7.615   -8.627  1.00 21.46 ? 1578 LEU A N   1 
ATOM   642 C  CA  . LEU A 1 85 ? 15.287  7.925   -7.594  1.00 21.28 ? 1578 LEU A CA  1 
ATOM   643 C  C   . LEU A 1 85 ? 14.888  9.156   -6.790  1.00 21.26 ? 1578 LEU A C   1 
ATOM   644 O  O   . LEU A 1 85 ? 14.545  10.196  -7.359  1.00 22.15 ? 1578 LEU A O   1 
ATOM   645 C  CB  . LEU A 1 85 ? 16.648  8.163   -8.253  1.00 27.31 ? 1578 LEU A CB  1 
ATOM   646 C  CG  . LEU A 1 85 ? 17.791  8.654   -7.372  1.00 29.60 ? 1578 LEU A CG  1 
ATOM   647 C  CD1 . LEU A 1 85 ? 18.310  7.535   -6.507  1.00 30.04 ? 1578 LEU A CD1 1 
ATOM   648 C  CD2 . LEU A 1 85 ? 18.914  9.254   -8.233  1.00 32.55 ? 1578 LEU A CD2 1 
ATOM   649 N  N   . GLY A 1 86 ? 14.946  9.028   -5.459  1.00 18.21 ? 1579 GLY A N   1 
ATOM   650 C  CA  . GLY A 1 86 ? 14.645  10.114  -4.551  1.00 17.52 ? 1579 GLY A CA  1 
ATOM   651 C  C   . GLY A 1 86 ? 13.202  10.196  -4.108  1.00 18.58 ? 1579 GLY A C   1 
ATOM   652 O  O   . GLY A 1 86 ? 12.903  10.960  -3.185  1.00 17.73 ? 1579 GLY A O   1 
ATOM   653 N  N   . THR A 1 87 ? 12.295  9.455   -4.740  1.00 15.96 ? 1580 THR A N   1 
ATOM   654 C  CA  . THR A 1 87 ? 10.893  9.469   -4.328  1.00 15.57 ? 1580 THR A CA  1 
ATOM   655 C  C   . THR A 1 87 ? 10.750  9.050   -2.875  1.00 15.56 ? 1580 THR A C   1 
ATOM   656 O  O   . THR A 1 87 ? 11.333  8.055   -2.440  1.00 17.53 ? 1580 THR A O   1 
ATOM   657 C  CB  . THR A 1 87 ? 10.080  8.519   -5.199  1.00 15.66 ? 1580 THR A CB  1 
ATOM   658 O  OG1 . THR A 1 87 ? 10.259  8.896   -6.564  1.00 17.71 ? 1580 THR A OG1 1 
ATOM   659 C  CG2 . THR A 1 87 ? 8.583   8.583   -4.858  1.00 16.93 ? 1580 THR A CG2 1 
ATOM   660 N  N   . LYS A 1 88 ? 9.965   9.810   -2.125  1.00 15.52 ? 1581 LYS A N   1 
ATOM   661 C  CA  . LYS A 1 88 ? 9.618   9.433   -0.768  1.00 14.88 ? 1581 LYS A CA  1 
ATOM   662 C  C   . LYS A 1 88 ? 8.213   8.845   -0.761  1.00 15.74 ? 1581 LYS A C   1 
ATOM   663 O  O   . LYS A 1 88 ? 7.317   9.351   -1.441  1.00 16.50 ? 1581 LYS A O   1 
ATOM   664 C  CB  . LYS A 1 88 ? 9.718   10.641  0.158   1.00 15.20 ? 1581 LYS A CB  1 
ATOM   665 C  CG  . LYS A 1 88 ? 11.146  11.178  0.239   1.00 16.63 ? 1581 LYS A CG  1 
ATOM   666 C  CD  . LYS A 1 88 ? 11.206  12.406  1.132   1.00 19.34 ? 1581 LYS A CD  1 
ATOM   667 C  CE  . LYS A 1 88 ? 12.541  13.103  1.009   1.00 27.22 ? 1581 LYS A CE  1 
ATOM   668 N  NZ  . LYS A 1 88 ? 12.573  14.339  1.828   1.00 38.25 ? 1581 LYS A NZ  1 
ATOM   669 N  N   . PHE A 1 89 ? 8.044   7.756   -0.015  1.00 13.72 ? 1582 PHE A N   1 
ATOM   670 C  CA  . PHE A 1 89 ? 6.796   6.999   -0.023  1.00 13.88 ? 1582 PHE A CA  1 
ATOM   671 C  C   . PHE A 1 89 ? 6.667   6.269   1.302   1.00 14.74 ? 1582 PHE A C   1 
ATOM   672 O  O   . PHE A 1 89 ? 7.622   6.182   2.088   1.00 15.01 ? 1582 PHE A O   1 
ATOM   673 C  CB  . PHE A 1 89 ? 6.744   6.002   -1.197  1.00 15.34 ? 1582 PHE A CB  1 
ATOM   674 C  CG  . PHE A 1 89 ? 7.889   5.036   -1.221  1.00 13.56 ? 1582 PHE A CG  1 
ATOM   675 C  CD1 . PHE A 1 89 ? 9.105   5.393   -1.822  1.00 13.75 ? 1582 PHE A CD1 1 
ATOM   676 C  CD2 . PHE A 1 89 ? 7.767   3.767   -0.660  1.00 14.67 ? 1582 PHE A CD2 1 
ATOM   677 C  CE1 . PHE A 1 89 ? 10.163  4.510   -1.840  1.00 18.30 ? 1582 PHE A CE1 1 
ATOM   678 C  CE2 . PHE A 1 89 ? 8.845   2.867   -0.688  1.00 16.04 ? 1582 PHE A CE2 1 
ATOM   679 C  CZ  . PHE A 1 89 ? 10.035  3.247   -1.278  1.00 16.68 ? 1582 PHE A CZ  1 
ATOM   680 N  N   . TYR A 1 90 ? 5.480   5.707   1.532   1.00 14.60 ? 1583 TYR A N   1 
ATOM   681 C  CA  . TYR A 1 90 ? 5.267   4.852   2.689   1.00 14.09 ? 1583 TYR A CA  1 
ATOM   682 C  C   . TYR A 1 90 ? 5.153   3.392   2.277   1.00 15.04 ? 1583 TYR A C   1 
ATOM   683 O  O   . TYR A 1 90 ? 4.725   3.064   1.160   1.00 14.86 ? 1583 TYR A O   1 
ATOM   684 C  CB  . TYR A 1 90 ? 3.993   5.238   3.451   1.00 14.63 ? 1583 TYR A CB  1 
ATOM   685 C  CG  . TYR A 1 90 ? 4.064   6.579   4.140   1.00 15.64 ? 1583 TYR A CG  1 
ATOM   686 C  CD1 . TYR A 1 90 ? 3.680   7.728   3.489   1.00 16.17 ? 1583 TYR A CD1 1 
ATOM   687 C  CD2 . TYR A 1 90 ? 4.521   6.676   5.447   1.00 16.00 ? 1583 TYR A CD2 1 
ATOM   688 C  CE1 . TYR A 1 90 ? 3.741   8.963   4.097   1.00 17.55 ? 1583 TYR A CE1 1 
ATOM   689 C  CE2 . TYR A 1 90 ? 4.580   7.920   6.073   1.00 17.17 ? 1583 TYR A CE2 1 
ATOM   690 C  CZ  . TYR A 1 90 ? 4.189   9.049   5.388   1.00 19.78 ? 1583 TYR A CZ  1 
ATOM   691 O  OH  . TYR A 1 90 ? 4.234   10.309  5.955   1.00 23.30 ? 1583 TYR A OH  1 
ATOM   692 N  N   . ARG A 1 91 ? 5.552   2.519   3.198   1.00 14.30 ? 1584 ARG A N   1 
ATOM   693 C  CA  . ARG A 1 91 ? 5.280   1.092   3.107   1.00 14.84 ? 1584 ARG A CA  1 
ATOM   694 C  C   . ARG A 1 91 ? 4.442   0.718   4.321   1.00 16.08 ? 1584 ARG A C   1 
ATOM   695 O  O   . ARG A 1 91 ? 4.839   0.994   5.459   1.00 17.73 ? 1584 ARG A O   1 
ATOM   696 C  CB  . ARG A 1 91 ? 6.570   0.271   3.048   1.00 17.92 ? 1584 ARG A CB  1 
ATOM   697 C  CG  . ARG A 1 91 ? 6.294   -1.176  2.829   1.00 19.31 ? 1584 ARG A CG  1 
ATOM   698 C  CD  . ARG A 1 91 ? 7.541   -1.901  2.457   1.00 22.87 ? 1584 ARG A CD  1 
ATOM   699 N  NE  . ARG A 1 91 ? 8.550   -1.840  3.502   1.00 26.12 ? 1584 ARG A NE  1 
ATOM   700 C  CZ  . ARG A 1 91 ? 9.608   -2.641  3.528   1.00 31.40 ? 1584 ARG A CZ  1 
ATOM   701 N  NH1 . ARG A 1 91 ? 9.758   -3.555  2.573   1.00 32.92 ? 1584 ARG A NH1 1 
ATOM   702 N  NH2 . ARG A 1 91 ? 10.492  -2.535  4.505   1.00 33.62 ? 1584 ARG A NH2 1 
ATOM   703 N  N   . VAL A 1 92 ? 3.268   0.144   4.084   1.00 14.05 ? 1585 VAL A N   1 
ATOM   704 C  CA  . VAL A 1 92 ? 2.266   -0.058  5.126   1.00 14.44 ? 1585 VAL A CA  1 
ATOM   705 C  C   . VAL A 1 92 ? 1.939   -1.539  5.225   1.00 14.80 ? 1585 VAL A C   1 
ATOM   706 O  O   . VAL A 1 92 ? 1.680   -2.192  4.208   1.00 16.28 ? 1585 VAL A O   1 
ATOM   707 C  CB  . VAL A 1 92 ? 0.990   0.758   4.842   1.00 15.91 ? 1585 VAL A CB  1 
ATOM   708 C  CG1 . VAL A 1 92 ? 0.002   0.595   5.991   1.00 20.00 ? 1585 VAL A CG1 1 
ATOM   709 C  CG2 . VAL A 1 92 ? 1.329   2.229   4.660   1.00 18.42 ? 1585 VAL A CG2 1 
ATOM   710 N  N   . LYS A 1 93 ? 1.926   -2.069  6.442   1.00 13.38 ? 1586 LYS A N   1 
ATOM   711 C  CA  . LYS A 1 93 ? 1.380   -3.395  6.680   1.00 15.79 ? 1586 LYS A CA  1 
ATOM   712 C  C   . LYS A 1 93 ? -0.102  -3.286  6.986   1.00 16.33 ? 1586 LYS A C   1 
ATOM   713 O  O   . LYS A 1 93 ? -0.572  -2.293  7.545   1.00 16.15 ? 1586 LYS A O   1 
ATOM   714 C  CB  . LYS A 1 93 ? 2.095   -4.090  7.834   1.00 14.97 ? 1586 LYS A CB  1 
ATOM   715 C  CG  . LYS A 1 93 ? 3.513   -4.484  7.483   1.00 16.52 ? 1586 LYS A CG  1 
ATOM   716 C  CD  . LYS A 1 93 ? 4.213   -5.192  8.636   1.00 18.75 ? 1586 LYS A CD  1 
ATOM   717 C  CE  . LYS A 1 93 ? 5.513   -5.802  8.158   1.00 22.59 ? 1586 LYS A CE  1 
ATOM   718 N  NZ  . LYS A 1 93 ? 6.167   -6.588  9.243   1.00 31.78 ? 1586 LYS A NZ  1 
ATOM   719 N  N   . ALA A 1 94 ? -0.843  -4.310  6.597   1.00 15.91 ? 1587 ALA A N   1 
ATOM   720 C  CA  . ALA A 1 94 ? -2.280  -4.295  6.817   1.00 16.13 ? 1587 ALA A CA  1 
ATOM   721 C  C   . ALA A 1 94 ? -2.734  -5.714  7.069   1.00 15.55 ? 1587 ALA A C   1 
ATOM   722 O  O   . ALA A 1 94 ? -2.074  -6.674  6.657   1.00 19.26 ? 1587 ALA A O   1 
ATOM   723 C  CB  . ALA A 1 94 ? -3.040  -3.708  5.621   1.00 18.16 ? 1587 ALA A CB  1 
ATOM   724 N  N   . VAL A 1 95 ? -3.850  -5.842  7.776   1.00 15.74 ? 1588 VAL A N   1 
ATOM   725 C  CA  . VAL A 1 95 ? -4.473  -7.135  8.016   1.00 18.82 ? 1588 VAL A CA  1 
ATOM   726 C  C   . VAL A 1 95 ? -5.892  -7.099  7.465   1.00 17.70 ? 1588 VAL A C   1 
ATOM   727 O  O   . VAL A 1 95 ? -6.424  -6.044  7.108   1.00 17.72 ? 1588 VAL A O   1 
ATOM   728 C  CB  . VAL A 1 95 ? -4.467  -7.521  9.504   1.00 19.82 ? 1588 VAL A CB  1 
ATOM   729 C  CG1 . VAL A 1 95 ? -3.039  -7.682  9.991   1.00 22.86 ? 1588 VAL A CG1 1 
ATOM   730 C  CG2 . VAL A 1 95 ? -5.203  -6.467  10.342  1.00 21.51 ? 1588 VAL A CG2 1 
ATOM   731 N  N   . SER A 1 96 ? -6.497  -8.278  7.382   1.00 20.68 ? 1589 SER A N   1 
ATOM   732 C  CA  . SER A 1 96 ? -7.835  -8.377  6.831   1.00 22.00 ? 1589 SER A CA  1 
ATOM   733 C  C   . SER A 1 96 ? -8.835  -7.704  7.759   1.00 23.69 ? 1589 SER A C   1 
ATOM   734 O  O   . SER A 1 96 ? -8.652  -7.647  8.977   1.00 26.15 ? 1589 SER A O   1 
ATOM   735 C  CB  . SER A 1 96 ? -8.222  -9.843  6.606   1.00 25.15 ? 1589 SER A CB  1 
ATOM   736 O  OG  . SER A 1 96 ? -8.083  -10.574 7.812   1.00 35.08 ? 1589 SER A OG  1 
ATOM   737 N  N   . TRP A 1 97 ? -9.881  -7.159  7.158   1.00 25.45 ? 1590 TRP A N   1 
ATOM   738 C  CA  . TRP A 1 97 ? -10.942 -6.528  7.917   1.00 30.31 ? 1590 TRP A CA  1 
ATOM   739 C  C   . TRP A 1 97 ? -11.859 -7.585  8.512   1.00 35.54 ? 1590 TRP A C   1 
ATOM   740 O  O   . TRP A 1 97 ? -12.211 -8.561  7.841   1.00 38.07 ? 1590 TRP A O   1 
ATOM   741 C  CB  . TRP A 1 97 ? -11.742 -5.597  7.020   1.00 29.63 ? 1590 TRP A CB  1 
ATOM   742 C  CG  . TRP A 1 97 ? -12.792 -4.852  7.752   1.00 33.07 ? 1590 TRP A CG  1 
ATOM   743 C  CD1 . TRP A 1 97 ? -12.684 -4.269  8.980   1.00 36.03 ? 1590 TRP A CD1 1 
ATOM   744 C  CD2 . TRP A 1 97 ? -14.124 -4.616  7.309   1.00 29.89 ? 1590 TRP A CD2 1 
ATOM   745 N  NE1 . TRP A 1 97 ? -13.874 -3.673  9.327   1.00 32.91 ? 1590 TRP A NE1 1 
ATOM   746 C  CE2 . TRP A 1 97 ? -14.774 -3.871  8.314   1.00 29.78 ? 1590 TRP A CE2 1 
ATOM   747 C  CE3 . TRP A 1 97 ? -14.833 -4.961  6.156   1.00 30.36 ? 1590 TRP A CE3 1 
ATOM   748 C  CZ2 . TRP A 1 97 ? -16.099 -3.460  8.197   1.00 31.41 ? 1590 TRP A CZ2 1 
ATOM   749 C  CZ3 . TRP A 1 97 ? -16.151 -4.551  6.043   1.00 32.71 ? 1590 TRP A CZ3 1 
ATOM   750 C  CH2 . TRP A 1 97 ? -16.770 -3.815  7.060   1.00 33.87 ? 1590 TRP A CH2 1 
ATOM   751 N  N   . ASN A 1 98 ? -12.263 -7.359  9.763   1.00 37.51 ? 1591 ASN A N   1 
ATOM   752 C  CA  . ASN A 1 98 ? -13.021 -8.304  10.593  1.00 37.70 ? 1591 ASN A CA  1 
ATOM   753 C  C   . ASN A 1 98 ? -12.156 -9.499  10.958  1.00 38.92 ? 1591 ASN A C   1 
ATOM   754 O  O   . ASN A 1 98 ? -11.126 -9.348  11.620  1.00 50.39 ? 1591 ASN A O   1 
ATOM   755 C  CB  . ASN A 1 98 ? -14.304 -8.764  9.899   1.00 36.93 ? 1591 ASN A CB  1 
ATOM   756 C  CG  . ASN A 1 98 ? -15.256 -7.622  9.623   1.00 38.75 ? 1591 ASN A CG  1 
ATOM   757 O  OD1 . ASN A 1 98 ? -15.379 -6.697  10.427  1.00 40.21 ? 1591 ASN A OD1 1 
ATOM   758 N  ND2 . ASN A 1 98 ? -15.944 -7.686  8.486   1.00 41.97 ? 1591 ASN A ND2 1 
HETATM 759 S  S   . SO4 B 2 .  ? 8.467   -5.030  0.658   0.52 26.32 ? 1601 SO4 A S   1 
HETATM 760 O  O1  . SO4 B 2 .  ? 9.040   -5.036  -0.682  0.52 30.32 ? 1601 SO4 A O1  1 
HETATM 761 O  O2  . SO4 B 2 .  ? 7.113   -4.539  0.601   0.52 21.78 ? 1601 SO4 A O2  1 
HETATM 762 O  O3  . SO4 B 2 .  ? 9.293   -4.186  1.535   0.52 32.24 ? 1601 SO4 A O3  1 
HETATM 763 O  O4  . SO4 B 2 .  ? 8.537   -6.392  1.187   0.52 32.25 ? 1601 SO4 A O4  1 
HETATM 764 S  S   . SO4 C 2 .  ? 13.234  -4.842  4.276   0.61 48.44 ? 1602 SO4 A S   1 
HETATM 765 O  O1  . SO4 C 2 .  ? 12.296  -5.737  3.602   0.61 39.79 ? 1602 SO4 A O1  1 
HETATM 766 O  O2  . SO4 C 2 .  ? 13.548  -3.710  3.408   0.61 44.49 ? 1602 SO4 A O2  1 
HETATM 767 O  O3  . SO4 C 2 .  ? 12.641  -4.349  5.517   0.61 45.65 ? 1602 SO4 A O3  1 
HETATM 768 O  O4  . SO4 C 2 .  ? 14.464  -5.569  4.581   0.61 46.28 ? 1602 SO4 A O4  1 
HETATM 769 S  S   . SO4 D 2 .  ? 15.322  -2.175  -4.267  0.57 41.03 ? 1603 SO4 A S   1 
HETATM 770 O  O1  . SO4 D 2 .  ? 14.691  -3.183  -5.111  0.57 40.52 ? 1603 SO4 A O1  1 
HETATM 771 O  O2  . SO4 D 2 .  ? 14.297  -1.464  -3.509  0.57 36.88 ? 1603 SO4 A O2  1 
HETATM 772 O  O3  . SO4 D 2 .  ? 16.252  -2.821  -3.346  0.57 41.51 ? 1603 SO4 A O3  1 
HETATM 773 O  O4  . SO4 D 2 .  ? 16.048  -1.226  -5.107  0.57 41.26 ? 1603 SO4 A O4  1 
HETATM 774 O  O   . HOH E 3 .  ? 2.875   9.088   -9.790  1.00 50.04 ? 1701 HOH A O   1 
HETATM 775 O  O   . HOH E 3 .  ? -10.263 -7.914  4.897   1.00 32.69 ? 1702 HOH A O   1 
HETATM 776 O  O   . HOH E 3 .  ? -5.094  1.728   -9.601  1.00 37.31 ? 1703 HOH A O   1 
HETATM 777 O  O   . HOH E 3 .  ? -5.694  10.942  10.777  1.00 38.05 ? 1704 HOH A O   1 
HETATM 778 O  O   . HOH E 3 .  ? 6.289   12.993  1.603   1.00 31.64 ? 1705 HOH A O   1 
HETATM 779 O  O   . HOH E 3 .  ? 7.904   3.540   11.153  1.00 35.46 ? 1706 HOH A O   1 
HETATM 780 O  O   . HOH E 3 .  ? -6.736  -6.507  -11.963 1.00 40.68 ? 1707 HOH A O   1 
HETATM 781 O  O   . HOH E 3 .  ? 14.796  10.827  -9.885  1.00 34.24 ? 1708 HOH A O   1 
HETATM 782 O  O   . HOH E 3 .  ? -10.889 -7.743  2.990   1.00 41.53 ? 1709 HOH A O   1 
HETATM 783 O  O   . HOH E 3 .  ? 13.105  4.398   6.224   1.00 30.85 ? 1710 HOH A O   1 
HETATM 784 O  O   . HOH E 3 .  ? 15.396  12.288  2.606   1.00 25.76 ? 1711 HOH A O   1 
HETATM 785 O  O   . HOH E 3 .  ? 5.826   -2.026  -7.207  1.00 39.08 ? 1712 HOH A O   1 
HETATM 786 O  O   . HOH E 3 .  ? 4.523   -8.827  8.437   1.00 38.03 ? 1713 HOH A O   1 
HETATM 787 O  O   . HOH E 3 .  ? -7.164  -13.128 8.086   1.00 31.85 ? 1714 HOH A O   1 
HETATM 788 O  O   . HOH E 3 .  ? -7.694  4.110   13.757  1.00 31.15 ? 1715 HOH A O   1 
HETATM 789 O  O   . HOH E 3 .  ? 5.149   9.023   -3.068  1.00 18.63 ? 1716 HOH A O   1 
HETATM 790 O  O   . HOH E 3 .  ? -6.815  8.705   8.615   1.00 29.69 ? 1717 HOH A O   1 
HETATM 791 O  O   . HOH E 3 .  ? 6.489   6.586   -9.462  1.00 32.68 ? 1718 HOH A O   1 
HETATM 792 O  O   . HOH E 3 .  ? 4.194   -11.923 -0.230  1.00 35.39 ? 1719 HOH A O   1 
HETATM 793 O  O   . HOH E 3 .  ? -1.252  5.396   -7.125  1.00 33.74 ? 1720 HOH A O   1 
HETATM 794 O  O   . HOH E 3 .  ? -11.223 4.006   9.343   1.00 22.24 ? 1721 HOH A O   1 
HETATM 795 O  O   . HOH E 3 .  ? -3.071  -16.146 2.314   1.00 23.29 ? 1722 HOH A O   1 
HETATM 796 O  O   . HOH E 3 .  ? -3.983  -10.642 -5.842  1.00 28.83 ? 1723 HOH A O   1 
HETATM 797 O  O   . HOH E 3 .  ? -11.704 2.359   11.408  1.00 36.57 ? 1724 HOH A O   1 
HETATM 798 O  O   . HOH E 3 .  ? -8.079  3.724   1.724   1.00 15.27 ? 1725 HOH A O   1 
HETATM 799 O  O   . HOH E 3 .  ? 14.321  4.532   3.006   1.00 28.11 ? 1726 HOH A O   1 
HETATM 800 O  O   . HOH E 3 .  ? 5.890   3.661   -12.085 1.00 35.05 ? 1727 HOH A O   1 
HETATM 801 O  O   . HOH E 3 .  ? -1.001  8.650   -3.988  1.00 28.26 ? 1728 HOH A O   1 
HETATM 802 O  O   . HOH E 3 .  ? -9.621  9.987   5.729   1.00 24.66 ? 1729 HOH A O   1 
HETATM 803 O  O   . HOH E 3 .  ? -9.406  -6.524  11.474  1.00 37.43 ? 1730 HOH A O   1 
HETATM 804 O  O   . HOH E 3 .  ? 0.554   -6.244  10.759  1.00 30.24 ? 1731 HOH A O   1 
HETATM 805 O  O   . HOH E 3 .  ? -1.104  5.072   -2.335  1.00 17.21 ? 1732 HOH A O   1 
HETATM 806 O  O   . HOH E 3 .  ? -3.609  9.435   -5.035  1.00 35.89 ? 1733 HOH A O   1 
HETATM 807 O  O   . HOH E 3 .  ? 11.315  13.331  -3.235  1.00 30.12 ? 1734 HOH A O   1 
HETATM 808 O  O   . HOH E 3 .  ? -11.639 -6.953  -5.857  1.00 34.66 ? 1735 HOH A O   1 
HETATM 809 O  O   . HOH E 3 .  ? 2.944   -5.738  -2.014  1.00 30.71 ? 1736 HOH A O   1 
HETATM 810 O  O   . HOH E 3 .  ? -5.225  -10.820 8.081   1.00 29.00 ? 1737 HOH A O   1 
HETATM 811 O  O   . HOH E 3 .  ? 15.272  7.282   -11.354 1.00 36.83 ? 1738 HOH A O   1 
HETATM 812 O  O   . HOH E 3 .  ? 2.978   -6.988  -6.236  1.00 40.33 ? 1739 HOH A O   1 
HETATM 813 O  O   . HOH E 3 .  ? 8.719   12.269  -3.094  1.00 22.33 ? 1740 HOH A O   1 
HETATM 814 O  O   . HOH E 3 .  ? 10.053  -5.263  6.959   1.00 36.92 ? 1741 HOH A O   1 
HETATM 815 O  O   . HOH E 3 .  ? 1.898   -5.788  -4.432  1.00 28.24 ? 1742 HOH A O   1 
HETATM 816 O  O   . HOH E 3 .  ? 4.340   12.618  4.080   1.00 33.90 ? 1743 HOH A O   1 
HETATM 817 O  O   . HOH E 3 .  ? -12.619 -6.874  1.012   1.00 26.77 ? 1744 HOH A O   1 
HETATM 818 O  O   . HOH E 3 .  ? 5.608   -1.331  7.218   1.00 31.04 ? 1745 HOH A O   1 
HETATM 819 O  O   . HOH E 3 .  ? -14.400 4.754   10.888  1.00 35.54 ? 1746 HOH A O   1 
HETATM 820 O  O   . HOH E 3 .  ? -11.428 -10.079 -1.136  1.00 48.79 ? 1747 HOH A O   1 
HETATM 821 O  O   . HOH E 3 .  ? -4.487  5.913   -4.430  1.00 27.54 ? 1748 HOH A O   1 
HETATM 822 O  O   . HOH E 3 .  ? 17.664  9.361   -2.535  1.00 34.66 ? 1749 HOH A O   1 
HETATM 823 O  O   . HOH E 3 .  ? -2.800  -8.483  -12.977 1.00 46.62 ? 1750 HOH A O   1 
HETATM 824 O  O   . HOH E 3 .  ? -8.509  15.843  1.673   1.00 34.69 ? 1751 HOH A O   1 
HETATM 825 O  O   . HOH E 3 .  ? 15.954  2.059   -3.499  1.00 31.43 ? 1752 HOH A O   1 
HETATM 826 O  O   . HOH E 3 .  ? -6.490  -12.256 -6.725  1.00 41.02 ? 1753 HOH A O   1 
HETATM 827 O  O   . HOH E 3 .  ? 4.661   7.926   -9.357  1.00 48.98 ? 1754 HOH A O   1 
HETATM 828 O  O   . HOH E 3 .  ? -13.769 -3.140  -8.943  1.00 44.64 ? 1755 HOH A O   1 
HETATM 829 O  O   . HOH E 3 .  ? 0.180   9.654   -6.290  1.00 33.84 ? 1756 HOH A O   1 
HETATM 830 O  O   . HOH E 3 .  ? -10.187 2.950   13.807  1.00 40.30 ? 1757 HOH A O   1 
HETATM 831 O  O   . HOH E 3 .  ? -15.364 -4.491  -8.415  1.00 46.95 ? 1758 HOH A O   1 
HETATM 832 O  O   . HOH E 3 .  ? -13.783 -6.236  -8.119  1.00 37.28 ? 1759 HOH A O   1 
HETATM 833 O  O   . HOH E 3 .  ? 1.303   -11.192 7.618   1.00 40.36 ? 1760 HOH A O   1 
HETATM 834 O  O   . HOH E 3 .  ? 10.791  16.246  -0.482  1.00 38.15 ? 1761 HOH A O   1 
HETATM 835 O  O   . HOH E 3 .  ? -5.252  -17.722 2.292   1.00 33.95 ? 1762 HOH A O   1 
HETATM 836 O  O   . HOH E 3 .  ? 0.108   7.398   -14.723 1.00 47.23 ? 1763 HOH A O   1 
HETATM 837 O  O   . HOH E 3 .  ? -5.019  8.744   -7.068  1.00 46.08 ? 1764 HOH A O   1 
HETATM 838 O  O   . HOH E 3 .  ? -1.943  6.245   -4.706  1.00 25.86 ? 1765 HOH A O   1 
HETATM 839 O  O   . HOH E 3 .  ? 5.193   9.842   -5.730  1.00 28.69 ? 1766 HOH A O   1 
HETATM 840 O  O   . HOH E 3 .  ? -12.875 -10.106 -5.838  1.00 44.87 ? 1767 HOH A O   1 
HETATM 841 O  O   . HOH E 3 .  ? -7.762  4.423   -14.718 1.00 43.97 ? 1768 HOH A O   1 
HETATM 842 O  O   . HOH E 3 .  ? -3.328  -12.023 9.078   1.00 33.34 ? 1769 HOH A O   1 
HETATM 843 O  O   . HOH E 3 .  ? 17.589  8.290   -11.998 1.00 42.99 ? 1770 HOH A O   1 
# 
